data_4DPM
#
_entry.id   4DPM
#
_cell.length_a   111.630
_cell.length_b   137.620
_cell.length_c   362.010
_cell.angle_alpha   90.00
_cell.angle_beta   90.00
_cell.angle_gamma   90.00
#
_symmetry.space_group_name_H-M   'C 2 2 21'
#
loop_
_entity.id
_entity.type
_entity.pdbx_description
1 polymer 'Malonyl-CoA/succinyl-CoA reductase'
2 non-polymer 'MAGNESIUM ION'
3 non-polymer 'COENZYME A'
4 water water
#
_entity_poly.entity_id   1
_entity_poly.type   'polypeptide(L)'
_entity_poly.pdbx_seq_one_letter_code
;MILMRRTLKAAILGATGLVGIEYVRMLSNHPYIKPAYLAGKGSVGKPYGEVVRWQTVGQVPKEIADMEIKPTDPKLMDDV
DIIFSPLPQGAAGPVEEQFAKEGFPVISNSPDHRFDPDVPLLVPELNPHTISLIDEQRKRREWKGFIVTTPLCTAQGAAI
PLGAIFKDYKMDGAFITTIQSLSGAGYPGIPSLDVVDNILPLGDGYDAKTIKEIFRILSEVKRNVDEPKLEDVSLAATTH
RIATIHGHYEVLYVSFKEETAAEKVKETLENFRGEPQDLKLPTAPSKPIIVMNEDTRPQVYFDRWAGDIPGMSVVVGRLK
QVNKRMIRLVSLIHNTVRGAAGGGILAAELLVEKGYIEK
;
_entity_poly.pdbx_strand_id   A,B,C,D,E,F
#
# COMPACT_ATOMS: atom_id res chain seq x y z
N ARG A 6 23.60 -17.67 -49.03
CA ARG A 6 22.23 -17.49 -49.61
C ARG A 6 21.13 -18.39 -48.95
N THR A 7 21.52 -19.52 -48.34
CA THR A 7 20.68 -20.04 -47.26
C THR A 7 20.80 -19.25 -45.95
N LEU A 8 19.64 -18.89 -45.39
CA LEU A 8 19.50 -18.26 -44.10
C LEU A 8 19.43 -19.33 -42.96
N LYS A 9 20.19 -19.11 -41.90
CA LYS A 9 20.28 -20.08 -40.79
C LYS A 9 19.35 -19.69 -39.61
N ALA A 10 18.35 -20.52 -39.33
CA ALA A 10 17.40 -20.23 -38.26
C ALA A 10 17.75 -20.97 -36.92
N ALA A 11 17.47 -20.34 -35.80
CA ALA A 11 17.58 -20.95 -34.52
C ALA A 11 16.07 -21.04 -34.13
N ILE A 12 15.66 -22.20 -33.64
CA ILE A 12 14.31 -22.50 -33.18
C ILE A 12 14.31 -22.58 -31.62
N LEU A 13 13.79 -21.56 -30.90
CA LEU A 13 13.81 -21.70 -29.41
C LEU A 13 12.68 -22.69 -29.06
N GLY A 14 12.87 -23.43 -27.94
CA GLY A 14 11.86 -24.43 -27.59
C GLY A 14 11.65 -25.38 -28.71
N ALA A 15 12.75 -25.66 -29.46
CA ALA A 15 12.75 -26.64 -30.53
C ALA A 15 12.04 -27.92 -30.31
N THR A 16 12.22 -28.52 -29.10
CA THR A 16 11.44 -29.77 -28.80
C THR A 16 9.97 -29.69 -28.38
N GLY A 17 9.42 -28.48 -28.27
CA GLY A 17 8.04 -28.33 -27.94
C GLY A 17 7.13 -28.55 -29.11
N LEU A 18 5.85 -28.35 -28.85
CA LEU A 18 4.89 -28.71 -29.78
C LEU A 18 4.81 -27.77 -30.97
N VAL A 19 5.14 -26.51 -30.76
CA VAL A 19 5.27 -25.56 -31.85
C VAL A 19 6.74 -25.75 -32.53
N GLY A 20 7.76 -25.82 -31.70
CA GLY A 20 9.19 -26.07 -32.13
C GLY A 20 9.23 -27.19 -33.17
N ILE A 21 8.46 -28.25 -32.96
CA ILE A 21 8.68 -29.44 -33.84
C ILE A 21 8.04 -29.09 -35.16
N GLU A 22 7.11 -28.14 -35.23
CA GLU A 22 6.50 -27.87 -36.52
C GLU A 22 7.58 -26.90 -37.27
N TYR A 23 8.35 -26.05 -36.54
CA TYR A 23 9.37 -25.24 -37.17
C TYR A 23 10.36 -26.27 -37.77
N VAL A 24 10.62 -27.35 -36.98
CA VAL A 24 11.58 -28.31 -37.37
C VAL A 24 11.12 -29.03 -38.63
N ARG A 25 9.89 -29.55 -38.54
CA ARG A 25 9.35 -30.32 -39.65
C ARG A 25 9.30 -29.48 -40.95
N MET A 26 8.84 -28.22 -40.86
CA MET A 26 8.64 -27.39 -42.09
C MET A 26 9.97 -26.86 -42.60
N LEU A 27 10.82 -26.36 -41.75
CA LEU A 27 12.05 -25.76 -42.19
C LEU A 27 12.99 -26.87 -42.79
N SER A 28 12.86 -28.12 -42.45
CA SER A 28 13.86 -29.02 -42.85
C SER A 28 13.45 -29.42 -44.26
N ASN A 29 12.29 -28.94 -44.70
CA ASN A 29 12.07 -28.86 -46.13
C ASN A 29 12.09 -27.44 -46.83
N HIS A 30 12.60 -26.37 -46.24
CA HIS A 30 12.31 -25.10 -46.77
C HIS A 30 13.46 -24.81 -47.81
N PRO A 31 13.15 -24.11 -48.90
CA PRO A 31 14.18 -23.93 -50.02
C PRO A 31 15.41 -23.05 -49.64
N TYR A 32 15.31 -22.17 -48.67
CA TYR A 32 16.39 -21.25 -48.31
C TYR A 32 16.44 -20.82 -46.77
N ILE A 33 15.62 -21.41 -45.86
CA ILE A 33 15.68 -21.11 -44.37
C ILE A 33 15.88 -22.48 -43.69
N LYS A 34 17.03 -22.70 -43.04
CA LYS A 34 17.46 -23.97 -42.62
C LYS A 34 17.32 -24.02 -41.05
N PRO A 35 16.87 -25.15 -40.50
CA PRO A 35 16.85 -25.32 -38.99
C PRO A 35 18.19 -25.64 -38.51
N ALA A 36 18.88 -24.65 -38.01
CA ALA A 36 20.33 -24.79 -37.95
C ALA A 36 20.72 -24.91 -36.52
N TYR A 37 19.91 -24.38 -35.66
CA TYR A 37 20.35 -24.22 -34.29
C TYR A 37 19.11 -24.54 -33.43
N LEU A 38 19.23 -25.59 -32.60
CA LEU A 38 17.91 -26.16 -31.90
C LEU A 38 18.07 -25.76 -30.46
N ALA A 39 17.41 -24.70 -30.04
CA ALA A 39 17.77 -24.20 -28.71
C ALA A 39 16.77 -24.92 -27.75
N GLY A 40 17.21 -25.15 -26.55
CA GLY A 40 16.31 -25.66 -25.50
C GLY A 40 16.79 -25.11 -24.15
N LYS A 41 16.49 -25.79 -23.03
CA LYS A 41 16.98 -25.44 -21.71
C LYS A 41 16.94 -26.65 -20.80
N GLY A 42 15.80 -27.33 -20.54
CA GLY A 42 15.96 -28.39 -19.51
C GLY A 42 16.77 -29.58 -20.08
N SER A 43 16.95 -29.65 -21.39
CA SER A 43 17.76 -30.74 -22.03
C SER A 43 19.00 -30.41 -22.85
N VAL A 44 19.63 -29.27 -22.59
CA VAL A 44 20.77 -28.82 -23.37
C VAL A 44 21.88 -29.78 -23.14
N GLY A 45 22.55 -30.18 -24.22
CA GLY A 45 23.58 -31.18 -24.26
C GLY A 45 23.15 -32.53 -24.82
N LYS A 46 21.87 -32.72 -25.10
CA LYS A 46 21.33 -34.04 -25.43
C LYS A 46 20.90 -34.09 -26.93
N PRO A 47 20.81 -35.21 -27.59
CA PRO A 47 20.50 -35.10 -28.97
C PRO A 47 18.98 -34.91 -28.99
N TYR A 48 18.51 -34.29 -30.06
CA TYR A 48 17.22 -33.75 -30.12
C TYR A 48 16.35 -34.97 -30.22
N GLY A 49 16.83 -35.93 -30.98
CA GLY A 49 16.15 -37.12 -31.36
C GLY A 49 15.84 -37.89 -30.07
N GLU A 50 16.68 -37.70 -29.06
CA GLU A 50 16.25 -38.40 -27.91
C GLU A 50 15.27 -37.70 -26.91
N VAL A 51 15.03 -36.39 -26.96
CA VAL A 51 14.15 -35.76 -26.02
C VAL A 51 12.79 -35.39 -26.61
N VAL A 52 12.79 -35.06 -27.88
CA VAL A 52 11.64 -34.61 -28.55
C VAL A 52 10.41 -35.57 -28.44
N ARG A 53 9.23 -34.95 -28.27
CA ARG A 53 7.92 -35.53 -28.45
C ARG A 53 7.40 -35.08 -29.78
N TRP A 54 7.50 -36.02 -30.69
CA TRP A 54 7.20 -35.86 -32.06
C TRP A 54 5.76 -36.11 -32.25
N GLN A 55 4.95 -35.26 -31.61
CA GLN A 55 3.47 -35.39 -31.77
C GLN A 55 3.04 -34.64 -33.01
N THR A 56 3.53 -35.16 -34.14
CA THR A 56 3.04 -34.57 -35.43
C THR A 56 3.29 -35.59 -36.54
N VAL A 57 2.94 -35.22 -37.75
CA VAL A 57 2.94 -36.18 -38.89
C VAL A 57 4.40 -36.58 -39.31
N GLY A 58 4.48 -37.73 -39.81
CA GLY A 58 5.83 -38.32 -40.19
C GLY A 58 6.78 -38.52 -39.05
N GLN A 59 8.06 -38.20 -39.26
CA GLN A 59 9.16 -38.69 -38.36
C GLN A 59 10.17 -37.60 -38.13
N VAL A 60 10.82 -37.57 -37.03
CA VAL A 60 11.88 -36.56 -36.89
C VAL A 60 12.79 -36.66 -38.11
N PRO A 61 13.07 -35.56 -38.78
CA PRO A 61 14.08 -35.69 -39.93
C PRO A 61 15.38 -36.32 -39.50
N LYS A 62 15.77 -37.40 -40.16
CA LYS A 62 17.19 -38.01 -39.95
C LYS A 62 18.38 -37.01 -39.66
N GLU A 63 18.37 -35.89 -40.36
CA GLU A 63 19.59 -35.03 -40.30
C GLU A 63 19.40 -34.04 -39.14
N ILE A 64 18.20 -34.00 -38.53
CA ILE A 64 17.95 -33.25 -37.30
C ILE A 64 18.11 -34.25 -36.09
N ALA A 65 17.72 -35.52 -36.26
CA ALA A 65 17.67 -36.42 -35.11
C ALA A 65 18.92 -36.34 -34.25
N ASP A 66 20.10 -36.09 -34.83
CA ASP A 66 21.35 -36.22 -34.10
C ASP A 66 22.00 -34.91 -33.62
N MET A 67 21.38 -33.77 -33.91
CA MET A 67 21.93 -32.48 -33.46
C MET A 67 21.68 -32.30 -31.97
N GLU A 68 22.61 -31.75 -31.28
CA GLU A 68 22.56 -31.48 -29.91
C GLU A 68 21.58 -30.34 -29.67
N ILE A 69 20.79 -30.45 -28.60
CA ILE A 69 20.04 -29.29 -28.11
C ILE A 69 20.99 -28.27 -27.48
N LYS A 70 20.86 -27.01 -27.91
CA LYS A 70 21.83 -26.02 -27.40
C LYS A 70 21.31 -24.89 -26.51
N PRO A 71 22.19 -24.19 -25.81
CA PRO A 71 21.71 -23.07 -24.91
C PRO A 71 20.96 -21.96 -25.64
N THR A 72 20.02 -21.32 -24.94
CA THR A 72 19.23 -20.18 -25.49
C THR A 72 20.00 -18.91 -25.04
N ASP A 73 21.10 -18.64 -25.74
CA ASP A 73 22.04 -17.62 -25.28
C ASP A 73 22.51 -16.75 -26.49
N PRO A 74 22.08 -15.50 -26.44
CA PRO A 74 22.24 -14.66 -27.61
C PRO A 74 23.72 -14.61 -28.04
N LYS A 75 24.62 -14.61 -27.08
CA LYS A 75 26.02 -14.44 -27.39
C LYS A 75 26.73 -15.65 -27.99
N LEU A 76 26.01 -16.68 -28.38
CA LEU A 76 26.64 -17.98 -28.81
C LEU A 76 26.08 -18.27 -30.20
N MET A 77 25.38 -17.27 -30.74
CA MET A 77 24.63 -17.53 -31.95
C MET A 77 25.00 -16.57 -33.07
N ASP A 78 26.27 -16.17 -33.07
CA ASP A 78 26.90 -15.36 -34.07
C ASP A 78 26.54 -15.85 -35.47
N ASP A 79 26.71 -17.15 -35.69
CA ASP A 79 26.29 -17.86 -36.90
C ASP A 79 24.76 -17.87 -37.30
N VAL A 80 23.90 -17.18 -36.56
CA VAL A 80 22.49 -17.40 -36.78
C VAL A 80 21.84 -16.20 -37.40
N ASP A 81 20.94 -16.38 -38.36
CA ASP A 81 20.33 -15.22 -39.00
C ASP A 81 18.91 -14.93 -38.53
N ILE A 82 18.11 -15.93 -38.12
CA ILE A 82 16.74 -15.68 -37.80
C ILE A 82 16.43 -16.39 -36.50
N ILE A 83 15.75 -15.69 -35.61
CA ILE A 83 15.33 -16.40 -34.42
C ILE A 83 13.83 -16.62 -34.42
N PHE A 84 13.36 -17.86 -34.23
CA PHE A 84 11.89 -18.12 -34.04
C PHE A 84 11.66 -18.57 -32.59
N SER A 85 10.76 -17.89 -31.94
CA SER A 85 10.64 -17.93 -30.50
C SER A 85 9.23 -18.20 -30.05
N PRO A 86 8.94 -19.48 -29.73
CA PRO A 86 7.58 -19.91 -29.30
C PRO A 86 7.65 -20.27 -27.83
N LEU A 87 8.38 -19.54 -27.03
CA LEU A 87 8.54 -19.68 -25.63
C LEU A 87 7.33 -19.30 -24.69
N PRO A 88 7.29 -19.83 -23.41
CA PRO A 88 6.09 -19.73 -22.55
C PRO A 88 5.84 -18.29 -22.20
N GLN A 89 4.60 -17.85 -22.06
CA GLN A 89 4.40 -16.48 -21.48
C GLN A 89 5.24 -16.05 -20.28
N GLY A 90 5.70 -14.80 -20.28
CA GLY A 90 6.38 -14.32 -19.10
C GLY A 90 7.87 -14.56 -19.20
N ALA A 91 8.33 -15.75 -19.65
CA ALA A 91 9.75 -15.90 -19.92
C ALA A 91 10.13 -15.32 -21.38
N ALA A 92 9.15 -15.20 -22.28
CA ALA A 92 9.41 -15.12 -23.63
C ALA A 92 9.86 -13.69 -23.87
N GLY A 93 9.26 -12.72 -23.14
CA GLY A 93 9.32 -11.29 -23.45
C GLY A 93 10.76 -10.81 -23.18
N PRO A 94 11.27 -11.07 -21.98
CA PRO A 94 12.74 -10.76 -21.77
C PRO A 94 13.75 -11.45 -22.77
N VAL A 95 13.50 -12.66 -23.18
CA VAL A 95 14.45 -13.37 -24.00
C VAL A 95 14.38 -12.75 -25.39
N GLU A 96 13.18 -12.41 -25.84
CA GLU A 96 13.01 -11.90 -27.17
C GLU A 96 13.73 -10.49 -27.27
N GLU A 97 13.80 -9.78 -26.15
CA GLU A 97 14.27 -8.49 -26.12
C GLU A 97 15.78 -8.56 -26.17
N GLN A 98 16.38 -9.36 -25.30
CA GLN A 98 17.76 -9.69 -25.41
C GLN A 98 18.19 -9.94 -26.86
N PHE A 99 17.43 -10.75 -27.59
CA PHE A 99 17.79 -11.22 -28.87
C PHE A 99 17.80 -10.02 -29.83
N ALA A 100 16.71 -9.26 -29.93
CA ALA A 100 16.66 -8.01 -30.64
C ALA A 100 17.79 -7.04 -30.24
N LYS A 101 18.14 -6.96 -28.98
CA LYS A 101 19.19 -6.07 -28.62
C LYS A 101 20.50 -6.65 -29.18
N GLU A 102 20.64 -7.96 -29.33
CA GLU A 102 21.89 -8.45 -29.89
C GLU A 102 21.92 -8.25 -31.45
N GLY A 103 20.85 -7.79 -32.09
CA GLY A 103 20.90 -7.55 -33.60
C GLY A 103 20.10 -8.60 -34.37
N PHE A 104 19.43 -9.53 -33.66
CA PHE A 104 18.70 -10.55 -34.39
C PHE A 104 17.29 -10.12 -34.82
N PRO A 105 16.78 -10.56 -35.98
CA PRO A 105 15.36 -10.44 -36.21
C PRO A 105 14.62 -11.59 -35.45
N VAL A 106 13.54 -11.26 -34.73
CA VAL A 106 12.85 -12.25 -33.81
C VAL A 106 11.43 -12.39 -34.22
N ILE A 107 11.07 -13.60 -34.68
CA ILE A 107 9.69 -13.86 -35.04
C ILE A 107 9.15 -14.80 -33.87
N SER A 108 8.18 -14.29 -33.15
CA SER A 108 7.77 -14.82 -31.81
C SER A 108 6.36 -15.22 -31.93
N ASN A 109 6.09 -16.39 -31.34
CA ASN A 109 4.71 -16.91 -31.32
C ASN A 109 4.06 -16.71 -29.94
N SER A 110 4.80 -16.15 -28.99
CA SER A 110 4.43 -15.91 -27.64
C SER A 110 3.67 -14.60 -27.41
N PRO A 111 2.84 -14.55 -26.39
CA PRO A 111 1.95 -13.42 -26.23
C PRO A 111 2.67 -12.17 -25.74
N ASP A 112 3.85 -12.34 -25.09
CA ASP A 112 4.40 -11.21 -24.28
C ASP A 112 4.38 -9.90 -25.10
N HIS A 113 4.81 -10.00 -26.38
CA HIS A 113 5.00 -8.70 -27.04
C HIS A 113 3.77 -8.28 -27.89
N ARG A 114 2.67 -9.08 -27.84
CA ARG A 114 1.65 -8.89 -28.90
C ARG A 114 0.97 -7.54 -28.90
N PHE A 115 1.02 -6.78 -27.81
CA PHE A 115 0.35 -5.50 -27.83
C PHE A 115 1.32 -4.33 -27.63
N ASP A 116 2.65 -4.53 -27.75
CA ASP A 116 3.53 -3.34 -27.80
C ASP A 116 3.13 -2.57 -29.06
N PRO A 117 2.71 -1.34 -28.96
CA PRO A 117 2.29 -0.51 -30.15
C PRO A 117 3.30 -0.49 -31.36
N ASP A 118 4.59 -0.70 -31.12
CA ASP A 118 5.62 -0.76 -32.17
C ASP A 118 6.05 -2.22 -32.56
N VAL A 119 5.37 -3.23 -32.05
CA VAL A 119 5.60 -4.56 -32.46
C VAL A 119 4.47 -4.99 -33.37
N PRO A 120 4.72 -5.46 -34.59
CA PRO A 120 3.63 -6.05 -35.35
C PRO A 120 3.03 -7.33 -34.70
N LEU A 121 1.72 -7.53 -34.92
CA LEU A 121 0.89 -8.62 -34.63
C LEU A 121 0.43 -9.09 -35.95
N LEU A 122 1.07 -10.11 -36.51
CA LEU A 122 1.09 -10.18 -37.97
C LEU A 122 0.36 -11.34 -38.54
N VAL A 123 -0.62 -11.07 -39.47
CA VAL A 123 -1.20 -12.18 -40.21
C VAL A 123 -0.92 -11.77 -41.65
N PRO A 124 0.03 -12.47 -42.30
CA PRO A 124 0.68 -11.85 -43.48
C PRO A 124 -0.37 -11.58 -44.56
N GLU A 125 -1.34 -12.47 -44.73
CA GLU A 125 -2.42 -12.10 -45.60
C GLU A 125 -3.29 -10.89 -45.17
N LEU A 126 -3.20 -10.41 -43.92
CA LEU A 126 -4.18 -9.40 -43.52
C LEU A 126 -3.64 -8.05 -43.25
N ASN A 127 -2.51 -7.99 -42.57
CA ASN A 127 -2.07 -6.63 -42.20
C ASN A 127 -0.57 -6.50 -42.52
N PRO A 128 -0.21 -6.96 -43.70
CA PRO A 128 1.24 -6.91 -44.14
C PRO A 128 1.89 -5.54 -44.00
N HIS A 129 1.17 -4.40 -44.08
CA HIS A 129 1.82 -3.14 -44.00
C HIS A 129 2.32 -2.83 -42.63
N THR A 130 1.96 -3.61 -41.61
CA THR A 130 2.23 -3.14 -40.28
C THR A 130 3.64 -3.54 -39.95
N ILE A 131 4.29 -4.45 -40.72
CA ILE A 131 5.74 -4.68 -40.43
C ILE A 131 6.52 -3.37 -40.52
N SER A 132 5.97 -2.34 -41.13
CA SER A 132 6.76 -1.08 -41.10
C SER A 132 6.86 -0.49 -39.68
N LEU A 133 6.36 -1.28 -38.66
CA LEU A 133 6.34 -0.67 -37.32
C LEU A 133 7.68 -0.90 -36.77
N ILE A 134 8.34 -1.89 -37.37
CA ILE A 134 9.74 -2.15 -37.00
C ILE A 134 10.62 -0.90 -37.09
N ASP A 135 10.29 0.12 -37.98
CA ASP A 135 11.18 1.31 -38.05
C ASP A 135 11.06 2.17 -36.76
N GLU A 136 9.82 2.43 -36.34
CA GLU A 136 9.55 3.18 -35.09
C GLU A 136 10.08 2.38 -33.88
N GLN A 137 9.93 1.06 -33.94
CA GLN A 137 10.48 0.12 -32.88
C GLN A 137 11.99 0.28 -32.80
N ARG A 138 12.67 0.17 -33.97
CA ARG A 138 14.13 0.26 -33.90
C ARG A 138 14.59 1.56 -33.30
N LYS A 139 13.98 2.65 -33.70
CA LYS A 139 14.29 3.97 -33.15
C LYS A 139 13.97 4.10 -31.65
N ARG A 140 12.75 3.67 -31.24
CA ARG A 140 12.27 3.89 -29.88
C ARG A 140 13.07 3.05 -28.91
N ARG A 141 13.25 1.76 -29.23
CA ARG A 141 13.99 0.83 -28.36
C ARG A 141 15.51 0.87 -28.48
N GLU A 142 15.99 1.54 -29.55
CA GLU A 142 17.41 1.66 -29.87
C GLU A 142 18.06 0.26 -29.99
N TRP A 143 17.49 -0.64 -30.77
CA TRP A 143 18.21 -1.82 -30.98
C TRP A 143 18.28 -2.15 -32.46
N LYS A 144 19.18 -3.09 -32.82
CA LYS A 144 19.49 -3.37 -34.25
C LYS A 144 18.58 -4.38 -34.84
N GLY A 145 18.23 -5.36 -33.97
CA GLY A 145 17.39 -6.44 -34.45
C GLY A 145 15.96 -5.93 -34.39
N PHE A 146 15.01 -6.86 -34.45
CA PHE A 146 13.58 -6.53 -34.12
C PHE A 146 12.79 -7.72 -33.64
N ILE A 147 11.63 -7.41 -33.11
CA ILE A 147 10.61 -8.37 -32.80
C ILE A 147 9.36 -8.28 -33.65
N VAL A 148 8.94 -9.40 -34.24
CA VAL A 148 7.58 -9.53 -34.82
C VAL A 148 6.76 -10.60 -34.03
N THR A 149 5.38 -10.49 -33.83
CA THR A 149 4.65 -11.60 -33.14
C THR A 149 3.63 -12.14 -34.10
N THR A 150 3.26 -13.42 -34.02
CA THR A 150 2.08 -13.92 -34.77
C THR A 150 0.86 -14.00 -33.70
N PRO A 151 -0.39 -13.94 -34.14
CA PRO A 151 -1.42 -13.96 -33.11
C PRO A 151 -1.60 -15.40 -32.59
N LEU A 152 -2.13 -15.42 -31.37
CA LEU A 152 -2.87 -16.58 -30.81
C LEU A 152 -3.53 -17.51 -31.81
N CYS A 153 -3.11 -18.79 -31.87
CA CYS A 153 -3.76 -19.63 -32.87
C CYS A 153 -5.32 -19.43 -32.91
N THR A 154 -5.93 -19.39 -31.72
CA THR A 154 -7.39 -19.36 -31.69
C THR A 154 -7.96 -18.08 -32.28
N ALA A 155 -7.33 -16.96 -32.01
CA ALA A 155 -7.68 -15.66 -32.60
C ALA A 155 -7.47 -15.66 -34.11
N GLN A 156 -6.46 -16.38 -34.63
CA GLN A 156 -6.29 -16.41 -36.17
C GLN A 156 -7.37 -17.19 -36.82
N GLY A 157 -7.91 -18.12 -36.03
CA GLY A 157 -9.02 -19.00 -36.65
C GLY A 157 -10.26 -18.22 -36.97
N ALA A 158 -10.47 -17.20 -36.15
CA ALA A 158 -11.62 -16.34 -36.41
C ALA A 158 -11.16 -14.99 -37.21
N ALA A 159 -9.97 -14.49 -36.89
CA ALA A 159 -9.56 -13.21 -37.44
C ALA A 159 -9.37 -13.40 -38.91
N ILE A 160 -8.96 -14.56 -39.37
CA ILE A 160 -8.79 -14.59 -40.82
C ILE A 160 -10.11 -14.45 -41.63
N PRO A 161 -11.02 -15.37 -41.52
CA PRO A 161 -12.35 -15.19 -42.25
C PRO A 161 -13.02 -13.82 -41.84
N LEU A 162 -12.90 -13.41 -40.56
CA LEU A 162 -13.44 -12.08 -40.19
C LEU A 162 -12.69 -10.88 -40.80
N GLY A 163 -11.36 -10.96 -40.90
CA GLY A 163 -10.59 -9.95 -41.61
C GLY A 163 -11.11 -9.82 -43.03
N ALA A 164 -11.33 -10.97 -43.68
CA ALA A 164 -11.59 -10.94 -45.09
C ALA A 164 -12.89 -10.31 -45.15
N ILE A 165 -13.81 -10.68 -44.20
CA ILE A 165 -15.19 -10.18 -44.29
C ILE A 165 -15.25 -8.67 -44.02
N PHE A 166 -14.57 -8.23 -42.93
CA PHE A 166 -14.66 -6.88 -42.43
C PHE A 166 -14.01 -5.91 -43.47
N LYS A 167 -13.09 -6.47 -44.23
CA LYS A 167 -12.50 -5.72 -45.33
C LYS A 167 -13.49 -5.17 -46.32
N ASP A 168 -14.52 -5.97 -46.64
CA ASP A 168 -15.46 -5.65 -47.71
C ASP A 168 -16.96 -5.49 -47.34
N TYR A 169 -17.36 -5.64 -46.06
CA TYR A 169 -18.78 -5.59 -45.67
C TYR A 169 -18.89 -4.81 -44.40
N LYS A 170 -20.06 -4.23 -44.20
CA LYS A 170 -20.39 -3.56 -42.91
C LYS A 170 -20.68 -4.45 -41.71
N MET A 171 -19.73 -5.30 -41.38
CA MET A 171 -19.78 -6.26 -40.32
C MET A 171 -19.76 -5.51 -38.97
N ASP A 172 -20.86 -5.63 -38.25
CA ASP A 172 -20.92 -4.98 -36.94
C ASP A 172 -20.86 -5.96 -35.68
N GLY A 173 -20.72 -7.27 -35.89
CA GLY A 173 -20.45 -8.16 -34.73
C GLY A 173 -20.12 -9.61 -35.11
N ALA A 174 -19.38 -10.29 -34.24
CA ALA A 174 -19.23 -11.68 -34.40
C ALA A 174 -19.27 -12.43 -33.07
N PHE A 175 -20.05 -13.48 -33.02
CA PHE A 175 -20.24 -14.18 -31.70
C PHE A 175 -19.76 -15.55 -31.82
N ILE A 176 -18.74 -15.91 -31.05
CA ILE A 176 -17.98 -17.15 -31.60
C ILE A 176 -17.96 -18.21 -30.44
N THR A 177 -17.91 -19.48 -30.81
CA THR A 177 -17.61 -20.49 -29.88
C THR A 177 -16.49 -21.33 -30.38
N THR A 178 -15.50 -21.62 -29.54
CA THR A 178 -14.48 -22.46 -30.06
C THR A 178 -14.40 -23.77 -29.35
N ILE A 179 -13.87 -24.84 -30.06
CA ILE A 179 -13.66 -26.03 -29.44
C ILE A 179 -12.28 -26.42 -29.91
N GLN A 180 -11.28 -26.19 -29.05
CA GLN A 180 -9.92 -26.22 -29.38
C GLN A 180 -9.28 -27.63 -28.97
N SER A 181 -8.07 -27.93 -29.54
CA SER A 181 -7.50 -29.27 -29.39
C SER A 181 -6.50 -29.03 -28.37
N LEU A 182 -5.85 -30.09 -27.95
CA LEU A 182 -5.09 -30.00 -26.63
C LEU A 182 -3.68 -29.55 -26.94
N SER A 183 -3.24 -29.78 -28.22
CA SER A 183 -1.75 -29.52 -28.37
C SER A 183 -1.44 -28.01 -28.19
N GLY A 184 -2.43 -27.08 -28.27
CA GLY A 184 -2.09 -25.66 -27.91
C GLY A 184 -1.54 -25.41 -26.52
N ALA A 185 -1.95 -26.25 -25.55
CA ALA A 185 -1.48 -26.00 -24.16
C ALA A 185 -0.21 -26.62 -23.86
N GLY A 186 0.37 -27.41 -24.76
CA GLY A 186 1.79 -27.87 -24.49
C GLY A 186 1.67 -29.21 -23.75
N TYR A 187 2.82 -29.61 -23.15
CA TYR A 187 2.94 -30.89 -22.55
C TYR A 187 3.72 -30.52 -21.27
N PRO A 188 3.29 -30.90 -20.02
CA PRO A 188 2.10 -31.69 -19.77
C PRO A 188 0.76 -31.11 -20.17
N GLY A 189 0.68 -29.76 -20.30
CA GLY A 189 -0.57 -28.97 -20.66
C GLY A 189 -1.88 -29.52 -19.96
N ILE A 190 -2.98 -29.88 -20.65
CA ILE A 190 -4.19 -30.31 -20.13
C ILE A 190 -4.18 -31.74 -19.47
N PRO A 191 -4.52 -31.82 -18.13
CA PRO A 191 -4.64 -33.16 -17.47
C PRO A 191 -5.60 -34.04 -18.26
N SER A 192 -5.32 -35.33 -18.55
CA SER A 192 -6.31 -36.17 -19.19
C SER A 192 -7.68 -36.05 -18.47
N LEU A 193 -7.66 -36.00 -17.11
CA LEU A 193 -9.08 -36.10 -16.50
C LEU A 193 -9.84 -34.86 -16.85
N ASP A 194 -9.25 -33.82 -17.44
CA ASP A 194 -10.09 -32.63 -17.83
C ASP A 194 -10.90 -32.86 -19.07
N VAL A 195 -10.55 -33.84 -19.94
CA VAL A 195 -11.19 -33.91 -21.22
C VAL A 195 -11.68 -35.25 -21.62
N VAL A 196 -11.37 -36.30 -20.86
CA VAL A 196 -11.98 -37.60 -21.14
C VAL A 196 -13.42 -37.58 -20.65
N ASP A 197 -14.33 -37.83 -21.59
CA ASP A 197 -15.79 -37.76 -21.27
C ASP A 197 -16.09 -36.40 -20.70
N ASN A 198 -15.46 -35.28 -21.17
CA ASN A 198 -15.87 -33.98 -20.56
C ASN A 198 -15.60 -32.90 -21.58
N ILE A 199 -16.05 -31.61 -21.36
CA ILE A 199 -15.54 -30.48 -22.20
C ILE A 199 -15.04 -29.48 -21.23
N LEU A 200 -13.94 -28.81 -21.50
CA LEU A 200 -13.24 -28.00 -20.42
C LEU A 200 -13.27 -26.57 -20.96
N PRO A 201 -14.02 -25.65 -20.35
CA PRO A 201 -14.18 -24.27 -20.92
C PRO A 201 -12.96 -23.51 -20.37
N LEU A 202 -12.50 -22.37 -20.99
CA LEU A 202 -11.25 -21.93 -20.49
C LEU A 202 -11.43 -20.77 -19.66
N GLY A 203 -12.63 -20.16 -19.67
CA GLY A 203 -12.87 -19.06 -18.72
C GLY A 203 -12.82 -17.61 -19.30
N ASP A 204 -13.11 -16.63 -18.45
CA ASP A 204 -13.26 -15.29 -18.94
C ASP A 204 -11.95 -14.70 -19.55
N GLY A 205 -10.76 -15.07 -18.98
CA GLY A 205 -9.41 -14.33 -19.24
C GLY A 205 -9.07 -14.86 -20.66
N TYR A 206 -9.34 -16.12 -20.92
CA TYR A 206 -9.03 -16.65 -22.28
C TYR A 206 -9.96 -16.12 -23.33
N ASP A 207 -11.25 -16.06 -23.00
CA ASP A 207 -12.22 -15.47 -23.99
C ASP A 207 -11.78 -13.99 -24.27
N ALA A 208 -11.43 -13.19 -23.20
CA ALA A 208 -11.24 -11.75 -23.33
C ALA A 208 -9.92 -11.55 -24.16
N LYS A 209 -8.95 -12.43 -23.98
CA LYS A 209 -7.69 -12.32 -24.67
C LYS A 209 -7.88 -12.69 -26.14
N THR A 210 -8.68 -13.69 -26.48
CA THR A 210 -9.09 -13.97 -27.88
C THR A 210 -9.63 -12.74 -28.53
N ILE A 211 -10.51 -11.96 -27.86
CA ILE A 211 -11.41 -10.94 -28.61
C ILE A 211 -10.34 -9.83 -28.74
N LYS A 212 -9.54 -9.61 -27.70
CA LYS A 212 -8.64 -8.41 -27.78
C LYS A 212 -7.62 -8.54 -28.93
N GLU A 213 -7.10 -9.76 -29.19
CA GLU A 213 -6.20 -9.99 -30.33
C GLU A 213 -6.92 -9.81 -31.64
N ILE A 214 -8.11 -10.39 -31.77
CA ILE A 214 -8.89 -10.13 -32.97
C ILE A 214 -9.14 -8.62 -33.21
N PHE A 215 -9.35 -7.74 -32.21
CA PHE A 215 -9.71 -6.43 -32.48
C PHE A 215 -8.40 -5.72 -33.00
N ARG A 216 -7.19 -6.10 -32.54
CA ARG A 216 -6.10 -5.33 -32.95
C ARG A 216 -5.84 -5.76 -34.42
N ILE A 217 -6.05 -7.04 -34.74
CA ILE A 217 -5.92 -7.45 -36.16
C ILE A 217 -6.84 -6.67 -37.05
N LEU A 218 -8.11 -6.67 -36.68
CA LEU A 218 -9.11 -6.01 -37.45
C LEU A 218 -8.83 -4.54 -37.56
N SER A 219 -8.18 -3.96 -36.57
CA SER A 219 -8.05 -2.51 -36.68
C SER A 219 -6.90 -2.11 -37.67
N GLU A 220 -6.24 -3.14 -38.16
CA GLU A 220 -5.12 -2.89 -39.00
C GLU A 220 -5.43 -3.41 -40.42
N VAL A 221 -6.61 -3.99 -40.71
CA VAL A 221 -7.04 -4.40 -42.00
C VAL A 221 -7.26 -3.13 -42.83
N LYS A 222 -6.76 -3.10 -44.04
CA LYS A 222 -7.01 -1.87 -44.94
C LYS A 222 -8.34 -2.09 -45.63
N ARG A 223 -9.36 -1.26 -45.37
CA ARG A 223 -10.73 -1.70 -45.74
C ARG A 223 -11.21 -1.04 -47.02
N ASN A 224 -12.15 -1.69 -47.69
CA ASN A 224 -12.82 -1.08 -48.83
C ASN A 224 -14.11 -0.41 -48.60
N VAL A 225 -14.64 -0.46 -47.39
CA VAL A 225 -15.90 0.25 -47.03
C VAL A 225 -15.41 0.90 -45.76
N ASP A 226 -16.27 1.70 -45.12
CA ASP A 226 -15.85 2.51 -44.01
C ASP A 226 -16.81 2.53 -42.83
N GLU A 227 -17.84 1.72 -42.93
CA GLU A 227 -18.80 1.52 -41.85
C GLU A 227 -18.79 0.03 -41.44
N PRO A 228 -19.10 -0.26 -40.18
CA PRO A 228 -19.28 0.66 -39.04
C PRO A 228 -17.86 0.99 -38.66
N LYS A 229 -17.64 1.88 -37.71
CA LYS A 229 -16.33 2.02 -37.11
C LYS A 229 -15.94 0.77 -36.32
N LEU A 230 -14.66 0.54 -36.08
CA LEU A 230 -14.32 -0.66 -35.35
C LEU A 230 -14.75 -0.54 -33.81
N GLU A 231 -14.59 0.61 -33.16
CA GLU A 231 -15.36 0.98 -31.91
C GLU A 231 -16.79 0.46 -31.84
N ASP A 232 -17.55 0.35 -32.91
CA ASP A 232 -18.93 -0.01 -32.74
C ASP A 232 -19.12 -1.49 -33.11
N VAL A 233 -18.07 -2.27 -33.21
CA VAL A 233 -18.21 -3.64 -33.63
C VAL A 233 -18.20 -4.45 -32.37
N SER A 234 -19.06 -5.47 -32.33
CA SER A 234 -19.22 -6.22 -31.09
C SER A 234 -18.61 -7.57 -31.21
N LEU A 235 -17.62 -7.87 -30.43
CA LEU A 235 -17.08 -9.26 -30.59
C LEU A 235 -17.36 -10.11 -29.34
N ALA A 236 -17.42 -11.47 -29.44
CA ALA A 236 -17.40 -12.16 -28.14
C ALA A 236 -16.97 -13.54 -28.44
N ALA A 237 -16.32 -14.19 -27.48
CA ALA A 237 -15.91 -15.54 -27.74
C ALA A 237 -16.31 -16.47 -26.56
N THR A 238 -16.56 -17.77 -26.80
CA THR A 238 -16.67 -18.67 -25.59
C THR A 238 -15.87 -19.77 -25.87
N THR A 239 -14.73 -19.91 -25.18
CA THR A 239 -13.80 -20.98 -25.62
C THR A 239 -13.68 -22.25 -24.83
N HIS A 240 -13.29 -23.41 -25.43
CA HIS A 240 -13.28 -24.68 -24.72
C HIS A 240 -12.13 -25.56 -25.31
N ARG A 241 -11.79 -26.68 -24.60
CA ARG A 241 -10.83 -27.55 -25.15
C ARG A 241 -11.50 -28.93 -25.00
N ILE A 242 -11.39 -29.82 -25.98
CA ILE A 242 -11.86 -31.18 -25.86
C ILE A 242 -10.63 -32.07 -26.17
N ALA A 243 -10.86 -33.38 -26.37
CA ALA A 243 -9.66 -34.26 -26.47
C ALA A 243 -9.21 -34.44 -28.04
N THR A 244 -9.06 -33.36 -28.78
CA THR A 244 -8.60 -33.59 -30.17
C THR A 244 -7.13 -33.19 -30.08
N ILE A 245 -6.31 -33.72 -30.97
CA ILE A 245 -4.86 -33.39 -30.83
C ILE A 245 -4.48 -32.14 -31.54
N HIS A 246 -4.85 -31.95 -32.87
CA HIS A 246 -4.53 -30.62 -33.41
C HIS A 246 -5.76 -30.14 -34.03
N GLY A 247 -5.88 -28.81 -34.23
CA GLY A 247 -7.03 -28.40 -35.03
C GLY A 247 -7.94 -27.64 -34.07
N HIS A 248 -8.28 -26.32 -34.29
CA HIS A 248 -9.24 -25.57 -33.46
C HIS A 248 -10.46 -25.36 -34.26
N TYR A 249 -11.73 -25.79 -33.80
CA TYR A 249 -12.93 -25.68 -34.62
C TYR A 249 -13.77 -24.53 -34.00
N GLU A 250 -14.30 -23.57 -34.83
CA GLU A 250 -14.87 -22.31 -34.32
C GLU A 250 -16.12 -22.09 -35.05
N VAL A 251 -17.19 -21.79 -34.29
CA VAL A 251 -18.49 -21.58 -34.93
C VAL A 251 -18.74 -20.08 -34.87
N LEU A 252 -19.01 -19.39 -36.02
CA LEU A 252 -19.13 -17.88 -35.87
C LEU A 252 -20.48 -17.43 -36.30
N TYR A 253 -21.18 -16.60 -35.51
CA TYR A 253 -22.37 -16.03 -36.06
C TYR A 253 -21.94 -14.61 -36.31
N VAL A 254 -22.17 -14.18 -37.52
CA VAL A 254 -21.72 -12.91 -37.95
C VAL A 254 -22.79 -12.01 -38.38
N SER A 255 -22.74 -10.87 -37.75
CA SER A 255 -23.72 -9.87 -37.89
C SER A 255 -23.35 -8.66 -38.80
N PHE A 256 -24.31 -7.99 -39.44
CA PHE A 256 -24.07 -6.82 -40.35
C PHE A 256 -25.06 -5.67 -40.13
N LYS A 257 -24.63 -4.42 -40.47
CA LYS A 257 -25.54 -3.24 -40.40
C LYS A 257 -26.53 -3.18 -41.47
N GLU A 258 -26.31 -3.92 -42.54
CA GLU A 258 -27.24 -3.77 -43.64
C GLU A 258 -27.40 -5.16 -44.13
N GLU A 259 -28.48 -5.43 -44.81
CA GLU A 259 -28.74 -6.67 -45.44
C GLU A 259 -27.51 -7.21 -46.29
N THR A 260 -27.11 -8.43 -46.02
CA THR A 260 -25.90 -9.03 -46.58
C THR A 260 -26.12 -10.48 -46.82
N ALA A 261 -26.00 -10.94 -48.05
CA ALA A 261 -26.22 -12.31 -48.51
C ALA A 261 -25.02 -13.21 -48.27
N ALA A 262 -25.31 -14.34 -47.61
CA ALA A 262 -24.35 -15.39 -47.39
C ALA A 262 -23.64 -15.80 -48.72
N GLU A 263 -24.31 -15.74 -49.88
CA GLU A 263 -23.63 -16.14 -51.12
C GLU A 263 -22.58 -15.12 -51.56
N LYS A 264 -22.75 -13.84 -51.17
CA LYS A 264 -21.75 -12.81 -51.46
C LYS A 264 -20.51 -12.98 -50.65
N VAL A 265 -20.71 -13.31 -49.40
CA VAL A 265 -19.65 -13.45 -48.48
C VAL A 265 -18.91 -14.68 -48.85
N LYS A 266 -19.60 -15.69 -49.35
CA LYS A 266 -18.95 -16.92 -49.61
C LYS A 266 -17.93 -16.64 -50.83
N GLU A 267 -18.33 -15.90 -51.82
CA GLU A 267 -17.41 -15.56 -52.91
C GLU A 267 -16.23 -14.71 -52.41
N THR A 268 -16.37 -13.76 -51.50
CA THR A 268 -15.22 -13.02 -51.05
C THR A 268 -14.30 -13.92 -50.30
N LEU A 269 -14.84 -14.90 -49.55
CA LEU A 269 -13.96 -15.85 -48.86
C LEU A 269 -13.20 -16.82 -49.79
N GLU A 270 -13.96 -17.41 -50.73
CA GLU A 270 -13.37 -18.24 -51.74
C GLU A 270 -12.12 -17.61 -52.48
N ASN A 271 -12.22 -16.34 -52.76
CA ASN A 271 -11.26 -15.58 -53.63
C ASN A 271 -10.35 -14.80 -52.74
N PHE A 272 -10.41 -15.01 -51.44
CA PHE A 272 -9.57 -14.15 -50.62
C PHE A 272 -8.05 -14.45 -50.91
N ARG A 273 -7.23 -13.42 -51.04
CA ARG A 273 -5.74 -13.58 -51.28
C ARG A 273 -5.09 -12.36 -50.79
N GLY A 274 -3.84 -12.46 -50.40
CA GLY A 274 -3.12 -11.20 -50.11
C GLY A 274 -1.71 -11.24 -50.71
N GLU A 275 -0.80 -10.46 -50.11
CA GLU A 275 0.56 -10.27 -50.67
C GLU A 275 1.32 -11.64 -50.60
N PRO A 276 1.05 -12.47 -49.63
CA PRO A 276 1.71 -13.78 -49.67
C PRO A 276 1.38 -14.57 -50.88
N GLN A 277 0.12 -14.53 -51.34
CA GLN A 277 -0.20 -15.17 -52.57
C GLN A 277 0.44 -14.43 -53.80
N ASP A 278 0.47 -13.10 -53.82
CA ASP A 278 0.88 -12.38 -55.06
C ASP A 278 2.39 -12.56 -55.30
N LEU A 279 3.17 -12.49 -54.21
CA LEU A 279 4.60 -12.68 -54.06
C LEU A 279 5.01 -14.09 -54.17
N LYS A 280 4.09 -15.05 -54.18
CA LYS A 280 4.49 -16.44 -54.14
C LYS A 280 5.47 -16.86 -53.02
N LEU A 281 5.30 -16.43 -51.73
CA LEU A 281 6.24 -16.93 -50.72
C LEU A 281 6.14 -18.46 -50.60
N PRO A 282 7.27 -19.16 -50.37
CA PRO A 282 7.27 -20.65 -50.35
C PRO A 282 6.18 -21.28 -49.46
N THR A 283 5.88 -20.70 -48.30
CA THR A 283 4.97 -21.20 -47.35
C THR A 283 3.52 -20.64 -47.44
N ALA A 284 3.26 -19.77 -48.43
CA ALA A 284 1.95 -19.23 -48.66
C ALA A 284 1.05 -20.21 -49.37
N PRO A 285 -0.08 -20.60 -48.75
CA PRO A 285 -1.03 -21.53 -49.44
C PRO A 285 -1.59 -20.75 -50.61
N SER A 286 -2.04 -21.37 -51.70
CA SER A 286 -2.60 -20.54 -52.73
C SER A 286 -4.02 -20.09 -52.48
N LYS A 287 -4.68 -20.77 -51.56
CA LYS A 287 -6.03 -20.37 -51.03
C LYS A 287 -5.94 -20.38 -49.50
N PRO A 288 -5.58 -19.23 -48.92
CA PRO A 288 -5.36 -19.17 -47.52
C PRO A 288 -6.73 -19.35 -46.84
N ILE A 289 -7.86 -19.15 -47.56
CA ILE A 289 -9.05 -19.63 -47.04
C ILE A 289 -9.74 -20.72 -47.95
N ILE A 290 -10.02 -21.98 -47.51
CA ILE A 290 -10.70 -22.91 -48.45
C ILE A 290 -12.19 -22.97 -47.98
N VAL A 291 -13.15 -23.02 -48.91
CA VAL A 291 -14.47 -23.02 -48.55
C VAL A 291 -15.05 -24.39 -48.82
N MET A 292 -15.63 -25.10 -47.79
CA MET A 292 -16.17 -26.43 -48.21
C MET A 292 -17.71 -26.34 -48.32
N ASN A 293 -18.30 -27.15 -49.13
CA ASN A 293 -19.65 -27.01 -49.32
C ASN A 293 -20.57 -28.04 -48.61
N GLU A 294 -20.04 -29.08 -48.01
CA GLU A 294 -20.84 -30.21 -47.49
C GLU A 294 -21.31 -29.83 -46.10
N ASP A 295 -22.60 -30.12 -45.76
CA ASP A 295 -23.10 -29.66 -44.41
C ASP A 295 -22.53 -30.52 -43.27
N THR A 296 -21.64 -31.50 -43.53
CA THR A 296 -20.84 -32.06 -42.35
C THR A 296 -19.33 -31.80 -42.39
N ARG A 297 -18.93 -30.66 -42.97
CA ARG A 297 -17.51 -30.33 -43.03
C ARG A 297 -17.39 -28.87 -42.73
N PRO A 298 -16.18 -28.44 -42.33
CA PRO A 298 -14.96 -29.31 -42.24
C PRO A 298 -15.08 -30.19 -40.99
N GLN A 299 -14.25 -31.24 -40.82
CA GLN A 299 -14.16 -32.05 -39.59
C GLN A 299 -12.69 -32.02 -39.24
N VAL A 300 -12.41 -31.80 -37.97
CA VAL A 300 -11.14 -31.54 -37.47
C VAL A 300 -10.17 -32.56 -38.07
N TYR A 301 -10.55 -33.80 -38.02
CA TYR A 301 -9.53 -34.82 -38.24
C TYR A 301 -9.24 -34.77 -39.80
N PHE A 302 -10.28 -34.59 -40.65
CA PHE A 302 -10.01 -34.79 -42.06
C PHE A 302 -9.52 -33.46 -42.76
N ASP A 303 -9.58 -32.32 -42.15
CA ASP A 303 -9.51 -31.08 -42.92
C ASP A 303 -8.40 -30.24 -42.23
N ARG A 304 -7.74 -30.66 -41.14
CA ARG A 304 -6.79 -29.73 -40.54
C ARG A 304 -5.48 -29.68 -41.35
N TRP A 305 -5.31 -30.58 -42.32
CA TRP A 305 -4.02 -30.67 -43.08
C TRP A 305 -4.36 -30.28 -44.55
N ALA A 306 -5.44 -29.52 -44.79
CA ALA A 306 -5.79 -29.09 -46.14
C ALA A 306 -4.82 -28.04 -46.75
N GLY A 307 -4.88 -27.97 -48.08
CA GLY A 307 -4.28 -26.81 -48.76
C GLY A 307 -2.96 -27.37 -49.45
N ASP A 308 -2.46 -26.60 -50.41
CA ASP A 308 -1.22 -27.01 -51.20
C ASP A 308 0.00 -26.89 -50.30
N ILE A 309 -0.10 -26.17 -49.21
CA ILE A 309 0.93 -26.15 -48.23
C ILE A 309 0.28 -26.69 -46.93
N PRO A 310 0.50 -27.98 -46.59
CA PRO A 310 -0.59 -28.55 -45.59
C PRO A 310 -0.65 -27.90 -44.28
N GLY A 311 -1.91 -27.63 -43.78
CA GLY A 311 -2.08 -27.00 -42.42
C GLY A 311 -2.00 -25.44 -42.51
N MET A 312 -1.68 -24.82 -43.66
CA MET A 312 -1.59 -23.34 -43.69
C MET A 312 -2.93 -22.64 -44.02
N SER A 313 -3.90 -23.32 -44.62
CA SER A 313 -5.17 -22.79 -44.92
C SER A 313 -6.16 -22.88 -43.75
N VAL A 314 -6.95 -21.83 -43.53
CA VAL A 314 -8.11 -21.88 -42.61
C VAL A 314 -9.28 -22.49 -43.42
N VAL A 315 -9.95 -23.55 -42.92
CA VAL A 315 -10.93 -24.18 -43.83
C VAL A 315 -12.27 -23.69 -43.27
N VAL A 316 -13.10 -23.09 -44.06
CA VAL A 316 -14.27 -22.43 -43.50
C VAL A 316 -15.43 -23.22 -44.14
N GLY A 317 -16.57 -23.42 -43.44
CA GLY A 317 -17.65 -24.24 -43.98
C GLY A 317 -18.98 -23.70 -43.42
N ARG A 318 -20.02 -24.35 -43.90
CA ARG A 318 -21.38 -24.16 -43.39
C ARG A 318 -21.93 -22.80 -43.64
N LEU A 319 -21.50 -22.07 -44.67
CA LEU A 319 -22.01 -20.69 -44.79
C LEU A 319 -23.47 -20.77 -44.95
N LYS A 320 -24.25 -20.09 -44.11
CA LYS A 320 -25.69 -20.13 -44.39
C LYS A 320 -26.27 -18.86 -43.89
N GLN A 321 -27.23 -18.33 -44.62
CA GLN A 321 -28.02 -17.16 -44.18
C GLN A 321 -28.82 -17.44 -42.85
N VAL A 322 -28.61 -16.70 -41.76
CA VAL A 322 -29.48 -16.91 -40.56
C VAL A 322 -30.69 -15.97 -40.65
N ASN A 323 -30.47 -14.66 -40.87
CA ASN A 323 -31.61 -13.67 -41.19
C ASN A 323 -30.94 -12.71 -42.19
N LYS A 324 -31.58 -11.61 -42.62
CA LYS A 324 -30.97 -10.76 -43.67
C LYS A 324 -29.65 -10.18 -43.23
N ARG A 325 -29.40 -10.18 -41.92
CA ARG A 325 -28.33 -9.40 -41.42
C ARG A 325 -27.39 -10.18 -40.63
N MET A 326 -27.50 -11.47 -40.82
CA MET A 326 -26.71 -12.30 -39.91
C MET A 326 -26.46 -13.59 -40.72
N ILE A 327 -25.26 -14.05 -40.68
CA ILE A 327 -24.98 -15.35 -41.20
C ILE A 327 -24.18 -16.22 -40.21
N ARG A 328 -24.05 -17.49 -40.52
CA ARG A 328 -23.37 -18.44 -39.66
C ARG A 328 -22.26 -19.12 -40.60
N LEU A 329 -21.09 -19.38 -40.04
CA LEU A 329 -20.11 -20.21 -40.76
C LEU A 329 -19.28 -20.84 -39.65
N VAL A 330 -18.48 -21.83 -40.06
CA VAL A 330 -17.48 -22.41 -39.08
C VAL A 330 -16.14 -22.34 -39.77
N SER A 331 -15.09 -22.31 -38.98
CA SER A 331 -13.75 -22.27 -39.64
C SER A 331 -12.96 -23.27 -38.83
N LEU A 332 -11.89 -23.86 -39.39
CA LEU A 332 -11.05 -24.94 -38.64
C LEU A 332 -9.62 -24.41 -38.99
N ILE A 333 -8.74 -23.98 -38.09
CA ILE A 333 -7.39 -23.73 -38.42
C ILE A 333 -6.44 -24.89 -37.71
N HIS A 334 -5.29 -25.20 -38.32
CA HIS A 334 -4.31 -26.04 -37.71
C HIS A 334 -3.55 -25.17 -36.78
N ASN A 335 -3.74 -25.42 -35.53
CA ASN A 335 -3.28 -24.52 -34.50
C ASN A 335 -1.86 -24.44 -34.40
N THR A 336 -1.07 -25.52 -34.68
CA THR A 336 0.38 -25.27 -34.58
C THR A 336 1.08 -24.97 -35.95
N VAL A 337 0.48 -25.26 -37.15
CA VAL A 337 1.03 -24.77 -38.42
C VAL A 337 0.61 -23.32 -38.76
N ARG A 338 -0.53 -23.12 -39.42
CA ARG A 338 -0.94 -21.69 -39.50
C ARG A 338 -1.03 -20.92 -38.16
N GLY A 339 -1.68 -21.58 -37.09
CA GLY A 339 -1.82 -20.86 -35.86
C GLY A 339 -0.52 -20.52 -35.24
N ALA A 340 0.60 -21.04 -35.69
CA ALA A 340 1.87 -20.84 -34.85
C ALA A 340 3.15 -20.91 -35.79
N ALA A 341 3.78 -22.09 -35.95
CA ALA A 341 5.06 -22.18 -36.70
C ALA A 341 4.99 -21.78 -38.20
N GLY A 342 3.97 -22.23 -38.91
CA GLY A 342 3.65 -21.96 -40.31
C GLY A 342 3.53 -20.47 -40.52
N GLY A 343 2.64 -19.82 -39.73
CA GLY A 343 2.41 -18.45 -39.68
C GLY A 343 3.76 -17.75 -39.46
N GLY A 344 4.64 -18.28 -38.63
CA GLY A 344 5.82 -17.49 -38.30
C GLY A 344 6.80 -17.64 -39.53
N ILE A 345 6.94 -18.87 -40.10
CA ILE A 345 7.61 -18.99 -41.31
C ILE A 345 7.21 -17.98 -42.39
N LEU A 346 5.93 -17.96 -42.67
CA LEU A 346 5.33 -17.07 -43.64
C LEU A 346 5.76 -15.65 -43.31
N ALA A 347 5.82 -15.28 -42.05
CA ALA A 347 6.17 -13.95 -41.66
C ALA A 347 7.58 -13.69 -41.97
N ALA A 348 8.44 -14.66 -41.63
CA ALA A 348 9.82 -14.54 -41.97
C ALA A 348 10.11 -14.38 -43.55
N GLU A 349 9.45 -15.13 -44.43
CA GLU A 349 9.50 -14.98 -45.82
C GLU A 349 9.05 -13.60 -46.28
N LEU A 350 7.96 -13.08 -45.72
CA LEU A 350 7.50 -11.76 -45.94
C LEU A 350 8.57 -10.74 -45.55
N LEU A 351 9.11 -10.78 -44.36
CA LEU A 351 10.22 -9.88 -44.07
C LEU A 351 11.49 -10.05 -44.90
N VAL A 352 11.85 -11.25 -45.41
CA VAL A 352 13.01 -11.40 -46.28
C VAL A 352 12.62 -10.72 -47.54
N GLU A 353 11.41 -10.89 -48.02
CA GLU A 353 11.14 -10.26 -49.32
C GLU A 353 10.96 -8.68 -49.21
N LYS A 354 10.67 -8.15 -48.02
CA LYS A 354 10.54 -6.68 -47.92
C LYS A 354 11.85 -5.99 -47.51
N GLY A 355 12.86 -6.83 -47.36
CA GLY A 355 14.30 -6.47 -47.08
C GLY A 355 14.58 -6.26 -45.62
N TYR A 356 13.62 -6.62 -44.73
CA TYR A 356 13.91 -6.43 -43.32
C TYR A 356 14.88 -7.46 -42.75
N ILE A 357 14.90 -8.64 -43.34
CA ILE A 357 15.91 -9.64 -42.97
C ILE A 357 16.84 -9.87 -44.12
N GLU A 358 18.12 -9.71 -43.86
CA GLU A 358 19.03 -9.66 -45.05
C GLU A 358 19.39 -11.01 -45.59
N LYS A 359 19.36 -11.19 -46.91
CA LYS A 359 19.64 -12.49 -47.56
C LYS A 359 21.13 -13.00 -47.78
N ARG B 6 -22.21 -46.67 19.63
CA ARG B 6 -21.46 -45.35 19.49
C ARG B 6 -20.49 -45.07 18.27
N THR B 7 -20.26 -43.80 18.02
CA THR B 7 -19.64 -43.34 16.78
C THR B 7 -18.05 -43.22 16.75
N LEU B 8 -17.39 -43.75 15.71
CA LEU B 8 -15.94 -43.44 15.56
C LEU B 8 -15.79 -42.21 14.66
N LYS B 9 -14.91 -41.30 15.04
CA LYS B 9 -14.70 -40.09 14.25
C LYS B 9 -13.40 -40.19 13.39
N ALA B 10 -13.55 -40.24 12.06
CA ALA B 10 -12.38 -40.40 11.22
C ALA B 10 -11.88 -39.05 10.62
N ALA B 11 -10.56 -38.81 10.63
CA ALA B 11 -9.91 -37.72 9.81
C ALA B 11 -9.48 -38.33 8.50
N ILE B 12 -9.77 -37.63 7.41
CA ILE B 12 -9.37 -38.08 6.09
C ILE B 12 -8.33 -37.21 5.53
N LEU B 13 -7.13 -37.75 5.40
CA LEU B 13 -6.01 -36.89 4.91
C LEU B 13 -6.17 -36.84 3.39
N GLY B 14 -5.78 -35.71 2.76
CA GLY B 14 -5.80 -35.74 1.26
C GLY B 14 -7.19 -35.82 0.74
N ALA B 15 -8.06 -35.18 1.53
CA ALA B 15 -9.53 -35.52 1.50
C ALA B 15 -10.14 -35.06 0.13
N THR B 16 -9.65 -33.94 -0.48
CA THR B 16 -10.10 -33.51 -1.80
C THR B 16 -9.50 -34.39 -2.96
N GLY B 17 -8.49 -35.25 -2.66
CA GLY B 17 -7.97 -36.00 -3.83
C GLY B 17 -8.85 -37.11 -4.37
N LEU B 18 -8.46 -37.72 -5.48
CA LEU B 18 -9.14 -38.86 -6.05
C LEU B 18 -9.54 -40.04 -5.12
N VAL B 19 -8.78 -40.23 -4.02
CA VAL B 19 -8.94 -41.43 -3.22
C VAL B 19 -9.74 -40.86 -1.99
N GLY B 20 -9.30 -39.72 -1.47
CA GLY B 20 -10.05 -38.97 -0.52
C GLY B 20 -11.53 -38.84 -0.74
N ILE B 21 -11.91 -38.67 -1.96
CA ILE B 21 -13.33 -38.41 -2.22
C ILE B 21 -14.15 -39.69 -2.00
N GLU B 22 -13.51 -40.85 -2.19
CA GLU B 22 -14.17 -42.14 -2.07
C GLU B 22 -14.30 -42.33 -0.48
N TYR B 23 -13.29 -41.99 0.33
CA TYR B 23 -13.50 -41.89 1.75
C TYR B 23 -14.74 -41.07 2.14
N VAL B 24 -14.82 -39.82 1.68
CA VAL B 24 -15.98 -39.00 1.95
C VAL B 24 -17.28 -39.68 1.45
N ARG B 25 -17.28 -40.25 0.24
CA ARG B 25 -18.54 -40.70 -0.30
C ARG B 25 -18.97 -41.95 0.57
N MET B 26 -18.05 -42.85 0.83
CA MET B 26 -18.39 -44.14 1.46
C MET B 26 -18.67 -43.91 2.95
N LEU B 27 -17.80 -43.11 3.61
CA LEU B 27 -17.98 -42.80 5.01
C LEU B 27 -19.23 -42.04 5.29
N SER B 28 -19.78 -41.34 4.32
CA SER B 28 -20.99 -40.56 4.60
C SER B 28 -22.21 -41.41 4.79
N ASN B 29 -22.16 -42.66 4.34
CA ASN B 29 -23.20 -43.68 4.54
C ASN B 29 -22.82 -44.78 5.55
N HIS B 30 -21.74 -44.64 6.29
CA HIS B 30 -21.28 -45.75 7.05
C HIS B 30 -21.98 -45.83 8.40
N PRO B 31 -22.38 -47.01 8.87
CA PRO B 31 -23.12 -47.01 10.17
C PRO B 31 -22.33 -46.48 11.39
N TYR B 32 -21.02 -46.42 11.38
CA TYR B 32 -20.33 -46.12 12.67
C TYR B 32 -19.02 -45.33 12.49
N ILE B 33 -18.55 -45.16 11.25
CA ILE B 33 -17.23 -44.43 11.06
C ILE B 33 -17.57 -43.04 10.43
N LYS B 34 -17.47 -41.94 11.13
CA LYS B 34 -17.93 -40.74 10.47
C LYS B 34 -16.79 -39.94 9.79
N PRO B 35 -17.07 -39.26 8.69
CA PRO B 35 -15.97 -38.41 8.09
C PRO B 35 -16.07 -37.11 8.81
N ALA B 36 -15.42 -37.07 9.95
CA ALA B 36 -15.53 -35.89 10.77
C ALA B 36 -14.53 -34.72 10.51
N TYR B 37 -13.37 -35.04 9.94
CA TYR B 37 -12.25 -34.08 9.94
C TYR B 37 -11.58 -34.15 8.53
N LEU B 38 -11.96 -33.16 7.67
CA LEU B 38 -11.49 -33.19 6.18
C LEU B 38 -10.11 -32.56 6.20
N ALA B 39 -9.02 -33.34 6.14
CA ALA B 39 -7.69 -32.68 6.21
C ALA B 39 -7.10 -32.31 4.77
N GLY B 40 -6.17 -31.33 4.70
CA GLY B 40 -5.53 -30.84 3.46
C GLY B 40 -4.27 -30.06 3.69
N LYS B 41 -3.88 -29.24 2.68
CA LYS B 41 -2.71 -28.38 2.86
C LYS B 41 -2.81 -27.24 1.83
N GLY B 42 -2.93 -27.56 0.57
CA GLY B 42 -3.04 -26.47 -0.42
C GLY B 42 -4.23 -25.56 -0.18
N SER B 43 -5.36 -26.08 0.33
CA SER B 43 -6.60 -25.29 0.38
C SER B 43 -7.23 -25.17 1.78
N VAL B 44 -6.34 -25.09 2.75
CA VAL B 44 -6.74 -25.05 4.11
C VAL B 44 -7.48 -23.76 4.38
N GLY B 45 -8.70 -23.87 4.91
CA GLY B 45 -9.51 -22.74 5.29
C GLY B 45 -10.62 -22.49 4.30
N LYS B 46 -10.72 -23.32 3.26
CA LYS B 46 -11.80 -23.13 2.29
C LYS B 46 -12.81 -24.27 2.48
N PRO B 47 -14.06 -24.04 2.12
CA PRO B 47 -15.06 -25.08 2.15
C PRO B 47 -14.68 -26.25 1.26
N TYR B 48 -14.87 -27.52 1.68
CA TYR B 48 -14.59 -28.64 0.87
C TYR B 48 -15.24 -28.58 -0.53
N GLY B 49 -16.50 -28.15 -0.54
CA GLY B 49 -17.35 -28.26 -1.69
C GLY B 49 -16.90 -27.25 -2.77
N GLU B 50 -16.24 -26.21 -2.37
CA GLU B 50 -15.82 -25.40 -3.42
C GLU B 50 -14.41 -25.79 -3.91
N VAL B 51 -13.70 -26.70 -3.24
CA VAL B 51 -12.44 -27.03 -3.78
C VAL B 51 -12.39 -28.33 -4.47
N VAL B 52 -13.10 -29.35 -3.92
CA VAL B 52 -13.02 -30.65 -4.41
C VAL B 52 -13.34 -30.87 -5.92
N ARG B 53 -12.63 -31.79 -6.52
CA ARG B 53 -13.02 -32.39 -7.71
C ARG B 53 -13.71 -33.75 -7.54
N TRP B 54 -14.99 -33.76 -7.76
CA TRP B 54 -15.88 -34.81 -7.41
C TRP B 54 -15.97 -35.64 -8.65
N GLN B 55 -14.91 -36.36 -8.90
CA GLN B 55 -14.82 -37.23 -10.01
C GLN B 55 -15.16 -38.64 -9.65
N THR B 56 -16.45 -38.79 -9.32
CA THR B 56 -16.97 -40.00 -8.76
C THR B 56 -18.50 -40.04 -8.93
N VAL B 57 -19.13 -41.10 -8.45
CA VAL B 57 -20.57 -41.27 -8.64
C VAL B 57 -21.32 -40.26 -7.73
N GLY B 58 -22.49 -39.79 -8.17
CA GLY B 58 -23.23 -38.90 -7.30
C GLY B 58 -22.72 -37.47 -7.08
N GLN B 59 -22.93 -36.88 -5.89
CA GLN B 59 -22.75 -35.43 -5.75
C GLN B 59 -22.03 -35.34 -4.43
N VAL B 60 -21.34 -34.27 -4.12
CA VAL B 60 -20.72 -34.18 -2.78
C VAL B 60 -21.86 -34.28 -1.69
N PRO B 61 -21.67 -35.04 -0.61
CA PRO B 61 -22.79 -35.11 0.33
C PRO B 61 -23.06 -33.70 0.89
N LYS B 62 -24.33 -33.32 0.89
CA LYS B 62 -24.78 -32.05 1.50
C LYS B 62 -24.16 -31.74 2.91
N GLU B 63 -24.01 -32.75 3.75
CA GLU B 63 -23.30 -32.50 5.03
C GLU B 63 -21.74 -32.22 4.99
N ILE B 64 -21.06 -32.69 3.94
CA ILE B 64 -19.64 -32.51 3.78
C ILE B 64 -19.32 -31.14 3.11
N ALA B 65 -20.15 -30.72 2.17
CA ALA B 65 -19.86 -29.55 1.27
C ALA B 65 -19.44 -28.29 1.95
N ASP B 66 -20.12 -27.94 3.04
CA ASP B 66 -19.77 -26.75 3.71
C ASP B 66 -18.70 -26.90 4.76
N MET B 67 -18.18 -28.10 4.97
CA MET B 67 -17.17 -28.30 6.05
C MET B 67 -15.81 -27.64 5.65
N GLU B 68 -15.19 -26.89 6.52
CA GLU B 68 -13.89 -26.31 6.21
C GLU B 68 -12.81 -27.36 6.00
N ILE B 69 -11.96 -27.19 5.00
CA ILE B 69 -10.72 -28.01 4.93
C ILE B 69 -9.71 -27.59 6.00
N LYS B 70 -9.23 -28.58 6.79
CA LYS B 70 -8.37 -28.22 7.93
C LYS B 70 -6.92 -28.65 7.87
N PRO B 71 -6.06 -28.14 8.74
CA PRO B 71 -4.63 -28.56 8.76
C PRO B 71 -4.33 -30.05 8.89
N THR B 72 -3.27 -30.54 8.30
CA THR B 72 -2.91 -31.95 8.50
C THR B 72 -1.94 -31.97 9.68
N ASP B 73 -2.52 -31.82 10.88
CA ASP B 73 -1.72 -31.56 12.11
C ASP B 73 -2.27 -32.33 13.34
N PRO B 74 -1.51 -33.36 13.79
CA PRO B 74 -2.02 -34.30 14.82
C PRO B 74 -2.48 -33.63 16.12
N LYS B 75 -1.78 -32.60 16.59
CA LYS B 75 -2.16 -31.87 17.81
C LYS B 75 -3.47 -31.04 17.69
N LEU B 76 -4.30 -31.30 16.69
CA LEU B 76 -5.52 -30.55 16.54
C LEU B 76 -6.66 -31.55 16.35
N MET B 77 -6.28 -32.81 16.31
CA MET B 77 -7.28 -33.83 16.11
C MET B 77 -7.64 -34.69 17.33
N ASP B 78 -7.54 -34.17 18.55
CA ASP B 78 -7.70 -35.08 19.67
C ASP B 78 -9.05 -35.76 19.74
N ASP B 79 -10.12 -35.09 19.30
CA ASP B 79 -11.42 -35.75 19.21
C ASP B 79 -11.53 -36.78 18.06
N VAL B 80 -10.45 -37.01 17.33
CA VAL B 80 -10.56 -37.91 16.18
C VAL B 80 -10.19 -39.38 16.55
N ASP B 81 -10.83 -40.40 15.98
CA ASP B 81 -10.50 -41.81 16.35
C ASP B 81 -9.50 -42.44 15.41
N ILE B 82 -9.72 -42.28 14.13
CA ILE B 82 -9.08 -43.02 13.14
C ILE B 82 -8.53 -42.00 12.07
N ILE B 83 -7.33 -42.24 11.64
CA ILE B 83 -6.78 -41.38 10.60
C ILE B 83 -6.67 -42.17 9.31
N PHE B 84 -7.24 -41.71 8.17
CA PHE B 84 -6.99 -42.43 6.96
C PHE B 84 -6.04 -41.54 6.02
N SER B 85 -4.92 -42.10 5.54
CA SER B 85 -3.87 -41.37 4.87
C SER B 85 -3.52 -41.86 3.41
N PRO B 86 -4.13 -41.22 2.38
CA PRO B 86 -3.82 -41.51 0.96
C PRO B 86 -2.84 -40.39 0.46
N LEU B 87 -1.83 -40.03 1.21
CA LEU B 87 -0.86 -39.04 0.81
C LEU B 87 0.21 -39.54 -0.25
N PRO B 88 0.82 -38.62 -1.02
CA PRO B 88 1.71 -39.00 -2.13
C PRO B 88 2.98 -39.57 -1.61
N GLN B 89 3.64 -40.42 -2.41
CA GLN B 89 4.93 -40.95 -1.87
C GLN B 89 5.83 -39.90 -1.24
N GLY B 90 6.66 -40.31 -0.30
CA GLY B 90 7.72 -39.41 0.13
C GLY B 90 7.23 -38.48 1.26
N ALA B 91 6.19 -37.65 0.96
CA ALA B 91 5.43 -36.93 2.01
C ALA B 91 4.62 -37.88 3.06
N ALA B 92 4.16 -39.06 2.65
CA ALA B 92 3.28 -39.86 3.50
C ALA B 92 3.96 -40.45 4.72
N GLY B 93 5.08 -41.10 4.45
CA GLY B 93 5.91 -41.77 5.38
C GLY B 93 6.05 -41.06 6.69
N PRO B 94 6.58 -39.80 6.72
CA PRO B 94 6.85 -39.14 8.02
C PRO B 94 5.55 -38.60 8.64
N VAL B 95 4.60 -38.19 7.79
CA VAL B 95 3.35 -37.75 8.31
C VAL B 95 2.61 -38.92 9.02
N GLU B 96 2.64 -40.10 8.45
CA GLU B 96 2.03 -41.26 9.04
C GLU B 96 2.64 -41.58 10.39
N GLU B 97 3.98 -41.58 10.45
CA GLU B 97 4.79 -41.77 11.65
C GLU B 97 4.44 -40.87 12.80
N GLN B 98 4.15 -39.63 12.47
CA GLN B 98 3.96 -38.59 13.54
C GLN B 98 2.53 -38.87 14.14
N PHE B 99 1.65 -39.40 13.32
CA PHE B 99 0.28 -39.60 13.66
C PHE B 99 0.18 -40.85 14.64
N ALA B 100 0.89 -41.91 14.28
CA ALA B 100 1.11 -43.06 15.05
C ALA B 100 1.72 -42.67 16.38
N LYS B 101 2.77 -41.89 16.32
CA LYS B 101 3.49 -41.51 17.50
C LYS B 101 2.61 -40.71 18.43
N GLU B 102 1.70 -39.95 17.87
CA GLU B 102 0.76 -39.21 18.66
C GLU B 102 -0.33 -40.14 19.31
N GLY B 103 -0.46 -41.38 18.87
CA GLY B 103 -1.44 -42.29 19.45
C GLY B 103 -2.56 -42.71 18.52
N PHE B 104 -2.55 -42.31 17.23
CA PHE B 104 -3.61 -42.69 16.34
C PHE B 104 -3.34 -43.99 15.62
N PRO B 105 -4.36 -44.82 15.42
CA PRO B 105 -4.36 -45.77 14.33
C PRO B 105 -4.41 -45.02 12.96
N VAL B 106 -3.50 -45.40 12.07
CA VAL B 106 -3.39 -44.76 10.75
C VAL B 106 -3.58 -45.87 9.72
N ILE B 107 -4.53 -45.75 8.81
CA ILE B 107 -4.70 -46.72 7.74
C ILE B 107 -4.27 -45.86 6.53
N SER B 108 -3.22 -46.35 5.83
CA SER B 108 -2.60 -45.71 4.78
C SER B 108 -2.77 -46.39 3.46
N ASN B 109 -3.04 -45.60 2.40
CA ASN B 109 -3.00 -46.09 1.01
C ASN B 109 -1.67 -45.66 0.29
N SER B 110 -0.76 -44.99 0.95
CA SER B 110 0.55 -44.56 0.36
C SER B 110 1.70 -45.65 0.42
N PRO B 111 2.68 -45.56 -0.45
CA PRO B 111 3.54 -46.77 -0.59
C PRO B 111 4.55 -46.68 0.47
N ASP B 112 4.70 -45.50 1.12
CA ASP B 112 5.89 -45.35 2.01
C ASP B 112 6.20 -46.55 2.95
N HIS B 113 5.20 -47.11 3.72
CA HIS B 113 5.55 -48.08 4.79
C HIS B 113 5.21 -49.47 4.36
N ARG B 114 4.98 -49.68 3.08
CA ARG B 114 4.38 -50.94 2.72
C ARG B 114 5.32 -52.17 2.90
N PHE B 115 6.61 -51.94 3.08
CA PHE B 115 7.63 -52.98 3.24
C PHE B 115 8.28 -52.92 4.62
N ASP B 116 7.81 -52.07 5.53
CA ASP B 116 8.39 -52.15 6.92
C ASP B 116 7.98 -53.58 7.48
N PRO B 117 8.96 -54.27 8.01
CA PRO B 117 8.68 -55.65 8.50
C PRO B 117 7.52 -55.75 9.53
N ASP B 118 7.35 -54.71 10.36
CA ASP B 118 6.42 -54.68 11.49
C ASP B 118 5.13 -53.94 11.05
N VAL B 119 4.97 -53.61 9.76
CA VAL B 119 3.77 -52.91 9.30
C VAL B 119 2.95 -53.78 8.40
N PRO B 120 1.66 -53.99 8.65
CA PRO B 120 0.95 -54.86 7.72
C PRO B 120 0.73 -54.25 6.33
N LEU B 121 0.78 -55.12 5.34
CA LEU B 121 0.34 -54.81 4.04
C LEU B 121 -0.91 -55.60 3.71
N LEU B 122 -2.08 -55.01 3.90
CA LEU B 122 -3.29 -55.74 4.18
C LEU B 122 -4.37 -55.71 3.14
N VAL B 123 -4.81 -56.86 2.68
CA VAL B 123 -6.06 -57.10 1.98
C VAL B 123 -6.80 -58.09 3.03
N PRO B 124 -7.90 -57.58 3.58
CA PRO B 124 -8.62 -58.20 4.70
C PRO B 124 -9.05 -59.54 4.20
N GLU B 125 -9.44 -59.70 2.94
CA GLU B 125 -9.71 -61.10 2.58
C GLU B 125 -8.54 -62.05 2.47
N LEU B 126 -7.28 -61.62 2.54
CA LEU B 126 -6.25 -62.56 2.15
C LEU B 126 -5.31 -62.72 3.20
N ASN B 127 -4.84 -61.68 3.86
CA ASN B 127 -3.83 -62.01 4.92
C ASN B 127 -4.20 -61.32 6.22
N PRO B 128 -5.43 -61.57 6.68
CA PRO B 128 -6.00 -60.86 7.89
C PRO B 128 -5.29 -61.05 9.22
N HIS B 129 -4.64 -62.22 9.46
CA HIS B 129 -3.83 -62.35 10.64
C HIS B 129 -2.54 -61.48 10.71
N THR B 130 -2.13 -60.78 9.60
CA THR B 130 -0.90 -60.08 9.69
C THR B 130 -1.10 -58.83 10.52
N ILE B 131 -2.40 -58.46 10.74
CA ILE B 131 -2.76 -57.35 11.71
C ILE B 131 -1.99 -57.49 13.08
N SER B 132 -1.61 -58.72 13.43
CA SER B 132 -0.96 -58.91 14.72
C SER B 132 0.52 -58.45 14.71
N LEU B 133 0.96 -57.97 13.52
CA LEU B 133 2.29 -57.28 13.47
C LEU B 133 2.22 -56.05 14.29
N ILE B 134 1.01 -55.54 14.55
CA ILE B 134 0.85 -54.25 15.21
C ILE B 134 1.43 -54.29 16.61
N ASP B 135 1.45 -55.47 17.28
CA ASP B 135 2.01 -55.48 18.66
C ASP B 135 3.55 -55.33 18.80
N GLU B 136 4.34 -56.11 18.08
CA GLU B 136 5.77 -55.81 17.93
C GLU B 136 5.93 -54.35 17.39
N GLN B 137 5.07 -53.91 16.46
CA GLN B 137 5.18 -52.52 15.93
C GLN B 137 5.14 -51.50 17.07
N ARG B 138 4.08 -51.46 17.86
CA ARG B 138 4.07 -50.51 18.97
C ARG B 138 5.29 -50.57 19.91
N LYS B 139 5.83 -51.77 20.11
CA LYS B 139 6.88 -51.88 21.10
C LYS B 139 8.18 -51.46 20.46
N ARG B 140 8.50 -51.87 19.23
CA ARG B 140 9.81 -51.46 18.68
C ARG B 140 9.80 -50.02 18.19
N ARG B 141 8.65 -49.51 17.69
CA ARG B 141 8.53 -48.05 17.35
C ARG B 141 8.32 -47.14 18.54
N GLU B 142 8.03 -47.68 19.73
CA GLU B 142 7.70 -46.89 20.94
C GLU B 142 6.53 -45.88 20.75
N TRP B 143 5.48 -46.38 20.15
CA TRP B 143 4.30 -45.64 20.08
C TRP B 143 3.01 -46.42 20.42
N LYS B 144 2.01 -45.63 20.75
CA LYS B 144 0.68 -46.18 21.11
C LYS B 144 -0.23 -46.31 19.94
N GLY B 145 -0.02 -45.48 18.87
CA GLY B 145 -0.84 -45.61 17.63
C GLY B 145 -0.36 -46.80 16.82
N PHE B 146 -0.69 -46.92 15.54
CA PHE B 146 0.01 -47.81 14.60
C PHE B 146 -0.18 -47.39 13.17
N ILE B 147 0.57 -48.06 12.31
CA ILE B 147 0.31 -47.90 10.87
C ILE B 147 0.02 -49.23 10.23
N VAL B 148 -0.97 -49.21 9.36
CA VAL B 148 -1.31 -50.33 8.51
C VAL B 148 -1.42 -49.79 7.08
N THR B 149 -0.98 -50.57 6.08
CA THR B 149 -1.10 -50.01 4.76
C THR B 149 -1.89 -50.98 4.02
N THR B 150 -2.46 -50.60 2.91
CA THR B 150 -3.08 -51.48 1.95
C THR B 150 -2.18 -51.36 0.61
N PRO B 151 -2.23 -52.33 -0.24
CA PRO B 151 -1.33 -52.48 -1.36
C PRO B 151 -1.75 -51.55 -2.52
N LEU B 152 -0.78 -51.29 -3.43
CA LEU B 152 -1.05 -50.65 -4.70
C LEU B 152 -2.32 -51.23 -5.31
N CYS B 153 -3.26 -50.40 -5.80
CA CYS B 153 -4.42 -50.91 -6.45
C CYS B 153 -4.16 -51.93 -7.47
N THR B 154 -3.12 -51.73 -8.32
CA THR B 154 -2.84 -52.60 -9.48
C THR B 154 -2.33 -54.03 -8.95
N ALA B 155 -1.68 -54.05 -7.79
CA ALA B 155 -1.17 -55.30 -7.17
C ALA B 155 -2.40 -56.04 -6.62
N GLN B 156 -3.28 -55.30 -5.94
CA GLN B 156 -4.56 -55.96 -5.53
C GLN B 156 -5.42 -56.60 -6.64
N GLY B 157 -5.44 -55.96 -7.80
CA GLY B 157 -6.35 -56.41 -8.90
C GLY B 157 -5.84 -57.76 -9.30
N ALA B 158 -4.51 -58.09 -9.11
CA ALA B 158 -3.98 -59.40 -9.45
C ALA B 158 -3.91 -60.24 -8.17
N ALA B 159 -3.46 -59.65 -7.09
CA ALA B 159 -3.20 -60.57 -5.94
C ALA B 159 -4.44 -61.19 -5.37
N ILE B 160 -5.63 -60.57 -5.50
CA ILE B 160 -6.82 -61.11 -4.89
C ILE B 160 -7.19 -62.43 -5.60
N PRO B 161 -7.29 -62.47 -6.91
CA PRO B 161 -7.47 -63.76 -7.60
C PRO B 161 -6.22 -64.75 -7.49
N LEU B 162 -4.99 -64.24 -7.55
CA LEU B 162 -3.86 -65.17 -7.39
C LEU B 162 -3.75 -65.63 -5.92
N GLY B 163 -4.17 -64.80 -4.94
CA GLY B 163 -4.26 -65.23 -3.54
C GLY B 163 -5.23 -66.43 -3.51
N ALA B 164 -6.39 -66.32 -4.13
CA ALA B 164 -7.41 -67.35 -3.93
C ALA B 164 -6.89 -68.56 -4.62
N ILE B 165 -6.10 -68.37 -5.70
CA ILE B 165 -5.66 -69.50 -6.44
C ILE B 165 -4.48 -70.15 -5.71
N PHE B 166 -3.60 -69.32 -5.19
CA PHE B 166 -2.37 -69.84 -4.61
C PHE B 166 -2.68 -70.69 -3.34
N LYS B 167 -3.80 -70.34 -2.68
CA LYS B 167 -4.19 -70.99 -1.41
C LYS B 167 -4.49 -72.46 -1.64
N ASP B 168 -5.00 -72.76 -2.80
CA ASP B 168 -5.52 -74.09 -3.13
C ASP B 168 -4.80 -74.82 -4.25
N TYR B 169 -4.01 -74.16 -5.10
CA TYR B 169 -3.42 -74.90 -6.20
C TYR B 169 -1.89 -74.73 -6.24
N LYS B 170 -1.19 -75.72 -6.81
CA LYS B 170 0.30 -75.68 -7.08
C LYS B 170 0.77 -74.62 -8.12
N MET B 171 0.39 -73.37 -7.90
CA MET B 171 0.61 -72.19 -8.81
C MET B 171 2.08 -71.83 -8.84
N ASP B 172 2.69 -71.90 -10.03
CA ASP B 172 4.17 -71.64 -10.08
C ASP B 172 4.53 -70.31 -10.89
N GLY B 173 3.60 -69.75 -11.65
CA GLY B 173 3.79 -68.35 -12.03
C GLY B 173 2.54 -67.65 -12.53
N ALA B 174 2.63 -66.31 -12.60
CA ALA B 174 1.64 -65.52 -13.27
C ALA B 174 2.26 -64.43 -14.13
N PHE B 175 1.65 -64.21 -15.26
CA PHE B 175 2.26 -63.36 -16.27
C PHE B 175 1.22 -62.44 -16.68
N ILE B 176 1.31 -61.18 -16.23
CA ILE B 176 0.16 -60.22 -16.23
C ILE B 176 0.35 -59.00 -17.19
N THR B 177 -0.72 -58.53 -17.81
CA THR B 177 -0.76 -57.29 -18.58
C THR B 177 -1.83 -56.36 -17.93
N THR B 178 -1.40 -55.18 -17.50
CA THR B 178 -2.37 -54.36 -16.95
C THR B 178 -2.83 -53.26 -17.95
N ILE B 179 -4.10 -52.77 -17.89
CA ILE B 179 -4.51 -51.62 -18.67
C ILE B 179 -5.23 -50.78 -17.69
N GLN B 180 -4.51 -49.92 -17.03
CA GLN B 180 -4.95 -49.09 -15.95
C GLN B 180 -5.61 -47.74 -16.26
N SER B 181 -6.47 -47.20 -15.31
CA SER B 181 -7.30 -45.97 -15.70
C SER B 181 -6.57 -44.83 -15.20
N LEU B 182 -7.09 -43.57 -15.39
CA LEU B 182 -6.19 -42.35 -15.16
C LEU B 182 -6.19 -41.92 -13.71
N SER B 183 -7.23 -42.30 -12.97
CA SER B 183 -7.51 -41.69 -11.62
C SER B 183 -6.49 -42.23 -10.75
N GLY B 184 -5.88 -43.33 -11.09
CA GLY B 184 -4.83 -43.73 -10.11
C GLY B 184 -3.65 -42.67 -10.04
N ALA B 185 -3.50 -41.81 -11.03
CA ALA B 185 -2.27 -40.94 -11.01
C ALA B 185 -2.62 -39.60 -10.41
N GLY B 186 -3.89 -39.39 -10.06
CA GLY B 186 -4.21 -38.16 -9.40
C GLY B 186 -4.42 -37.05 -10.49
N TYR B 187 -4.36 -35.82 -10.06
CA TYR B 187 -4.74 -34.78 -10.93
C TYR B 187 -3.73 -33.72 -10.45
N PRO B 188 -2.99 -33.08 -11.34
CA PRO B 188 -3.20 -33.13 -12.76
C PRO B 188 -2.72 -34.48 -13.29
N GLY B 189 -1.99 -35.32 -12.46
CA GLY B 189 -1.64 -36.70 -12.92
C GLY B 189 -1.25 -36.83 -14.42
N ILE B 190 -1.91 -37.65 -15.27
CA ILE B 190 -1.59 -38.00 -16.56
C ILE B 190 -1.95 -36.92 -17.66
N PRO B 191 -0.93 -36.40 -18.39
CA PRO B 191 -1.16 -35.46 -19.50
C PRO B 191 -2.17 -35.99 -20.50
N SER B 192 -3.14 -35.17 -20.97
CA SER B 192 -4.07 -35.79 -21.91
C SER B 192 -3.30 -36.28 -23.17
N LEU B 193 -2.28 -35.54 -23.67
CA LEU B 193 -1.56 -36.11 -24.88
C LEU B 193 -0.81 -37.49 -24.58
N ASP B 194 -0.61 -37.96 -23.37
CA ASP B 194 -0.21 -39.39 -23.27
C ASP B 194 -1.20 -40.37 -23.61
N VAL B 195 -2.46 -40.07 -23.63
CA VAL B 195 -3.30 -41.24 -23.77
C VAL B 195 -4.39 -40.92 -24.75
N VAL B 196 -4.55 -39.70 -25.31
CA VAL B 196 -5.46 -39.68 -26.47
C VAL B 196 -4.90 -40.37 -27.71
N ASP B 197 -5.61 -41.29 -28.39
CA ASP B 197 -5.10 -42.07 -29.52
C ASP B 197 -3.68 -42.69 -29.21
N ASN B 198 -3.51 -43.19 -28.02
CA ASN B 198 -2.20 -43.68 -27.66
C ASN B 198 -2.35 -44.72 -26.53
N ILE B 199 -1.34 -45.51 -26.13
CA ILE B 199 -1.43 -46.24 -24.92
C ILE B 199 -0.07 -45.88 -24.31
N LEU B 200 0.02 -45.63 -23.00
CA LEU B 200 1.22 -45.17 -22.17
C LEU B 200 1.74 -46.34 -21.30
N PRO B 201 2.91 -46.89 -21.61
CA PRO B 201 3.41 -48.02 -20.74
C PRO B 201 3.98 -47.31 -19.60
N LEU B 202 4.16 -47.93 -18.41
CA LEU B 202 4.58 -47.15 -17.25
C LEU B 202 6.00 -47.46 -16.97
N GLY B 203 6.48 -48.57 -17.57
CA GLY B 203 7.95 -48.85 -17.47
C GLY B 203 8.35 -49.84 -16.38
N ASP B 204 9.63 -49.95 -16.16
CA ASP B 204 10.20 -51.05 -15.42
C ASP B 204 9.99 -50.93 -13.96
N GLY B 205 10.28 -49.71 -13.48
CA GLY B 205 10.04 -49.39 -12.01
C GLY B 205 8.63 -49.81 -11.58
N TYR B 206 7.69 -49.48 -12.45
CA TYR B 206 6.34 -49.63 -12.05
C TYR B 206 5.94 -51.14 -12.12
N ASP B 207 6.41 -51.92 -13.11
CA ASP B 207 6.19 -53.32 -13.29
C ASP B 207 6.89 -53.97 -12.04
N ALA B 208 8.06 -53.48 -11.61
CA ALA B 208 8.89 -54.19 -10.55
C ALA B 208 8.17 -54.08 -9.18
N LYS B 209 7.62 -52.89 -8.92
CA LYS B 209 6.91 -52.55 -7.73
C LYS B 209 5.59 -53.26 -7.68
N THR B 210 4.91 -53.49 -8.80
CA THR B 210 3.67 -54.27 -8.75
C THR B 210 3.91 -55.71 -8.25
N ILE B 211 4.78 -56.41 -8.96
CA ILE B 211 5.25 -57.70 -8.65
C ILE B 211 5.74 -57.70 -7.23
N LYS B 212 6.52 -56.72 -6.81
CA LYS B 212 7.13 -56.89 -5.47
C LYS B 212 5.94 -56.90 -4.37
N GLU B 213 4.94 -56.04 -4.52
CA GLU B 213 3.81 -56.08 -3.56
C GLU B 213 3.07 -57.40 -3.66
N ILE B 214 2.84 -57.95 -4.84
CA ILE B 214 2.12 -59.19 -4.96
C ILE B 214 2.82 -60.29 -4.21
N PHE B 215 4.17 -60.37 -4.34
CA PHE B 215 4.92 -61.33 -3.60
C PHE B 215 4.79 -61.12 -2.08
N ARG B 216 4.64 -59.89 -1.60
CA ARG B 216 4.66 -59.85 -0.17
C ARG B 216 3.31 -60.44 0.31
N ILE B 217 2.26 -60.12 -0.44
CA ILE B 217 0.95 -60.55 -0.01
C ILE B 217 0.81 -62.08 -0.12
N LEU B 218 1.20 -62.64 -1.27
CA LEU B 218 1.27 -64.06 -1.44
C LEU B 218 2.04 -64.78 -0.26
N SER B 219 3.15 -64.18 0.20
CA SER B 219 3.94 -64.78 1.23
C SER B 219 3.17 -64.82 2.53
N GLU B 220 2.06 -64.13 2.56
CA GLU B 220 1.32 -64.15 3.79
C GLU B 220 -0.04 -64.87 3.73
N VAL B 221 -0.43 -65.46 2.61
CA VAL B 221 -1.58 -66.26 2.48
C VAL B 221 -1.42 -67.61 3.22
N LYS B 222 -2.34 -68.01 4.12
CA LYS B 222 -2.25 -69.34 4.72
C LYS B 222 -2.71 -70.32 3.63
N ARG B 223 -1.89 -71.32 3.31
CA ARG B 223 -2.26 -72.14 2.19
C ARG B 223 -2.75 -73.46 2.71
N ASN B 224 -3.58 -74.13 1.90
CA ASN B 224 -3.97 -75.52 2.18
C ASN B 224 -3.09 -76.49 1.47
N VAL B 225 -2.25 -76.06 0.52
CA VAL B 225 -1.13 -76.91 0.04
C VAL B 225 0.22 -76.27 0.31
N ASP B 226 1.30 -76.92 -0.08
CA ASP B 226 2.61 -76.27 0.11
C ASP B 226 3.60 -76.44 -1.06
N GLU B 227 3.08 -76.66 -2.25
CA GLU B 227 3.86 -76.76 -3.46
C GLU B 227 3.29 -75.67 -4.43
N PRO B 228 4.18 -74.91 -5.08
CA PRO B 228 5.62 -74.95 -4.90
C PRO B 228 5.95 -73.99 -3.80
N LYS B 229 7.19 -73.94 -3.34
CA LYS B 229 7.65 -72.80 -2.52
C LYS B 229 7.46 -71.35 -3.16
N LEU B 230 7.26 -70.32 -2.35
CA LEU B 230 6.96 -69.01 -2.93
C LEU B 230 8.19 -68.46 -3.65
N GLU B 231 9.35 -68.90 -3.16
CA GLU B 231 10.58 -68.34 -3.69
C GLU B 231 10.82 -68.87 -5.12
N ASP B 232 10.07 -69.92 -5.40
CA ASP B 232 10.12 -70.55 -6.69
C ASP B 232 8.99 -70.13 -7.54
N VAL B 233 8.18 -69.13 -7.12
CA VAL B 233 7.11 -68.68 -7.98
C VAL B 233 7.61 -67.55 -8.86
N SER B 234 7.11 -67.52 -10.07
CA SER B 234 7.60 -66.57 -11.05
C SER B 234 6.54 -65.57 -11.43
N LEU B 235 6.72 -64.30 -11.10
CA LEU B 235 5.63 -63.28 -11.37
C LEU B 235 6.13 -62.27 -12.39
N ALA B 236 5.32 -61.82 -13.34
CA ALA B 236 5.74 -60.67 -14.13
C ALA B 236 4.55 -59.81 -14.44
N ALA B 237 4.80 -58.51 -14.64
CA ALA B 237 3.74 -57.53 -14.97
C ALA B 237 4.25 -56.57 -16.07
N THR B 238 3.45 -56.26 -17.05
CA THR B 238 3.74 -55.26 -17.92
C THR B 238 2.58 -54.24 -17.87
N THR B 239 2.78 -53.04 -17.27
CA THR B 239 1.69 -52.21 -17.00
C THR B 239 1.53 -50.94 -17.93
N HIS B 240 0.31 -50.39 -17.95
CA HIS B 240 0.03 -49.35 -18.93
C HIS B 240 -1.21 -48.56 -18.38
N ARG B 241 -1.49 -47.42 -18.98
CA ARG B 241 -2.63 -46.56 -18.66
C ARG B 241 -3.28 -46.22 -20.00
N ILE B 242 -4.58 -46.07 -20.03
CA ILE B 242 -5.14 -45.63 -21.22
C ILE B 242 -6.20 -44.65 -20.76
N ALA B 243 -7.09 -44.17 -21.63
CA ALA B 243 -7.94 -43.07 -21.24
C ALA B 243 -9.38 -43.58 -20.63
N THR B 244 -9.38 -44.46 -19.60
CA THR B 244 -10.59 -44.74 -18.80
C THR B 244 -10.42 -43.96 -17.49
N ILE B 245 -11.54 -43.75 -16.76
CA ILE B 245 -11.50 -42.89 -15.53
C ILE B 245 -11.21 -43.77 -14.33
N HIS B 246 -11.93 -44.92 -14.18
CA HIS B 246 -11.61 -45.70 -13.02
C HIS B 246 -11.67 -47.13 -13.52
N GLY B 247 -11.04 -47.99 -12.77
CA GLY B 247 -11.14 -49.41 -13.15
C GLY B 247 -9.76 -49.82 -13.84
N HIS B 248 -9.07 -50.92 -13.40
CA HIS B 248 -7.81 -51.36 -13.90
C HIS B 248 -8.06 -52.78 -14.38
N TYR B 249 -7.87 -53.01 -15.69
CA TYR B 249 -8.24 -54.24 -16.30
C TYR B 249 -6.88 -55.03 -16.39
N GLU B 250 -6.81 -56.31 -15.98
CA GLU B 250 -5.55 -57.07 -16.02
C GLU B 250 -5.75 -58.42 -16.65
N VAL B 251 -4.86 -58.86 -17.54
CA VAL B 251 -5.00 -60.21 -18.15
C VAL B 251 -3.96 -61.05 -17.51
N LEU B 252 -4.30 -62.27 -17.07
CA LEU B 252 -3.34 -63.10 -16.27
C LEU B 252 -3.25 -64.43 -16.88
N TYR B 253 -1.99 -64.83 -17.20
CA TYR B 253 -1.78 -66.16 -17.64
C TYR B 253 -1.14 -66.84 -16.42
N VAL B 254 -1.80 -67.89 -15.95
CA VAL B 254 -1.40 -68.44 -14.67
C VAL B 254 -0.99 -69.78 -14.92
N SER B 255 0.17 -69.98 -14.40
CA SER B 255 0.90 -71.28 -14.47
C SER B 255 0.85 -72.28 -13.27
N PHE B 256 0.95 -73.57 -13.47
CA PHE B 256 0.89 -74.49 -12.33
C PHE B 256 1.93 -75.57 -12.52
N LYS B 257 2.38 -76.13 -11.39
CA LYS B 257 3.25 -77.21 -11.36
C LYS B 257 2.64 -78.52 -11.79
N GLU B 258 1.33 -78.68 -11.86
CA GLU B 258 0.80 -79.90 -12.40
C GLU B 258 -0.51 -79.61 -13.03
N GLU B 259 -0.92 -80.51 -13.94
CA GLU B 259 -2.26 -80.56 -14.43
C GLU B 259 -3.28 -80.03 -13.38
N THR B 260 -3.89 -78.95 -13.77
CA THR B 260 -4.87 -78.25 -12.98
C THR B 260 -6.00 -77.87 -13.93
N ALA B 261 -7.25 -78.12 -13.53
CA ALA B 261 -8.46 -77.85 -14.36
C ALA B 261 -9.04 -76.45 -14.21
N ALA B 262 -9.21 -75.72 -15.34
CA ALA B 262 -9.78 -74.39 -15.31
C ALA B 262 -11.16 -74.31 -14.59
N GLU B 263 -12.03 -75.32 -14.87
CA GLU B 263 -13.33 -75.36 -14.28
C GLU B 263 -13.12 -75.41 -12.77
N LYS B 264 -12.12 -76.13 -12.24
CA LYS B 264 -11.96 -76.11 -10.78
C LYS B 264 -11.46 -74.77 -10.21
N VAL B 265 -10.67 -74.02 -10.97
CA VAL B 265 -10.19 -72.83 -10.45
C VAL B 265 -11.35 -71.87 -10.41
N LYS B 266 -12.15 -71.89 -11.49
CA LYS B 266 -13.19 -71.00 -11.68
C LYS B 266 -14.06 -71.12 -10.39
N GLU B 267 -14.32 -72.37 -10.01
CA GLU B 267 -15.13 -72.56 -8.83
C GLU B 267 -14.43 -72.13 -7.59
N THR B 268 -13.16 -72.46 -7.37
CA THR B 268 -12.55 -71.90 -6.21
C THR B 268 -12.66 -70.36 -6.18
N LEU B 269 -12.76 -69.65 -7.33
CA LEU B 269 -12.83 -68.16 -7.40
C LEU B 269 -14.29 -67.74 -6.98
N GLU B 270 -15.29 -68.38 -7.58
CA GLU B 270 -16.71 -68.01 -7.28
C GLU B 270 -16.96 -68.29 -5.79
N ASN B 271 -16.41 -69.37 -5.20
CA ASN B 271 -16.55 -69.66 -3.73
C ASN B 271 -15.59 -68.96 -2.76
N PHE B 272 -14.79 -68.04 -3.23
CA PHE B 272 -13.88 -67.32 -2.32
C PHE B 272 -14.52 -66.42 -1.27
N ARG B 273 -14.05 -66.46 -0.04
CA ARG B 273 -14.68 -65.82 1.11
C ARG B 273 -13.59 -65.68 2.17
N GLY B 274 -13.52 -64.61 2.94
CA GLY B 274 -12.69 -64.73 4.13
C GLY B 274 -13.32 -64.07 5.31
N GLU B 275 -12.46 -63.64 6.23
CA GLU B 275 -12.90 -63.05 7.47
C GLU B 275 -13.92 -61.92 7.25
N PRO B 276 -13.77 -60.97 6.32
CA PRO B 276 -14.68 -59.86 6.28
C PRO B 276 -16.07 -60.30 6.00
N GLN B 277 -16.23 -61.26 5.08
CA GLN B 277 -17.47 -61.93 4.77
C GLN B 277 -18.14 -62.69 5.96
N ASP B 278 -17.33 -63.36 6.79
CA ASP B 278 -17.72 -64.28 7.88
C ASP B 278 -18.12 -63.40 9.05
N LEU B 279 -17.33 -62.36 9.35
CA LEU B 279 -17.69 -61.29 10.28
C LEU B 279 -18.80 -60.35 9.79
N LYS B 280 -19.21 -60.45 8.52
CA LYS B 280 -20.15 -59.44 8.00
C LYS B 280 -19.76 -57.93 8.29
N LEU B 281 -18.50 -57.57 8.29
CA LEU B 281 -18.12 -56.08 8.20
C LEU B 281 -18.97 -55.29 7.21
N PRO B 282 -19.41 -54.08 7.59
CA PRO B 282 -20.33 -53.35 6.71
C PRO B 282 -19.72 -53.12 5.30
N THR B 283 -18.43 -52.95 5.16
CA THR B 283 -17.92 -52.68 3.80
C THR B 283 -17.46 -53.92 3.05
N ALA B 284 -17.52 -55.11 3.65
CA ALA B 284 -17.25 -56.42 2.97
C ALA B 284 -18.31 -56.81 1.93
N PRO B 285 -17.99 -56.83 0.66
CA PRO B 285 -18.94 -57.36 -0.33
C PRO B 285 -19.22 -58.78 0.00
N SER B 286 -20.40 -59.30 -0.33
CA SER B 286 -20.68 -60.69 -0.22
C SER B 286 -19.76 -61.58 -1.00
N LYS B 287 -19.37 -61.13 -2.22
CA LYS B 287 -18.56 -61.98 -3.09
C LYS B 287 -17.37 -61.12 -3.46
N PRO B 288 -16.35 -61.22 -2.65
CA PRO B 288 -15.19 -60.28 -2.99
C PRO B 288 -14.59 -60.65 -4.35
N ILE B 289 -14.89 -61.84 -4.88
CA ILE B 289 -14.61 -62.09 -6.29
C ILE B 289 -15.87 -62.49 -7.04
N ILE B 290 -16.41 -61.69 -7.96
CA ILE B 290 -17.53 -62.17 -8.75
C ILE B 290 -17.01 -62.78 -10.10
N VAL B 291 -17.51 -63.87 -10.53
CA VAL B 291 -16.99 -64.46 -11.70
C VAL B 291 -18.08 -64.29 -12.79
N MET B 292 -17.69 -63.80 -13.98
CA MET B 292 -18.59 -63.67 -15.09
C MET B 292 -18.25 -64.74 -16.20
N ASN B 293 -19.25 -65.07 -16.93
CA ASN B 293 -19.25 -66.15 -17.87
C ASN B 293 -19.20 -65.71 -19.39
N GLU B 294 -19.64 -64.55 -19.71
CA GLU B 294 -19.71 -64.14 -21.14
C GLU B 294 -18.25 -63.85 -21.65
N ASP B 295 -18.04 -64.20 -22.91
CA ASP B 295 -16.59 -64.20 -23.38
C ASP B 295 -16.28 -62.71 -23.69
N THR B 296 -17.23 -61.78 -23.48
CA THR B 296 -16.95 -60.30 -23.66
C THR B 296 -17.01 -59.52 -22.34
N ARG B 297 -16.82 -60.19 -21.20
CA ARG B 297 -16.85 -59.48 -19.92
C ARG B 297 -15.76 -60.01 -19.00
N PRO B 298 -15.35 -59.25 -17.97
CA PRO B 298 -15.84 -57.91 -17.60
C PRO B 298 -15.45 -56.78 -18.60
N GLN B 299 -16.21 -55.67 -18.69
CA GLN B 299 -15.86 -54.49 -19.34
C GLN B 299 -15.72 -53.35 -18.32
N VAL B 300 -14.69 -52.50 -18.44
CA VAL B 300 -14.41 -51.55 -17.37
C VAL B 300 -15.68 -50.74 -17.13
N TYR B 301 -16.43 -50.37 -18.15
CA TYR B 301 -17.32 -49.29 -17.93
C TYR B 301 -18.43 -49.97 -17.03
N PHE B 302 -18.78 -51.20 -17.39
CA PHE B 302 -20.02 -51.81 -16.93
C PHE B 302 -19.84 -52.63 -15.65
N ASP B 303 -18.62 -53.01 -15.30
CA ASP B 303 -18.44 -54.00 -14.21
C ASP B 303 -17.57 -53.39 -13.16
N ARG B 304 -17.23 -52.12 -13.31
CA ARG B 304 -16.37 -51.67 -12.16
C ARG B 304 -17.11 -51.26 -10.88
N TRP B 305 -18.42 -51.15 -10.94
CA TRP B 305 -19.19 -50.72 -9.75
C TRP B 305 -20.02 -51.98 -9.33
N ALA B 306 -19.47 -53.19 -9.43
CA ALA B 306 -20.22 -54.47 -9.24
C ALA B 306 -20.25 -54.77 -7.72
N GLY B 307 -21.11 -55.73 -7.27
CA GLY B 307 -21.03 -56.19 -5.85
C GLY B 307 -22.15 -55.45 -5.07
N ASP B 308 -22.57 -56.01 -3.90
CA ASP B 308 -23.65 -55.43 -3.07
C ASP B 308 -23.04 -54.24 -2.30
N ILE B 309 -21.69 -54.14 -2.20
CA ILE B 309 -21.01 -52.87 -1.80
C ILE B 309 -20.24 -52.36 -3.08
N PRO B 310 -20.82 -51.45 -3.89
CA PRO B 310 -20.30 -51.27 -5.26
C PRO B 310 -18.79 -50.82 -5.30
N GLY B 311 -17.96 -51.45 -6.14
CA GLY B 311 -16.51 -51.08 -6.23
C GLY B 311 -15.65 -51.93 -5.37
N MET B 312 -16.27 -52.75 -4.49
CA MET B 312 -15.46 -53.54 -3.54
C MET B 312 -15.13 -54.97 -4.04
N SER B 313 -15.76 -55.40 -5.11
CA SER B 313 -15.50 -56.77 -5.58
C SER B 313 -14.46 -56.72 -6.73
N VAL B 314 -13.51 -57.69 -6.82
CA VAL B 314 -12.76 -57.87 -8.02
C VAL B 314 -13.66 -58.71 -8.90
N VAL B 315 -13.84 -58.30 -10.16
CA VAL B 315 -14.64 -59.07 -11.09
C VAL B 315 -13.70 -59.83 -11.99
N VAL B 316 -13.92 -61.10 -12.25
CA VAL B 316 -13.00 -61.91 -13.00
C VAL B 316 -13.82 -62.54 -14.08
N GLY B 317 -13.24 -62.65 -15.27
CA GLY B 317 -13.93 -63.22 -16.43
C GLY B 317 -12.99 -64.11 -17.24
N ARG B 318 -13.51 -64.69 -18.30
CA ARG B 318 -12.71 -65.25 -19.33
C ARG B 318 -11.92 -66.52 -18.88
N LEU B 319 -12.18 -67.11 -17.72
CA LEU B 319 -11.48 -68.34 -17.26
C LEU B 319 -11.43 -69.34 -18.35
N LYS B 320 -10.26 -69.86 -18.60
CA LYS B 320 -10.06 -70.74 -19.69
C LYS B 320 -8.79 -71.54 -19.62
N GLN B 321 -8.86 -72.77 -20.06
CA GLN B 321 -7.73 -73.66 -20.16
C GLN B 321 -6.85 -73.25 -21.32
N VAL B 322 -5.60 -73.01 -21.02
CA VAL B 322 -4.67 -72.67 -22.11
C VAL B 322 -3.99 -73.98 -22.54
N ASN B 323 -3.35 -74.65 -21.61
CA ASN B 323 -2.91 -76.07 -21.82
C ASN B 323 -3.12 -76.73 -20.46
N LYS B 324 -2.67 -77.98 -20.23
CA LYS B 324 -3.00 -78.62 -18.92
C LYS B 324 -2.42 -77.94 -17.70
N ARG B 325 -1.39 -77.09 -17.91
CA ARG B 325 -0.75 -76.56 -16.73
C ARG B 325 -0.86 -75.06 -16.79
N MET B 326 -1.77 -74.56 -17.61
CA MET B 326 -1.86 -73.09 -17.76
C MET B 326 -3.30 -72.71 -18.10
N ILE B 327 -3.76 -71.65 -17.47
CA ILE B 327 -5.09 -71.12 -17.68
C ILE B 327 -4.95 -69.59 -17.91
N ARG B 328 -6.00 -68.99 -18.46
CA ARG B 328 -5.95 -67.56 -18.65
C ARG B 328 -7.21 -66.96 -17.93
N LEU B 329 -7.11 -65.76 -17.35
CA LEU B 329 -8.28 -65.01 -16.88
C LEU B 329 -7.96 -63.56 -16.97
N VAL B 330 -9.00 -62.70 -16.88
CA VAL B 330 -8.86 -61.29 -16.78
C VAL B 330 -9.51 -60.85 -15.41
N SER B 331 -9.04 -59.76 -14.81
CA SER B 331 -9.73 -59.19 -13.72
C SER B 331 -9.83 -57.72 -13.74
N LEU B 332 -10.79 -57.18 -13.03
CA LEU B 332 -11.18 -55.74 -13.22
C LEU B 332 -11.32 -55.36 -11.76
N ILE B 333 -10.57 -54.40 -11.26
CA ILE B 333 -10.73 -53.91 -9.94
C ILE B 333 -11.11 -52.39 -10.02
N HIS B 334 -11.93 -51.86 -9.05
CA HIS B 334 -12.13 -50.51 -8.98
C HIS B 334 -10.95 -49.94 -8.25
N ASN B 335 -10.15 -49.10 -8.87
CA ASN B 335 -8.83 -48.76 -8.27
C ASN B 335 -8.90 -47.82 -7.14
N THR B 336 -9.91 -46.95 -7.04
CA THR B 336 -9.90 -46.12 -5.81
C THR B 336 -10.94 -46.57 -4.79
N VAL B 337 -11.73 -47.61 -5.06
CA VAL B 337 -12.65 -48.13 -3.97
C VAL B 337 -12.04 -49.38 -3.36
N ARG B 338 -12.28 -50.54 -3.94
CA ARG B 338 -11.37 -51.67 -3.50
C ARG B 338 -9.89 -51.31 -3.46
N GLY B 339 -9.40 -50.54 -4.49
CA GLY B 339 -7.89 -50.47 -4.71
C GLY B 339 -7.32 -49.53 -3.70
N ALA B 340 -8.22 -48.79 -3.04
CA ALA B 340 -7.64 -47.78 -2.07
C ALA B 340 -8.65 -47.44 -0.91
N ALA B 341 -9.64 -46.53 -1.10
CA ALA B 341 -10.41 -46.05 0.07
C ALA B 341 -11.35 -47.19 0.70
N GLY B 342 -12.02 -47.97 -0.13
CA GLY B 342 -12.95 -49.07 0.27
C GLY B 342 -12.17 -50.11 1.06
N GLY B 343 -10.99 -50.58 0.55
CA GLY B 343 -10.16 -51.47 1.27
C GLY B 343 -9.56 -50.90 2.58
N GLY B 344 -9.30 -49.58 2.64
CA GLY B 344 -8.82 -48.97 3.94
C GLY B 344 -10.05 -48.99 4.91
N ILE B 345 -11.27 -48.79 4.42
CA ILE B 345 -12.41 -48.74 5.31
C ILE B 345 -12.59 -50.17 5.86
N LEU B 346 -12.60 -51.14 4.94
CA LEU B 346 -12.71 -52.54 5.31
C LEU B 346 -11.61 -52.86 6.31
N ALA B 347 -10.36 -52.42 6.03
CA ALA B 347 -9.25 -52.68 7.09
C ALA B 347 -9.58 -52.10 8.44
N ALA B 348 -10.23 -50.94 8.44
CA ALA B 348 -10.48 -50.26 9.70
C ALA B 348 -11.58 -51.12 10.40
N GLU B 349 -12.58 -51.61 9.66
CA GLU B 349 -13.62 -52.49 10.22
C GLU B 349 -13.09 -53.72 10.94
N LEU B 350 -12.19 -54.42 10.27
CA LEU B 350 -11.49 -55.52 10.79
C LEU B 350 -10.74 -55.15 12.03
N LEU B 351 -9.96 -54.11 11.99
CA LEU B 351 -9.29 -53.73 13.25
C LEU B 351 -10.26 -53.39 14.39
N VAL B 352 -11.41 -52.78 14.05
CA VAL B 352 -12.32 -52.51 15.14
C VAL B 352 -12.76 -53.93 15.72
N GLU B 353 -13.24 -54.83 14.87
CA GLU B 353 -13.79 -56.08 15.31
C GLU B 353 -12.67 -56.80 16.10
N LYS B 354 -11.37 -56.69 15.71
CA LYS B 354 -10.36 -57.45 16.44
C LYS B 354 -9.90 -56.71 17.66
N GLY B 355 -10.44 -55.50 17.85
CA GLY B 355 -10.14 -54.75 19.09
C GLY B 355 -8.78 -53.94 19.00
N TYR B 356 -8.13 -53.93 17.86
CA TYR B 356 -6.99 -53.01 17.62
C TYR B 356 -7.39 -51.46 17.64
N ILE B 357 -8.68 -51.16 17.39
CA ILE B 357 -9.23 -49.80 17.42
C ILE B 357 -10.46 -49.72 18.27
N GLU B 358 -10.57 -48.78 19.18
CA GLU B 358 -11.42 -48.92 20.30
C GLU B 358 -12.14 -47.66 20.68
N LYS B 359 -13.38 -47.78 21.13
CA LYS B 359 -14.15 -46.61 21.53
C LYS B 359 -13.70 -46.13 22.92
N ARG C 6 14.66 -9.12 46.68
CA ARG C 6 14.19 -10.04 45.57
C ARG C 6 14.13 -9.49 44.10
N THR C 7 15.26 -9.28 43.40
CA THR C 7 15.23 -8.56 42.08
C THR C 7 15.52 -9.39 40.81
N LEU C 8 14.62 -9.28 39.83
CA LEU C 8 14.78 -9.93 38.49
C LEU C 8 15.50 -9.09 37.43
N LYS C 9 16.65 -9.57 36.98
CA LYS C 9 17.51 -8.88 36.05
C LYS C 9 17.08 -9.11 34.58
N ALA C 10 16.56 -8.05 33.93
CA ALA C 10 16.11 -8.10 32.52
C ALA C 10 17.12 -7.52 31.53
N ALA C 11 17.31 -8.25 30.42
CA ALA C 11 18.04 -7.72 29.24
C ALA C 11 17.00 -7.19 28.31
N ILE C 12 17.20 -5.96 27.83
CA ILE C 12 16.38 -5.41 26.71
C ILE C 12 17.17 -5.44 25.39
N LEU C 13 16.67 -6.26 24.47
CA LEU C 13 17.22 -6.30 23.13
C LEU C 13 16.64 -5.08 22.41
N GLY C 14 17.37 -4.62 21.38
CA GLY C 14 16.96 -3.42 20.69
C GLY C 14 16.67 -2.28 21.65
N ALA C 15 17.54 -2.08 22.64
CA ALA C 15 17.18 -1.26 23.74
C ALA C 15 17.02 0.24 23.35
N THR C 16 17.71 0.67 22.29
CA THR C 16 17.64 2.11 21.90
C THR C 16 16.47 2.35 20.94
N GLY C 17 15.87 1.28 20.42
CA GLY C 17 14.79 1.40 19.46
C GLY C 17 13.51 1.89 20.12
N LEU C 18 12.49 2.09 19.30
CA LEU C 18 11.22 2.72 19.68
C LEU C 18 10.39 1.87 20.63
N VAL C 19 10.62 0.54 20.59
CA VAL C 19 10.03 -0.36 21.58
C VAL C 19 10.97 -0.49 22.78
N GLY C 20 12.29 -0.69 22.53
CA GLY C 20 13.34 -0.67 23.60
C GLY C 20 13.13 0.43 24.63
N ILE C 21 12.97 1.66 24.15
CA ILE C 21 12.76 2.82 25.05
C ILE C 21 11.51 2.66 25.96
N GLU C 22 10.50 1.89 25.57
CA GLU C 22 9.35 1.71 26.47
C GLU C 22 9.65 0.68 27.57
N TYR C 23 10.39 -0.38 27.24
CA TYR C 23 10.96 -1.25 28.28
C TYR C 23 11.80 -0.45 29.25
N VAL C 24 12.75 0.34 28.76
CA VAL C 24 13.55 1.15 29.63
C VAL C 24 12.71 2.07 30.51
N ARG C 25 11.72 2.76 29.95
CA ARG C 25 10.90 3.69 30.76
C ARG C 25 10.09 3.00 31.80
N MET C 26 9.42 1.93 31.43
CA MET C 26 8.52 1.20 32.35
C MET C 26 9.23 0.37 33.44
N LEU C 27 10.31 -0.30 33.07
CA LEU C 27 11.09 -1.10 34.01
C LEU C 27 11.87 -0.24 35.03
N SER C 28 11.89 1.07 34.81
CA SER C 28 12.62 1.98 35.68
C SER C 28 11.85 2.15 36.96
N ASN C 29 10.52 2.15 36.83
CA ASN C 29 9.59 2.37 37.94
C ASN C 29 8.93 1.07 38.35
N HIS C 30 9.63 -0.04 38.09
CA HIS C 30 9.05 -1.38 38.30
C HIS C 30 9.47 -1.89 39.64
N PRO C 31 8.51 -2.46 40.39
CA PRO C 31 8.79 -2.82 41.79
C PRO C 31 9.75 -3.97 41.96
N TYR C 32 9.95 -4.78 40.92
CA TYR C 32 10.85 -5.98 41.03
C TYR C 32 11.52 -6.51 39.73
N ILE C 33 11.16 -5.98 38.56
CA ILE C 33 11.98 -6.16 37.35
C ILE C 33 12.86 -4.93 36.98
N LYS C 34 14.19 -5.15 36.98
CA LYS C 34 15.24 -4.14 36.74
C LYS C 34 15.77 -4.18 35.30
N PRO C 35 15.83 -3.04 34.62
CA PRO C 35 16.50 -3.01 33.29
C PRO C 35 18.04 -3.06 33.44
N ALA C 36 18.62 -4.25 33.54
CA ALA C 36 20.02 -4.41 33.95
C ALA C 36 21.01 -4.48 32.80
N TYR C 37 20.53 -4.88 31.62
CA TYR C 37 21.38 -5.15 30.49
C TYR C 37 20.67 -4.59 29.24
N LEU C 38 21.24 -3.49 28.74
CA LEU C 38 20.79 -2.86 27.51
C LEU C 38 21.61 -3.39 26.36
N ALA C 39 20.95 -4.15 25.53
CA ALA C 39 21.63 -4.79 24.42
C ALA C 39 21.41 -4.01 23.13
N GLY C 40 22.44 -4.02 22.26
CA GLY C 40 22.35 -3.53 20.87
C GLY C 40 23.23 -4.30 19.91
N LYS C 41 23.52 -3.67 18.78
CA LYS C 41 24.45 -4.20 17.80
C LYS C 41 25.22 -3.03 17.21
N GLY C 42 24.48 -2.08 16.64
CA GLY C 42 25.05 -0.94 15.93
C GLY C 42 25.86 0.10 16.72
N SER C 43 25.57 0.25 18.00
CA SER C 43 26.29 1.22 18.81
C SER C 43 26.85 0.61 20.11
N VAL C 44 27.31 -0.64 20.02
CA VAL C 44 27.88 -1.38 21.17
C VAL C 44 29.10 -0.61 21.66
N GLY C 45 29.22 -0.47 22.98
CA GLY C 45 30.37 0.25 23.58
C GLY C 45 30.10 1.69 23.91
N LYS C 46 29.11 2.28 23.22
CA LYS C 46 28.66 3.67 23.46
C LYS C 46 27.70 3.69 24.67
N PRO C 47 27.67 4.80 25.42
CA PRO C 47 26.70 4.96 26.50
C PRO C 47 25.28 5.15 25.96
N TYR C 48 24.30 4.56 26.64
CA TYR C 48 22.91 4.60 26.17
C TYR C 48 22.41 6.03 25.87
N GLY C 49 22.63 6.96 26.80
CA GLY C 49 22.03 8.29 26.70
C GLY C 49 22.49 9.11 25.52
N GLU C 50 23.70 8.83 25.01
CA GLU C 50 24.23 9.45 23.80
C GLU C 50 23.60 9.00 22.52
N VAL C 51 23.03 7.82 22.47
CA VAL C 51 22.60 7.33 21.18
C VAL C 51 21.10 7.16 21.06
N VAL C 52 20.43 6.94 22.17
CA VAL C 52 18.98 6.71 22.11
C VAL C 52 18.25 7.91 21.50
N ARG C 53 17.29 7.57 20.66
CA ARG C 53 16.32 8.51 20.23
C ARG C 53 15.18 8.45 21.26
N TRP C 54 15.17 9.35 22.25
CA TRP C 54 14.11 9.33 23.26
C TRP C 54 12.78 9.86 22.78
N GLN C 55 12.11 9.12 21.90
CA GLN C 55 10.91 9.61 21.31
C GLN C 55 9.68 9.12 22.09
N THR C 56 9.54 9.58 23.33
CA THR C 56 8.41 9.16 24.18
C THR C 56 8.26 10.13 25.33
N VAL C 57 7.30 9.88 26.20
CA VAL C 57 7.02 10.82 27.28
C VAL C 57 8.23 11.01 28.24
N GLY C 58 8.36 12.20 28.81
CA GLY C 58 9.36 12.47 29.88
C GLY C 58 10.78 12.42 29.35
N GLN C 59 11.71 12.05 30.21
CA GLN C 59 13.12 12.04 29.84
C GLN C 59 13.74 10.65 29.98
N VAL C 60 14.91 10.42 29.42
CA VAL C 60 15.68 9.22 29.76
C VAL C 60 16.00 9.25 31.23
N PRO C 61 15.73 8.17 31.97
CA PRO C 61 15.99 8.14 33.44
C PRO C 61 17.47 8.19 33.72
N LYS C 62 17.90 8.95 34.74
CA LYS C 62 19.33 9.30 34.89
C LYS C 62 20.23 8.07 35.11
N GLU C 63 19.72 7.10 35.85
CA GLU C 63 20.54 5.95 36.18
C GLU C 63 20.86 5.04 34.99
N ILE C 64 20.07 5.13 33.92
CA ILE C 64 20.25 4.35 32.72
C ILE C 64 21.15 5.04 31.69
N ALA C 65 21.13 6.38 31.63
CA ALA C 65 21.82 7.13 30.61
C ALA C 65 23.30 6.77 30.44
N ASP C 66 23.97 6.42 31.53
CA ASP C 66 25.41 6.09 31.51
C ASP C 66 25.83 4.61 31.32
N MET C 67 24.87 3.68 31.40
CA MET C 67 25.10 2.29 31.06
C MET C 67 25.57 2.12 29.62
N GLU C 68 26.43 1.13 29.41
CA GLU C 68 27.00 0.85 28.10
C GLU C 68 26.04 0.00 27.31
N ILE C 69 25.95 0.24 26.00
CA ILE C 69 25.20 -0.65 25.15
C ILE C 69 26.07 -1.87 24.96
N LYS C 70 25.53 -3.03 25.27
CA LYS C 70 26.35 -4.22 25.32
C LYS C 70 25.95 -5.21 24.18
N PRO C 71 26.83 -6.17 23.83
CA PRO C 71 26.58 -6.99 22.63
C PRO C 71 25.38 -7.84 22.88
N THR C 72 24.67 -8.19 21.83
CA THR C 72 23.60 -9.18 21.94
C THR C 72 24.19 -10.60 21.86
N ASP C 73 24.72 -11.07 23.00
CA ASP C 73 25.44 -12.36 23.09
C ASP C 73 24.95 -13.13 24.31
N PRO C 74 24.35 -14.30 24.07
CA PRO C 74 23.95 -15.24 25.15
C PRO C 74 25.06 -15.61 26.14
N LYS C 75 26.16 -16.13 25.64
CA LYS C 75 27.36 -16.42 26.47
C LYS C 75 28.10 -15.20 27.05
N LEU C 76 27.35 -14.28 27.67
CA LEU C 76 27.88 -13.02 28.22
C LEU C 76 26.84 -12.45 29.17
N MET C 77 25.73 -13.16 29.29
CA MET C 77 24.62 -12.70 30.08
C MET C 77 24.26 -13.54 31.32
N ASP C 78 25.10 -14.49 31.71
CA ASP C 78 24.73 -15.47 32.77
C ASP C 78 24.40 -14.79 34.12
N ASP C 79 24.45 -13.45 34.12
CA ASP C 79 23.94 -12.66 35.22
C ASP C 79 22.52 -12.17 34.97
N VAL C 80 21.95 -12.57 33.84
CA VAL C 80 20.60 -12.15 33.44
C VAL C 80 19.52 -13.20 33.69
N ASP C 81 18.32 -12.72 34.05
CA ASP C 81 17.17 -13.57 34.33
C ASP C 81 16.13 -13.60 33.23
N ILE C 82 15.79 -12.44 32.61
CA ILE C 82 14.79 -12.36 31.52
C ILE C 82 15.36 -11.66 30.28
N ILE C 83 14.98 -12.15 29.10
CA ILE C 83 15.25 -11.52 27.82
C ILE C 83 13.94 -10.97 27.24
N PHE C 84 13.90 -9.66 27.03
CA PHE C 84 12.82 -9.00 26.27
C PHE C 84 13.34 -8.61 24.86
N SER C 85 12.65 -9.10 23.84
CA SER C 85 13.18 -9.05 22.49
C SER C 85 12.16 -8.50 21.54
N PRO C 86 12.40 -7.25 21.08
CA PRO C 86 11.60 -6.55 20.06
C PRO C 86 12.38 -6.33 18.76
N LEU C 87 13.26 -7.28 18.45
CA LEU C 87 14.11 -7.19 17.30
C LEU C 87 13.39 -7.17 15.94
N PRO C 88 14.11 -6.75 14.89
CA PRO C 88 13.53 -6.77 13.51
C PRO C 88 13.20 -8.16 12.95
N GLN C 89 12.04 -8.26 12.30
CA GLN C 89 11.67 -9.44 11.52
C GLN C 89 12.86 -10.12 10.85
N GLY C 90 12.98 -11.43 10.98
CA GLY C 90 14.00 -12.18 10.25
C GLY C 90 15.31 -12.35 10.99
N ALA C 91 15.71 -11.32 11.69
CA ALA C 91 16.90 -11.42 12.53
C ALA C 91 16.57 -11.98 13.93
N ALA C 92 15.28 -11.85 14.34
CA ALA C 92 14.80 -12.15 15.69
C ALA C 92 14.78 -13.63 15.92
N GLY C 93 14.20 -14.33 14.93
CA GLY C 93 13.93 -15.74 15.02
C GLY C 93 15.12 -16.56 15.51
N PRO C 94 16.27 -16.39 14.85
CA PRO C 94 17.43 -17.23 15.20
C PRO C 94 18.19 -16.77 16.47
N VAL C 95 18.09 -15.50 16.77
CA VAL C 95 18.67 -14.97 17.99
C VAL C 95 17.82 -15.38 19.22
N GLU C 96 16.50 -15.45 19.06
CA GLU C 96 15.62 -15.84 20.14
C GLU C 96 15.87 -17.34 20.52
N GLU C 97 16.04 -18.16 19.48
CA GLU C 97 16.40 -19.57 19.63
C GLU C 97 17.74 -19.76 20.32
N GLN C 98 18.72 -18.90 20.05
CA GLN C 98 20.03 -19.03 20.72
C GLN C 98 19.86 -18.88 22.23
N PHE C 99 18.96 -17.95 22.60
CA PHE C 99 18.66 -17.62 24.00
C PHE C 99 17.92 -18.75 24.76
N ALA C 100 16.98 -19.41 24.11
CA ALA C 100 16.28 -20.58 24.72
C ALA C 100 17.23 -21.76 24.93
N LYS C 101 17.95 -22.08 23.85
CA LYS C 101 19.08 -23.00 23.80
C LYS C 101 20.05 -22.77 24.96
N GLU C 102 20.21 -21.52 25.37
CA GLU C 102 21.15 -21.22 26.45
C GLU C 102 20.50 -21.10 27.82
N GLY C 103 19.20 -21.32 27.90
CA GLY C 103 18.52 -21.40 29.17
C GLY C 103 17.64 -20.24 29.61
N PHE C 104 17.57 -19.15 28.83
CA PHE C 104 16.76 -17.95 29.17
C PHE C 104 15.27 -18.11 28.77
N PRO C 105 14.36 -17.63 29.63
CA PRO C 105 13.03 -17.20 29.15
C PRO C 105 13.19 -15.94 28.26
N VAL C 106 12.41 -15.93 27.17
CA VAL C 106 12.42 -14.91 26.13
C VAL C 106 10.96 -14.44 25.84
N ILE C 107 10.65 -13.19 26.12
CA ILE C 107 9.36 -12.61 25.71
C ILE C 107 9.61 -11.76 24.43
N SER C 108 9.04 -12.16 23.31
CA SER C 108 9.30 -11.51 22.01
C SER C 108 8.15 -10.60 21.59
N ASN C 109 8.45 -9.36 21.19
CA ASN C 109 7.45 -8.59 20.40
C ASN C 109 7.52 -8.78 18.86
N SER C 110 8.41 -9.66 18.36
CA SER C 110 8.72 -9.86 16.92
C SER C 110 7.83 -10.90 16.25
N PRO C 111 7.55 -10.73 14.94
CA PRO C 111 6.62 -11.63 14.21
C PRO C 111 7.06 -13.09 14.13
N ASP C 112 8.35 -13.35 14.34
CA ASP C 112 9.02 -14.57 13.80
C ASP C 112 8.53 -15.93 14.29
N HIS C 113 8.26 -15.99 15.60
CA HIS C 113 7.88 -17.22 16.29
C HIS C 113 6.44 -17.16 16.64
N ARG C 114 5.69 -16.18 16.13
CA ARG C 114 4.31 -15.95 16.51
C ARG C 114 3.40 -17.04 16.07
N PHE C 115 3.78 -17.81 15.06
CA PHE C 115 2.92 -18.90 14.64
C PHE C 115 3.51 -20.28 14.82
N ASP C 116 4.68 -20.40 15.45
CA ASP C 116 5.16 -21.71 15.89
C ASP C 116 4.07 -22.48 16.73
N PRO C 117 3.81 -23.75 16.43
CA PRO C 117 2.63 -24.40 17.09
C PRO C 117 2.74 -24.38 18.65
N ASP C 118 3.97 -24.60 19.13
CA ASP C 118 4.39 -24.76 20.54
C ASP C 118 4.64 -23.45 21.31
N VAL C 119 4.45 -22.32 20.63
CA VAL C 119 4.77 -20.99 21.14
C VAL C 119 3.52 -20.16 21.34
N PRO C 120 3.37 -19.64 22.55
CA PRO C 120 2.22 -18.78 22.86
C PRO C 120 2.29 -17.42 22.16
N LEU C 121 1.11 -17.04 21.69
CA LEU C 121 0.84 -15.75 21.14
C LEU C 121 -0.06 -14.99 22.13
N LEU C 122 0.60 -14.34 23.09
CA LEU C 122 -0.01 -14.04 24.39
C LEU C 122 -0.62 -12.66 24.62
N VAL C 123 -1.96 -12.60 24.71
CA VAL C 123 -2.59 -11.49 25.43
C VAL C 123 -2.97 -11.95 26.86
N PRO C 124 -2.29 -11.40 27.88
CA PRO C 124 -2.53 -11.88 29.28
C PRO C 124 -4.02 -11.92 29.72
N GLU C 125 -4.82 -10.91 29.37
CA GLU C 125 -6.26 -10.88 29.61
C GLU C 125 -7.09 -11.94 28.87
N LEU C 126 -6.59 -12.46 27.75
CA LEU C 126 -7.42 -13.26 26.83
C LEU C 126 -7.10 -14.75 26.80
N ASN C 127 -5.84 -15.11 26.63
CA ASN C 127 -5.43 -16.48 26.61
C ASN C 127 -4.39 -16.88 27.68
N PRO C 128 -4.62 -16.47 28.93
CA PRO C 128 -3.62 -16.69 29.95
C PRO C 128 -3.09 -18.13 30.00
N HIS C 129 -3.96 -19.14 29.82
CA HIS C 129 -3.62 -20.56 30.06
C HIS C 129 -2.75 -21.18 28.94
N THR C 130 -2.61 -20.45 27.83
CA THR C 130 -1.88 -20.98 26.66
C THR C 130 -0.38 -21.06 26.96
N ILE C 131 0.03 -20.38 28.03
CA ILE C 131 1.38 -20.49 28.50
C ILE C 131 1.89 -21.96 28.61
N SER C 132 1.03 -22.94 29.02
CA SER C 132 1.51 -24.32 29.21
C SER C 132 1.92 -25.02 27.93
N LEU C 133 1.92 -24.28 26.83
CA LEU C 133 2.47 -24.76 25.56
C LEU C 133 4.00 -24.84 25.69
N ILE C 134 4.49 -24.18 26.74
CA ILE C 134 5.91 -24.09 27.05
C ILE C 134 6.48 -25.48 27.27
N ASP C 135 5.67 -26.34 27.88
CA ASP C 135 6.12 -27.69 28.24
C ASP C 135 6.45 -28.57 27.01
N GLU C 136 5.52 -28.78 26.07
CA GLU C 136 5.88 -29.56 24.87
C GLU C 136 6.86 -28.83 23.99
N GLN C 137 6.91 -27.50 24.10
CA GLN C 137 7.97 -26.68 23.52
C GLN C 137 9.38 -27.10 24.00
N ARG C 138 9.56 -27.13 25.31
CA ARG C 138 10.83 -27.57 25.91
C ARG C 138 11.20 -29.00 25.48
N LYS C 139 10.27 -29.94 25.62
CA LYS C 139 10.44 -31.35 25.16
C LYS C 139 10.81 -31.35 23.67
N ARG C 140 9.88 -30.84 22.85
CA ARG C 140 10.01 -30.91 21.39
C ARG C 140 11.17 -30.12 20.77
N ARG C 141 11.60 -29.01 21.41
CA ARG C 141 12.78 -28.24 20.91
C ARG C 141 14.11 -28.53 21.62
N GLU C 142 14.05 -29.39 22.64
CA GLU C 142 15.20 -29.73 23.47
C GLU C 142 15.88 -28.44 24.01
N TRP C 143 15.10 -27.63 24.72
CA TRP C 143 15.74 -26.56 25.46
C TRP C 143 15.17 -26.25 26.84
N LYS C 144 16.05 -25.70 27.69
CA LYS C 144 15.75 -25.36 29.08
C LYS C 144 14.97 -24.04 29.20
N GLY C 145 15.35 -23.06 28.37
CA GLY C 145 14.65 -21.76 28.22
C GLY C 145 13.33 -21.94 27.47
N PHE C 146 12.75 -20.84 27.02
CA PHE C 146 11.55 -20.91 26.16
C PHE C 146 11.31 -19.59 25.43
N ILE C 147 10.37 -19.61 24.48
CA ILE C 147 9.92 -18.40 23.77
C ILE C 147 8.42 -18.14 23.99
N VAL C 148 8.06 -16.93 24.40
CA VAL C 148 6.69 -16.44 24.31
C VAL C 148 6.65 -15.21 23.38
N THR C 149 5.59 -15.06 22.61
CA THR C 149 5.46 -13.87 21.80
C THR C 149 4.21 -13.11 22.19
N THR C 150 4.21 -11.80 21.91
CA THR C 150 3.04 -10.94 21.99
C THR C 150 2.58 -10.66 20.57
N PRO C 151 1.32 -10.28 20.38
CA PRO C 151 0.82 -10.04 19.03
C PRO C 151 1.13 -8.66 18.51
N LEU C 152 1.06 -8.55 17.18
CA LEU C 152 1.22 -7.35 16.43
C LEU C 152 0.39 -6.30 17.08
N CYS C 153 1.02 -5.16 17.38
CA CYS C 153 0.31 -4.02 17.99
C CYS C 153 -1.07 -3.68 17.37
N THR C 154 -1.18 -3.70 16.05
CA THR C 154 -2.44 -3.44 15.36
C THR C 154 -3.46 -4.54 15.55
N ALA C 155 -3.01 -5.79 15.65
CA ALA C 155 -3.91 -6.93 15.93
C ALA C 155 -4.39 -6.86 17.41
N GLN C 156 -3.51 -6.45 18.34
CA GLN C 156 -3.90 -6.25 19.76
C GLN C 156 -5.00 -5.20 19.88
N GLY C 157 -4.91 -4.10 19.13
CA GLY C 157 -5.92 -3.07 19.11
C GLY C 157 -7.29 -3.63 18.81
N ALA C 158 -7.40 -4.66 17.95
CA ALA C 158 -8.71 -5.27 17.65
C ALA C 158 -9.05 -6.49 18.52
N ALA C 159 -8.09 -7.41 18.65
CA ALA C 159 -8.27 -8.67 19.36
C ALA C 159 -8.79 -8.42 20.79
N ILE C 160 -8.20 -7.44 21.49
CA ILE C 160 -8.66 -7.13 22.84
C ILE C 160 -10.23 -6.89 22.97
N PRO C 161 -10.83 -5.94 22.23
CA PRO C 161 -12.27 -5.75 22.33
C PRO C 161 -13.01 -6.93 21.74
N LEU C 162 -12.55 -7.37 20.57
CA LEU C 162 -13.21 -8.52 19.92
C LEU C 162 -13.19 -9.77 20.78
N GLY C 163 -12.05 -10.03 21.45
CA GLY C 163 -11.88 -11.20 22.30
C GLY C 163 -12.90 -11.16 23.43
N ALA C 164 -13.13 -9.95 23.94
CA ALA C 164 -14.10 -9.71 24.99
C ALA C 164 -15.52 -9.93 24.49
N ILE C 165 -15.80 -9.52 23.25
CA ILE C 165 -17.11 -9.69 22.69
C ILE C 165 -17.35 -11.16 22.41
N PHE C 166 -16.36 -11.79 21.74
CA PHE C 166 -16.41 -13.22 21.35
C PHE C 166 -16.65 -14.20 22.55
N LYS C 167 -16.03 -13.85 23.68
CA LYS C 167 -16.20 -14.60 24.94
C LYS C 167 -17.69 -14.83 25.26
N ASP C 168 -18.44 -13.75 25.12
CA ASP C 168 -19.79 -13.64 25.62
C ASP C 168 -20.88 -13.47 24.56
N TYR C 169 -20.51 -13.41 23.26
CA TYR C 169 -21.52 -13.24 22.20
C TYR C 169 -21.32 -14.11 20.96
N LYS C 170 -22.38 -14.23 20.17
CA LYS C 170 -22.39 -15.04 18.92
C LYS C 170 -21.87 -14.26 17.71
N MET C 171 -20.61 -13.87 17.82
CA MET C 171 -19.92 -12.97 16.89
C MET C 171 -19.45 -13.67 15.61
N ASP C 172 -19.94 -13.24 14.43
CA ASP C 172 -19.64 -13.99 13.18
C ASP C 172 -18.75 -13.21 12.17
N GLY C 173 -18.31 -12.04 12.62
CA GLY C 173 -17.63 -11.13 11.75
C GLY C 173 -17.11 -9.88 12.40
N ALA C 174 -15.92 -9.46 11.92
CA ALA C 174 -15.35 -8.17 12.27
C ALA C 174 -14.60 -7.64 11.06
N PHE C 175 -14.94 -6.41 10.69
CA PHE C 175 -14.50 -5.77 9.48
C PHE C 175 -13.87 -4.42 9.78
N ILE C 176 -12.55 -4.39 9.67
CA ILE C 176 -11.72 -3.42 10.40
C ILE C 176 -11.02 -2.45 9.47
N THR C 177 -11.05 -1.19 9.83
CA THR C 177 -10.20 -0.16 9.20
C THR C 177 -9.20 0.38 10.22
N THR C 178 -7.90 0.32 9.93
CA THR C 178 -6.90 0.88 10.86
C THR C 178 -6.21 2.09 10.23
N ILE C 179 -6.02 3.11 11.07
CA ILE C 179 -5.25 4.33 10.81
C ILE C 179 -4.09 4.44 11.83
N GLN C 180 -2.93 3.87 11.47
CA GLN C 180 -1.87 3.61 12.40
C GLN C 180 -0.78 4.68 12.40
N SER C 181 0.01 4.71 13.48
CA SER C 181 0.98 5.79 13.64
C SER C 181 2.34 5.37 13.15
N LEU C 182 3.27 6.31 13.15
CA LEU C 182 4.53 6.13 12.48
C LEU C 182 5.49 5.29 13.28
N SER C 183 5.35 5.32 14.59
CA SER C 183 6.32 4.69 15.49
C SER C 183 6.47 3.20 15.30
N GLY C 184 5.40 2.55 14.88
CA GLY C 184 5.45 1.14 14.70
C GLY C 184 6.35 0.70 13.57
N ALA C 185 6.68 1.61 12.65
CA ALA C 185 7.67 1.31 11.61
C ALA C 185 9.11 1.55 11.99
N GLY C 186 9.41 2.16 13.12
CA GLY C 186 10.79 2.25 13.50
C GLY C 186 11.44 3.50 12.87
N TYR C 187 12.76 3.56 12.99
CA TYR C 187 13.56 4.71 12.50
C TYR C 187 14.69 4.15 11.63
N PRO C 188 14.84 4.60 10.38
CA PRO C 188 14.15 5.68 9.70
C PRO C 188 12.69 5.42 9.49
N GLY C 189 12.36 4.15 9.24
CA GLY C 189 10.97 3.79 9.23
C GLY C 189 10.30 4.37 7.99
N ILE C 190 9.21 5.16 8.20
CA ILE C 190 8.33 5.63 7.10
C ILE C 190 8.83 7.01 6.55
N PRO C 191 9.19 7.07 5.25
CA PRO C 191 9.60 8.36 4.65
C PRO C 191 8.54 9.44 4.85
N SER C 192 8.97 10.61 5.32
CA SER C 192 8.13 11.77 5.55
C SER C 192 7.16 12.11 4.35
N LEU C 193 7.66 11.97 3.11
CA LEU C 193 6.84 12.24 1.91
C LEU C 193 5.72 11.22 1.76
N ASP C 194 5.80 10.10 2.48
CA ASP C 194 4.68 9.13 2.41
C ASP C 194 3.51 9.63 3.22
N VAL C 195 3.74 10.53 4.18
CA VAL C 195 2.63 10.82 5.11
C VAL C 195 2.19 12.26 5.21
N VAL C 196 2.94 13.18 4.60
CA VAL C 196 2.57 14.58 4.60
C VAL C 196 1.54 14.84 3.52
N ASP C 197 0.35 15.29 3.93
CA ASP C 197 -0.81 15.46 3.04
C ASP C 197 -1.05 14.16 2.26
N ASN C 198 -1.13 13.05 2.98
CA ASN C 198 -1.32 11.72 2.37
C ASN C 198 -1.75 10.60 3.34
N ILE C 199 -2.30 9.52 2.83
CA ILE C 199 -2.55 8.37 3.61
C ILE C 199 -1.81 7.23 2.97
N LEU C 200 -1.01 6.51 3.76
CA LEU C 200 -0.26 5.35 3.24
C LEU C 200 -0.94 3.98 3.53
N PRO C 201 -1.55 3.38 2.53
CA PRO C 201 -2.05 2.01 2.73
C PRO C 201 -0.89 0.99 2.84
N LEU C 202 -1.04 0.03 3.71
CA LEU C 202 0.03 -0.91 3.97
C LEU C 202 0.01 -2.20 3.08
N GLY C 203 -1.09 -2.45 2.40
CA GLY C 203 -1.07 -3.54 1.43
C GLY C 203 -1.76 -4.79 1.89
N ASP C 204 -2.08 -5.64 0.91
CA ASP C 204 -2.63 -6.95 1.16
C ASP C 204 -1.83 -7.78 2.17
N GLY C 205 -0.49 -7.79 2.05
CA GLY C 205 0.34 -8.52 2.99
C GLY C 205 0.07 -8.18 4.47
N TYR C 206 0.17 -6.92 4.85
CA TYR C 206 -0.04 -6.51 6.24
C TYR C 206 -1.51 -6.72 6.72
N ASP C 207 -2.45 -6.53 5.81
CA ASP C 207 -3.86 -6.80 6.08
C ASP C 207 -4.07 -8.24 6.52
N ALA C 208 -3.55 -9.19 5.73
CA ALA C 208 -3.70 -10.62 5.98
C ALA C 208 -2.99 -11.02 7.28
N LYS C 209 -1.81 -10.43 7.55
CA LYS C 209 -1.09 -10.92 8.72
C LYS C 209 -1.80 -10.41 9.99
N THR C 210 -2.50 -9.27 9.87
CA THR C 210 -3.41 -8.77 10.90
C THR C 210 -4.57 -9.75 11.27
N ILE C 211 -5.43 -10.04 10.29
CA ILE C 211 -6.41 -11.18 10.23
C ILE C 211 -5.88 -12.46 10.90
N LYS C 212 -4.78 -12.99 10.36
CA LYS C 212 -4.13 -14.24 10.82
C LYS C 212 -3.75 -14.19 12.32
N GLU C 213 -3.40 -13.02 12.82
CA GLU C 213 -3.06 -12.91 14.23
C GLU C 213 -4.27 -12.79 15.16
N ILE C 214 -5.27 -11.97 14.82
CA ILE C 214 -6.53 -11.97 15.55
C ILE C 214 -7.14 -13.41 15.70
N PHE C 215 -7.14 -14.15 14.59
CA PHE C 215 -7.68 -15.52 14.51
C PHE C 215 -7.03 -16.48 15.48
N ARG C 216 -5.72 -16.41 15.63
CA ARG C 216 -5.08 -17.38 16.51
C ARG C 216 -5.48 -17.07 17.95
N ILE C 217 -5.46 -15.79 18.31
CA ILE C 217 -5.89 -15.31 19.62
C ILE C 217 -7.38 -15.66 19.87
N LEU C 218 -8.27 -15.34 18.92
CA LEU C 218 -9.68 -15.66 19.12
C LEU C 218 -9.91 -17.15 19.33
N SER C 219 -9.07 -17.98 18.74
CA SER C 219 -9.18 -19.45 18.79
C SER C 219 -8.74 -20.01 20.14
N GLU C 220 -8.10 -19.13 20.93
CA GLU C 220 -7.59 -19.49 22.27
C GLU C 220 -8.39 -18.91 23.44
N VAL C 221 -9.42 -18.10 23.12
CA VAL C 221 -10.34 -17.59 24.13
C VAL C 221 -11.24 -18.72 24.72
N LYS C 222 -11.13 -18.96 26.03
CA LYS C 222 -12.10 -19.82 26.74
C LYS C 222 -13.48 -19.15 26.70
N ARG C 223 -14.42 -19.75 25.96
CA ARG C 223 -15.72 -19.11 25.68
C ARG C 223 -16.83 -19.43 26.72
N ASN C 224 -17.81 -18.52 26.81
CA ASN C 224 -19.03 -18.69 27.59
C ASN C 224 -20.24 -19.11 26.77
N VAL C 225 -20.29 -18.71 25.50
CA VAL C 225 -21.20 -19.31 24.50
C VAL C 225 -20.32 -20.14 23.51
N ASP C 226 -20.92 -21.09 22.78
CA ASP C 226 -20.13 -21.92 21.82
C ASP C 226 -20.61 -21.81 20.36
N GLU C 227 -21.10 -20.64 19.98
CA GLU C 227 -21.49 -20.38 18.60
C GLU C 227 -21.05 -18.99 18.10
N PRO C 228 -20.57 -18.92 16.82
CA PRO C 228 -20.33 -20.09 15.96
C PRO C 228 -18.92 -20.71 16.19
N LYS C 229 -18.59 -21.80 15.49
CA LYS C 229 -17.23 -22.35 15.52
C LYS C 229 -16.28 -21.28 14.98
N LEU C 230 -15.03 -21.27 15.44
CA LEU C 230 -14.04 -20.31 14.99
C LEU C 230 -13.87 -20.34 13.44
N GLU C 231 -13.93 -21.54 12.88
CA GLU C 231 -13.89 -21.72 11.44
C GLU C 231 -14.97 -20.94 10.63
N ASP C 232 -16.07 -20.56 11.27
CA ASP C 232 -17.15 -19.88 10.57
C ASP C 232 -17.19 -18.38 10.82
N VAL C 233 -16.24 -17.89 11.58
CA VAL C 233 -16.07 -16.44 11.80
C VAL C 233 -15.29 -15.78 10.65
N SER C 234 -15.75 -14.58 10.25
CA SER C 234 -15.16 -13.82 9.14
C SER C 234 -14.37 -12.56 9.57
N LEU C 235 -13.06 -12.56 9.45
CA LEU C 235 -12.28 -11.28 9.73
C LEU C 235 -11.79 -10.55 8.46
N ALA C 236 -11.81 -9.23 8.43
CA ALA C 236 -11.07 -8.48 7.38
C ALA C 236 -10.39 -7.28 8.02
N ALA C 237 -9.25 -6.84 7.47
CA ALA C 237 -8.66 -5.61 7.92
C ALA C 237 -8.21 -4.78 6.72
N THR C 238 -8.40 -3.46 6.79
CA THR C 238 -7.78 -2.55 5.84
C THR C 238 -6.86 -1.56 6.54
N THR C 239 -5.54 -1.75 6.39
CA THR C 239 -4.57 -1.00 7.21
C THR C 239 -3.88 0.11 6.45
N HIS C 240 -3.63 1.22 7.17
CA HIS C 240 -3.01 2.45 6.70
C HIS C 240 -2.16 3.09 7.77
N ARG C 241 -1.22 3.97 7.38
CA ARG C 241 -0.47 4.87 8.32
C ARG C 241 -0.69 6.35 8.01
N ILE C 242 -0.62 7.21 9.03
CA ILE C 242 -0.71 8.68 8.82
C ILE C 242 0.31 9.40 9.69
N ALA C 243 0.35 10.72 9.62
CA ALA C 243 1.36 11.48 10.39
C ALA C 243 1.12 11.70 11.93
N THR C 244 0.86 10.58 12.61
CA THR C 244 0.78 10.53 14.08
C THR C 244 1.98 9.76 14.56
N ILE C 245 2.34 10.00 15.82
CA ILE C 245 3.58 9.47 16.37
C ILE C 245 3.37 8.15 17.09
N HIS C 246 2.46 8.21 18.07
CA HIS C 246 2.04 7.02 18.81
C HIS C 246 0.53 6.83 18.75
N GLY C 247 0.08 5.58 18.76
CA GLY C 247 -1.34 5.33 18.78
C GLY C 247 -2.01 4.85 17.48
N HIS C 248 -2.47 3.59 17.47
CA HIS C 248 -3.17 3.09 16.31
C HIS C 248 -4.65 3.25 16.59
N TYR C 249 -5.34 3.91 15.70
CA TYR C 249 -6.80 4.04 15.79
C TYR C 249 -7.56 3.02 14.84
N GLU C 250 -8.53 2.27 15.36
CA GLU C 250 -9.23 1.34 14.54
C GLU C 250 -10.75 1.55 14.55
N VAL C 251 -11.39 1.37 13.39
CA VAL C 251 -12.84 1.31 13.30
C VAL C 251 -13.30 -0.12 13.00
N LEU C 252 -14.16 -0.63 13.90
CA LEU C 252 -14.66 -1.99 13.84
C LEU C 252 -16.19 -2.09 13.65
N TYR C 253 -16.60 -2.72 12.53
CA TYR C 253 -17.97 -3.14 12.31
C TYR C 253 -18.02 -4.62 12.65
N VAL C 254 -18.79 -4.93 13.71
CA VAL C 254 -18.90 -6.29 14.31
C VAL C 254 -20.28 -6.93 14.20
N SER C 255 -20.34 -8.09 13.53
CA SER C 255 -21.58 -8.75 13.21
C SER C 255 -21.89 -10.00 14.07
N PHE C 256 -23.16 -10.27 14.20
CA PHE C 256 -23.62 -11.37 15.06
C PHE C 256 -24.58 -12.30 14.38
N LYS C 257 -24.44 -13.58 14.72
CA LYS C 257 -25.35 -14.64 14.22
C LYS C 257 -26.82 -14.46 14.66
N GLU C 258 -27.02 -13.92 15.86
CA GLU C 258 -28.38 -13.61 16.33
C GLU C 258 -28.48 -12.16 16.85
N GLU C 259 -29.71 -11.68 17.04
CA GLU C 259 -30.00 -10.32 17.54
C GLU C 259 -29.16 -9.98 18.79
N THR C 260 -28.45 -8.86 18.74
CA THR C 260 -27.52 -8.46 19.79
C THR C 260 -27.66 -6.95 20.04
N ALA C 261 -27.77 -6.59 21.32
CA ALA C 261 -27.98 -5.21 21.73
C ALA C 261 -26.61 -4.52 21.94
N ALA C 262 -26.42 -3.38 21.29
CA ALA C 262 -25.25 -2.54 21.54
C ALA C 262 -25.02 -2.24 23.05
N GLU C 263 -26.09 -1.88 23.77
CA GLU C 263 -25.96 -1.56 25.17
C GLU C 263 -25.27 -2.71 25.89
N LYS C 264 -25.75 -3.93 25.64
CA LYS C 264 -25.30 -5.11 26.39
C LYS C 264 -23.81 -5.32 26.13
N VAL C 265 -23.42 -5.27 24.85
CA VAL C 265 -22.00 -5.39 24.50
C VAL C 265 -21.11 -4.33 25.19
N LYS C 266 -21.60 -3.09 25.28
CA LYS C 266 -20.88 -1.95 25.88
C LYS C 266 -20.52 -2.29 27.31
N GLU C 267 -21.48 -2.93 27.99
CA GLU C 267 -21.37 -3.34 29.40
C GLU C 267 -20.35 -4.47 29.58
N THR C 268 -20.36 -5.46 28.69
CA THR C 268 -19.35 -6.52 28.75
C THR C 268 -17.95 -5.90 28.66
N LEU C 269 -17.83 -4.83 27.85
CA LEU C 269 -16.55 -4.14 27.63
C LEU C 269 -16.14 -3.30 28.84
N GLU C 270 -17.06 -2.46 29.33
CA GLU C 270 -16.83 -1.69 30.54
C GLU C 270 -16.35 -2.62 31.65
N ASN C 271 -17.02 -3.76 31.76
CA ASN C 271 -16.77 -4.66 32.87
C ASN C 271 -15.67 -5.68 32.55
N PHE C 272 -15.02 -5.53 31.43
CA PHE C 272 -14.04 -6.56 31.07
C PHE C 272 -12.86 -6.58 32.03
N ARG C 273 -12.52 -7.78 32.50
CA ARG C 273 -11.29 -8.01 33.25
C ARG C 273 -10.94 -9.45 33.02
N GLY C 274 -9.69 -9.78 33.22
CA GLY C 274 -9.22 -11.14 33.04
C GLY C 274 -8.27 -11.39 34.18
N GLU C 275 -7.46 -12.44 34.05
CA GLU C 275 -6.56 -12.87 35.14
C GLU C 275 -5.59 -11.81 35.74
N PRO C 276 -4.87 -11.02 34.90
CA PRO C 276 -3.91 -10.03 35.43
C PRO C 276 -4.48 -8.99 36.41
N GLN C 277 -5.78 -8.67 36.28
CA GLN C 277 -6.48 -7.77 37.21
C GLN C 277 -6.81 -8.50 38.54
N ASP C 278 -7.29 -9.75 38.42
CA ASP C 278 -7.52 -10.66 39.56
C ASP C 278 -6.24 -10.81 40.34
N LEU C 279 -5.13 -11.05 39.62
CA LEU C 279 -3.85 -11.37 40.24
C LEU C 279 -3.07 -10.14 40.73
N LYS C 280 -3.60 -8.96 40.41
CA LYS C 280 -3.00 -7.69 40.85
C LYS C 280 -1.55 -7.47 40.32
N LEU C 281 -1.31 -7.90 39.10
CA LEU C 281 0.01 -7.76 38.46
C LEU C 281 0.37 -6.28 38.38
N PRO C 282 1.61 -5.98 38.69
CA PRO C 282 1.99 -4.59 38.75
C PRO C 282 1.62 -3.77 37.48
N THR C 283 1.84 -4.32 36.28
CA THR C 283 1.60 -3.59 35.04
C THR C 283 0.19 -3.79 34.52
N ALA C 284 -0.63 -4.56 35.21
CA ALA C 284 -2.04 -4.71 34.80
C ALA C 284 -2.88 -3.45 35.09
N PRO C 285 -3.58 -2.90 34.09
CA PRO C 285 -4.49 -1.78 34.37
C PRO C 285 -5.77 -2.29 34.99
N SER C 286 -6.39 -1.48 35.87
CA SER C 286 -7.70 -1.81 36.47
C SER C 286 -8.80 -2.05 35.41
N LYS C 287 -8.89 -1.14 34.46
CA LYS C 287 -9.77 -1.33 33.32
C LYS C 287 -9.00 -1.58 32.02
N PRO C 288 -8.64 -2.85 31.78
CA PRO C 288 -7.94 -3.19 30.53
C PRO C 288 -8.64 -2.60 29.32
N ILE C 289 -9.96 -2.46 29.37
CA ILE C 289 -10.68 -1.75 28.33
C ILE C 289 -11.43 -0.62 28.98
N ILE C 290 -11.16 0.59 28.52
CA ILE C 290 -11.85 1.78 28.99
C ILE C 290 -12.78 2.22 27.89
N VAL C 291 -14.02 2.49 28.25
CA VAL C 291 -15.04 2.90 27.31
C VAL C 291 -15.35 4.39 27.50
N MET C 292 -15.50 5.08 26.39
CA MET C 292 -15.78 6.49 26.41
C MET C 292 -17.14 6.72 25.82
N ASN C 293 -17.85 7.68 26.36
CA ASN C 293 -19.20 7.97 25.92
C ASN C 293 -19.31 9.08 24.89
N GLU C 294 -18.31 9.96 24.80
CA GLU C 294 -18.39 11.10 23.88
C GLU C 294 -18.30 10.65 22.42
N ASP C 295 -19.11 11.28 21.58
CA ASP C 295 -19.19 10.86 20.18
C ASP C 295 -18.00 11.39 19.39
N THR C 296 -17.11 12.15 20.03
CA THR C 296 -15.85 12.57 19.38
C THR C 296 -14.61 12.00 20.06
N ARG C 297 -14.79 10.92 20.82
CA ARG C 297 -13.67 10.23 21.47
C ARG C 297 -13.71 8.70 21.17
N PRO C 298 -12.57 8.01 21.36
CA PRO C 298 -11.27 8.51 21.78
C PRO C 298 -10.57 9.27 20.64
N GLN C 299 -9.78 10.27 20.98
CA GLN C 299 -8.86 10.86 20.02
C GLN C 299 -7.43 10.43 20.36
N VAL C 300 -6.64 10.15 19.31
CA VAL C 300 -5.23 9.68 19.40
C VAL C 300 -4.37 10.49 20.39
N TYR C 301 -4.36 11.80 20.21
CA TYR C 301 -3.55 12.65 21.05
C TYR C 301 -3.85 12.55 22.56
N PHE C 302 -5.13 12.49 22.91
CA PHE C 302 -5.54 12.70 24.31
C PHE C 302 -5.77 11.40 25.06
N ASP C 303 -6.05 10.33 24.31
CA ASP C 303 -6.48 9.10 24.95
C ASP C 303 -5.53 7.95 24.77
N ARG C 304 -4.36 8.27 24.23
CA ARG C 304 -3.34 7.23 24.02
C ARG C 304 -2.58 6.89 25.32
N TRP C 305 -2.75 7.74 26.32
CA TRP C 305 -2.09 7.48 27.59
C TRP C 305 -3.05 7.16 28.71
N ALA C 306 -4.17 6.55 28.37
CA ALA C 306 -5.19 6.31 29.38
C ALA C 306 -4.97 4.99 30.13
N GLY C 307 -5.56 4.93 31.33
CA GLY C 307 -5.38 3.83 32.26
C GLY C 307 -4.63 4.33 33.51
N ASP C 308 -4.75 3.60 34.62
CA ASP C 308 -3.93 3.87 35.79
C ASP C 308 -2.52 3.30 35.63
N ILE C 309 -2.31 2.49 34.59
CA ILE C 309 -0.98 2.31 34.03
C ILE C 309 -1.04 2.87 32.64
N PRO C 310 -0.45 4.05 32.43
CA PRO C 310 -0.64 4.80 31.18
C PRO C 310 -0.28 4.09 29.83
N GLY C 311 -1.27 3.99 28.94
CA GLY C 311 -1.10 3.34 27.62
C GLY C 311 -1.37 1.86 27.59
N MET C 312 -1.49 1.28 28.79
CA MET C 312 -1.71 -0.15 29.00
C MET C 312 -3.16 -0.50 28.77
N SER C 313 -4.03 0.51 28.77
CA SER C 313 -5.46 0.31 28.49
C SER C 313 -5.80 0.52 27.05
N VAL C 314 -6.55 -0.42 26.47
CA VAL C 314 -7.18 -0.17 25.18
C VAL C 314 -8.45 0.67 25.42
N VAL C 315 -8.58 1.75 24.67
CA VAL C 315 -9.71 2.62 24.82
C VAL C 315 -10.67 2.37 23.70
N VAL C 316 -11.96 2.29 24.03
CA VAL C 316 -13.05 2.03 23.09
C VAL C 316 -14.08 3.18 23.14
N GLY C 317 -14.67 3.48 21.99
CA GLY C 317 -15.65 4.54 21.93
C GLY C 317 -16.67 4.24 20.85
N ARG C 318 -17.60 5.16 20.68
CA ARG C 318 -18.58 5.11 19.59
C ARG C 318 -19.46 3.85 19.45
N LEU C 319 -19.75 3.14 20.55
CA LEU C 319 -20.65 1.98 20.53
C LEU C 319 -22.02 2.40 20.06
N LYS C 320 -22.47 1.77 18.97
CA LYS C 320 -23.71 2.11 18.30
C LYS C 320 -24.29 0.92 17.53
N GLN C 321 -25.62 0.85 17.59
CA GLN C 321 -26.39 -0.10 16.82
C GLN C 321 -26.35 0.28 15.32
N VAL C 322 -25.96 -0.70 14.49
CA VAL C 322 -26.07 -0.58 13.02
C VAL C 322 -27.38 -1.16 12.54
N ASN C 323 -27.58 -2.46 12.74
CA ASN C 323 -28.90 -3.07 12.58
C ASN C 323 -29.03 -4.09 13.68
N LYS C 324 -30.11 -4.85 13.73
CA LYS C 324 -30.29 -5.88 14.77
C LYS C 324 -29.03 -6.76 15.03
N ARG C 325 -28.27 -7.04 13.97
CA ARG C 325 -27.14 -8.00 14.05
C ARG C 325 -25.73 -7.43 13.73
N MET C 326 -25.57 -6.13 13.88
CA MET C 326 -24.33 -5.47 13.56
C MET C 326 -24.09 -4.25 14.49
N ILE C 327 -22.91 -4.13 15.07
CA ILE C 327 -22.55 -2.89 15.78
C ILE C 327 -21.27 -2.23 15.29
N ARG C 328 -21.18 -0.91 15.49
CA ARG C 328 -19.94 -0.12 15.27
C ARG C 328 -19.27 0.21 16.61
N LEU C 329 -17.96 0.41 16.60
CA LEU C 329 -17.21 0.80 17.77
C LEU C 329 -15.85 1.17 17.21
N VAL C 330 -15.05 1.92 17.98
CA VAL C 330 -13.65 2.25 17.60
C VAL C 330 -12.67 1.92 18.72
N SER C 331 -11.42 1.62 18.39
CA SER C 331 -10.42 1.32 19.43
C SER C 331 -9.06 1.94 19.17
N LEU C 332 -8.54 2.53 20.23
CA LEU C 332 -7.29 3.26 20.21
C LEU C 332 -6.35 2.53 21.15
N ILE C 333 -5.24 2.05 20.61
CA ILE C 333 -4.24 1.36 21.40
C ILE C 333 -2.93 2.18 21.38
N HIS C 334 -2.26 2.27 22.52
CA HIS C 334 -0.88 2.68 22.48
C HIS C 334 -0.04 1.51 21.95
N ASN C 335 0.54 1.71 20.76
CA ASN C 335 1.21 0.62 20.04
C ASN C 335 2.54 0.15 20.59
N THR C 336 3.25 1.02 21.30
CA THR C 336 4.49 0.54 21.88
C THR C 336 4.40 0.23 23.39
N VAL C 337 3.41 0.81 24.07
CA VAL C 337 3.11 0.37 25.48
C VAL C 337 2.26 -0.96 25.48
N ARG C 338 0.92 -0.87 25.42
CA ARG C 338 0.11 -2.07 25.28
C ARG C 338 0.53 -3.00 24.08
N GLY C 339 0.61 -2.38 22.89
CA GLY C 339 1.02 -3.05 21.67
C GLY C 339 2.39 -3.73 21.64
N ALA C 340 3.27 -3.34 22.54
CA ALA C 340 4.56 -4.01 22.59
C ALA C 340 5.11 -4.19 24.02
N ALA C 341 5.87 -3.23 24.48
CA ALA C 341 6.65 -3.40 25.72
C ALA C 341 5.80 -3.68 26.94
N GLY C 342 4.71 -2.91 27.10
CA GLY C 342 3.90 -2.98 28.34
C GLY C 342 3.23 -4.35 28.40
N GLY C 343 2.81 -4.80 27.20
CA GLY C 343 2.19 -6.11 27.02
C GLY C 343 3.20 -7.20 27.33
N GLY C 344 4.44 -6.97 26.96
CA GLY C 344 5.53 -7.93 27.17
C GLY C 344 5.90 -7.97 28.65
N ILE C 345 5.90 -6.81 29.30
CA ILE C 345 6.19 -6.80 30.73
C ILE C 345 5.06 -7.53 31.53
N LEU C 346 3.79 -7.28 31.16
CA LEU C 346 2.62 -7.91 31.77
C LEU C 346 2.76 -9.39 31.61
N ALA C 347 3.21 -9.79 30.43
CA ALA C 347 3.42 -11.19 30.14
C ALA C 347 4.44 -11.76 31.07
N ALA C 348 5.52 -11.02 31.31
CA ALA C 348 6.56 -11.51 32.19
C ALA C 348 6.01 -11.76 33.62
N GLU C 349 5.21 -10.80 34.10
CA GLU C 349 4.65 -10.78 35.45
C GLU C 349 3.76 -12.00 35.66
N LEU C 350 2.96 -12.29 34.64
CA LEU C 350 2.11 -13.46 34.60
C LEU C 350 2.97 -14.75 34.58
N LEU C 351 3.99 -14.77 33.72
CA LEU C 351 4.89 -15.94 33.70
C LEU C 351 5.61 -16.26 35.02
N VAL C 352 6.02 -15.22 35.73
CA VAL C 352 6.77 -15.32 36.96
C VAL C 352 5.87 -15.87 38.01
N GLU C 353 4.64 -15.36 38.08
CA GLU C 353 3.69 -15.72 39.14
C GLU C 353 3.10 -17.12 38.96
N LYS C 354 3.12 -17.60 37.71
CA LYS C 354 2.74 -18.96 37.36
C LYS C 354 3.92 -19.95 37.34
N GLY C 355 5.06 -19.53 37.88
CA GLY C 355 6.20 -20.43 38.11
C GLY C 355 7.10 -20.77 36.93
N TYR C 356 6.82 -20.16 35.79
CA TYR C 356 7.62 -20.41 34.60
C TYR C 356 8.94 -19.67 34.61
N ILE C 357 8.96 -18.49 35.23
CA ILE C 357 10.23 -17.85 35.49
C ILE C 357 10.61 -17.83 36.96
N GLU C 358 11.76 -18.44 37.23
CA GLU C 358 12.35 -18.60 38.56
C GLU C 358 12.67 -17.24 39.19
N LYS C 359 12.24 -17.05 40.44
CA LYS C 359 12.56 -15.84 41.20
C LYS C 359 14.07 -15.78 41.51
N ARG D 6 -23.82 33.58 -27.69
CA ARG D 6 -23.94 32.10 -27.52
C ARG D 6 -23.15 31.57 -26.31
N THR D 7 -23.21 32.27 -25.15
CA THR D 7 -22.50 31.96 -23.86
C THR D 7 -23.38 32.11 -22.62
N LEU D 8 -23.32 31.14 -21.73
CA LEU D 8 -24.10 31.15 -20.49
C LEU D 8 -23.37 31.82 -19.30
N LYS D 9 -23.97 32.90 -18.76
CA LYS D 9 -23.40 33.68 -17.65
C LYS D 9 -23.73 33.15 -16.24
N ALA D 10 -22.73 32.59 -15.57
CA ALA D 10 -22.91 32.03 -14.22
C ALA D 10 -22.51 32.98 -13.11
N ALA D 11 -23.30 32.99 -12.05
CA ALA D 11 -22.89 33.59 -10.79
C ALA D 11 -22.33 32.51 -9.85
N ILE D 12 -21.22 32.80 -9.18
CA ILE D 12 -20.71 31.90 -8.17
C ILE D 12 -20.88 32.58 -6.82
N LEU D 13 -21.75 32.00 -5.99
CA LEU D 13 -21.92 32.44 -4.60
C LEU D 13 -20.77 31.89 -3.80
N GLY D 14 -20.37 32.59 -2.73
CA GLY D 14 -19.22 32.16 -1.96
C GLY D 14 -17.98 31.95 -2.84
N ALA D 15 -17.78 32.88 -3.77
CA ALA D 15 -16.77 32.78 -4.83
C ALA D 15 -15.32 32.64 -4.35
N THR D 16 -14.97 33.32 -3.25
CA THR D 16 -13.62 33.25 -2.65
C THR D 16 -13.39 32.01 -1.77
N GLY D 17 -14.48 31.36 -1.37
CA GLY D 17 -14.38 30.14 -0.58
C GLY D 17 -13.77 28.96 -1.31
N LEU D 18 -13.51 27.90 -0.53
CA LEU D 18 -12.77 26.71 -0.97
C LEU D 18 -13.49 25.86 -2.03
N VAL D 19 -14.82 26.07 -2.12
CA VAL D 19 -15.59 25.52 -3.19
C VAL D 19 -15.69 26.58 -4.29
N GLY D 20 -15.92 27.83 -3.92
CA GLY D 20 -15.92 28.90 -4.90
C GLY D 20 -14.76 28.85 -5.89
N ILE D 21 -13.58 28.62 -5.34
CA ILE D 21 -12.37 28.65 -6.15
C ILE D 21 -12.37 27.59 -7.24
N GLU D 22 -12.98 26.43 -6.96
CA GLU D 22 -13.07 25.35 -7.97
C GLU D 22 -14.04 25.69 -9.13
N TYR D 23 -15.14 26.40 -8.81
CA TYR D 23 -16.01 26.98 -9.83
C TYR D 23 -15.23 27.95 -10.67
N VAL D 24 -14.55 28.88 -10.02
CA VAL D 24 -13.70 29.83 -10.73
C VAL D 24 -12.65 29.12 -11.63
N ARG D 25 -11.95 28.13 -11.10
CA ARG D 25 -10.90 27.46 -11.87
C ARG D 25 -11.45 26.72 -13.08
N MET D 26 -12.49 25.92 -12.85
CA MET D 26 -13.03 25.03 -13.87
C MET D 26 -13.81 25.76 -14.96
N LEU D 27 -14.60 26.77 -14.56
CA LEU D 27 -15.37 27.61 -15.49
C LEU D 27 -14.51 28.57 -16.33
N SER D 28 -13.25 28.70 -15.94
CA SER D 28 -12.30 29.44 -16.72
C SER D 28 -11.96 28.79 -18.04
N ASN D 29 -11.82 27.46 -18.00
CA ASN D 29 -11.55 26.63 -19.19
C ASN D 29 -12.77 25.90 -19.73
N HIS D 30 -13.96 26.48 -19.54
CA HIS D 30 -15.20 25.85 -19.97
C HIS D 30 -15.63 26.39 -21.32
N PRO D 31 -16.09 25.49 -22.21
CA PRO D 31 -16.36 25.87 -23.59
C PRO D 31 -17.55 26.80 -23.73
N TYR D 32 -18.49 26.81 -22.79
CA TYR D 32 -19.72 27.62 -22.93
C TYR D 32 -20.37 28.18 -21.64
N ILE D 33 -19.84 27.81 -20.47
CA ILE D 33 -20.27 28.47 -19.22
C ILE D 33 -19.17 29.42 -18.72
N LYS D 34 -19.52 30.69 -18.57
CA LYS D 34 -18.57 31.74 -18.21
C LYS D 34 -18.72 32.13 -16.72
N PRO D 35 -17.61 32.26 -15.96
CA PRO D 35 -17.71 32.84 -14.61
C PRO D 35 -17.84 34.38 -14.69
N ALA D 36 -19.07 34.86 -14.73
CA ALA D 36 -19.34 36.26 -15.04
C ALA D 36 -19.64 37.11 -13.82
N TYR D 37 -20.14 36.48 -12.75
CA TYR D 37 -20.50 37.17 -11.52
C TYR D 37 -19.98 36.45 -10.28
N LEU D 38 -18.98 37.06 -9.64
CA LEU D 38 -18.37 36.54 -8.42
C LEU D 38 -19.00 37.20 -7.20
N ALA D 39 -19.82 36.42 -6.52
CA ALA D 39 -20.60 36.90 -5.39
C ALA D 39 -19.91 36.66 -4.05
N GLY D 40 -20.11 37.61 -3.14
CA GLY D 40 -19.66 37.47 -1.75
C GLY D 40 -20.56 38.22 -0.77
N LYS D 41 -20.06 38.40 0.45
CA LYS D 41 -20.75 39.20 1.44
C LYS D 41 -19.73 40.01 2.24
N GLY D 42 -18.72 39.30 2.77
CA GLY D 42 -17.66 39.84 3.63
C GLY D 42 -16.67 40.80 2.99
N SER D 43 -16.35 40.60 1.71
CA SER D 43 -15.41 41.49 1.04
C SER D 43 -15.95 42.19 -0.23
N VAL D 44 -17.23 42.58 -0.21
CA VAL D 44 -17.92 43.27 -1.35
C VAL D 44 -17.19 44.57 -1.69
N GLY D 45 -16.95 44.79 -2.99
CA GLY D 45 -16.27 46.01 -3.45
C GLY D 45 -14.77 45.84 -3.66
N LYS D 46 -14.18 44.87 -2.98
CA LYS D 46 -12.76 44.53 -3.16
C LYS D 46 -12.55 43.66 -4.40
N PRO D 47 -11.37 43.73 -5.02
CA PRO D 47 -11.06 42.86 -6.17
C PRO D 47 -10.81 41.40 -5.77
N TYR D 48 -11.28 40.45 -6.58
CA TYR D 48 -11.18 39.01 -6.26
C TYR D 48 -9.76 38.57 -5.92
N GLY D 49 -8.80 38.93 -6.78
CA GLY D 49 -7.41 38.55 -6.61
C GLY D 49 -6.78 38.89 -5.27
N GLU D 50 -7.18 40.03 -4.70
CA GLU D 50 -6.64 40.48 -3.42
C GLU D 50 -7.11 39.69 -2.20
N VAL D 51 -8.31 39.13 -2.24
CA VAL D 51 -8.86 38.52 -1.03
C VAL D 51 -8.91 36.99 -1.07
N VAL D 52 -8.93 36.42 -2.27
CA VAL D 52 -9.05 34.98 -2.42
C VAL D 52 -7.84 34.24 -1.82
N ARG D 53 -8.18 33.25 -1.03
CA ARG D 53 -7.24 32.28 -0.60
C ARG D 53 -7.17 31.21 -1.72
N TRP D 54 -6.18 31.31 -2.60
CA TRP D 54 -6.08 30.33 -3.70
C TRP D 54 -5.48 28.99 -3.27
N GLN D 55 -6.26 28.21 -2.55
CA GLN D 55 -5.76 26.98 -1.99
C GLN D 55 -6.09 25.83 -2.93
N THR D 56 -5.51 25.89 -4.14
CA THR D 56 -5.75 24.87 -5.15
C THR D 56 -4.65 24.86 -6.24
N VAL D 57 -4.77 23.91 -7.16
CA VAL D 57 -3.78 23.72 -8.22
C VAL D 57 -3.69 24.97 -9.08
N GLY D 58 -2.46 25.25 -9.55
CA GLY D 58 -2.20 26.34 -10.49
C GLY D 58 -2.36 27.69 -9.86
N GLN D 59 -2.63 28.72 -10.67
CA GLN D 59 -2.76 30.11 -10.21
C GLN D 59 -4.16 30.63 -10.38
N VAL D 60 -4.45 31.79 -9.80
CA VAL D 60 -5.68 32.51 -10.12
C VAL D 60 -5.61 32.96 -11.59
N PRO D 61 -6.60 32.59 -12.42
CA PRO D 61 -6.59 33.00 -13.84
C PRO D 61 -6.60 34.52 -13.96
N LYS D 62 -5.76 35.06 -14.82
CA LYS D 62 -5.56 36.51 -14.83
C LYS D 62 -6.84 37.34 -15.07
N GLU D 63 -7.72 36.89 -15.98
CA GLU D 63 -8.94 37.63 -16.35
C GLU D 63 -9.98 37.76 -15.22
N ILE D 64 -9.81 36.96 -14.17
CA ILE D 64 -10.72 36.93 -13.01
C ILE D 64 -10.18 37.78 -11.85
N ALA D 65 -8.86 37.86 -11.71
CA ALA D 65 -8.20 38.53 -10.58
C ALA D 65 -8.68 39.95 -10.29
N ASP D 66 -9.09 40.68 -11.34
CA ASP D 66 -9.48 42.09 -11.22
C ASP D 66 -10.97 42.39 -11.10
N MET D 67 -11.82 41.38 -11.31
CA MET D 67 -13.27 41.52 -11.09
C MET D 67 -13.57 41.87 -9.63
N GLU D 68 -14.56 42.72 -9.42
CA GLU D 68 -15.00 43.08 -8.08
C GLU D 68 -15.85 41.96 -7.50
N ILE D 69 -15.77 41.79 -6.19
CA ILE D 69 -16.68 40.89 -5.51
C ILE D 69 -17.97 41.70 -5.34
N LYS D 70 -19.07 41.15 -5.82
CA LYS D 70 -20.33 41.91 -5.89
C LYS D 70 -21.33 41.34 -4.87
N PRO D 71 -22.34 42.14 -4.48
CA PRO D 71 -23.26 41.70 -3.43
C PRO D 71 -24.04 40.45 -3.84
N THR D 72 -24.42 39.63 -2.86
CA THR D 72 -25.33 38.51 -3.13
C THR D 72 -26.77 39.05 -3.11
N ASP D 73 -27.19 39.59 -4.26
CA ASP D 73 -28.51 40.21 -4.47
C ASP D 73 -29.16 39.78 -5.79
N PRO D 74 -30.28 39.04 -5.71
CA PRO D 74 -31.05 38.64 -6.90
C PRO D 74 -31.40 39.82 -7.82
N LYS D 75 -31.97 40.91 -7.26
CA LYS D 75 -32.37 42.12 -8.02
C LYS D 75 -31.17 43.01 -8.43
N LEU D 76 -30.18 42.40 -9.07
CA LEU D 76 -28.93 43.04 -9.47
C LEU D 76 -28.20 42.13 -10.44
N MET D 77 -28.84 41.01 -10.75
CA MET D 77 -28.22 39.95 -11.56
C MET D 77 -28.98 39.57 -12.84
N ASP D 78 -29.98 40.38 -13.24
CA ASP D 78 -30.86 40.04 -14.38
C ASP D 78 -30.08 39.87 -15.70
N ASP D 79 -28.75 40.02 -15.58
CA ASP D 79 -27.78 39.68 -16.61
C ASP D 79 -27.18 38.28 -16.39
N VAL D 80 -27.67 37.57 -15.38
CA VAL D 80 -27.17 36.24 -15.05
C VAL D 80 -28.12 35.11 -15.43
N ASP D 81 -27.52 34.01 -15.91
CA ASP D 81 -28.25 32.83 -16.38
C ASP D 81 -28.31 31.69 -15.35
N ILE D 82 -27.18 31.43 -14.67
CA ILE D 82 -27.10 30.35 -13.66
C ILE D 82 -26.56 30.84 -12.31
N ILE D 83 -27.15 30.31 -11.24
CA ILE D 83 -26.64 30.48 -9.90
C ILE D 83 -26.03 29.16 -9.41
N PHE D 84 -24.74 29.17 -9.08
CA PHE D 84 -24.10 28.10 -8.35
C PHE D 84 -23.92 28.53 -6.88
N SER D 85 -24.37 27.69 -5.94
CA SER D 85 -24.46 28.05 -4.52
C SER D 85 -23.83 27.05 -3.54
N PRO D 86 -22.65 27.36 -3.03
CA PRO D 86 -21.99 26.51 -2.06
C PRO D 86 -21.92 27.18 -0.69
N LEU D 87 -22.96 27.96 -0.36
CA LEU D 87 -23.03 28.77 0.86
C LEU D 87 -23.08 27.95 2.16
N PRO D 88 -22.83 28.60 3.31
CA PRO D 88 -22.85 27.90 4.60
C PRO D 88 -24.24 27.44 5.03
N GLN D 89 -24.30 26.24 5.60
CA GLN D 89 -25.50 25.68 6.27
C GLN D 89 -26.36 26.77 6.94
N GLY D 90 -27.68 26.72 6.81
CA GLY D 90 -28.54 27.67 7.53
C GLY D 90 -28.80 29.01 6.84
N ALA D 91 -27.76 29.59 6.26
CA ALA D 91 -27.89 30.81 5.45
C ALA D 91 -28.24 30.54 3.97
N ALA D 92 -27.90 29.35 3.49
CA ALA D 92 -28.05 28.97 2.09
C ALA D 92 -29.51 28.84 1.76
N GLY D 93 -30.25 28.19 2.65
CA GLY D 93 -31.66 27.82 2.41
C GLY D 93 -32.58 28.93 1.96
N PRO D 94 -32.63 30.01 2.74
CA PRO D 94 -33.47 31.16 2.39
C PRO D 94 -32.94 32.03 1.24
N VAL D 95 -31.62 32.06 1.03
CA VAL D 95 -31.04 32.80 -0.09
C VAL D 95 -31.31 32.06 -1.43
N GLU D 96 -31.25 30.73 -1.40
CA GLU D 96 -31.50 29.89 -2.56
C GLU D 96 -32.95 30.02 -3.00
N GLU D 97 -33.84 30.14 -2.03
CA GLU D 97 -35.25 30.40 -2.29
C GLU D 97 -35.53 31.76 -2.92
N GLN D 98 -34.79 32.79 -2.52
CA GLN D 98 -34.95 34.14 -3.09
C GLN D 98 -34.66 34.13 -4.60
N PHE D 99 -33.65 33.35 -4.97
CA PHE D 99 -33.22 33.22 -6.35
C PHE D 99 -34.22 32.48 -7.27
N ALA D 100 -34.87 31.45 -6.74
CA ALA D 100 -35.85 30.67 -7.50
C ALA D 100 -37.10 31.53 -7.67
N LYS D 101 -37.53 32.17 -6.57
CA LYS D 101 -38.59 33.19 -6.52
C LYS D 101 -38.35 34.28 -7.57
N GLU D 102 -37.07 34.55 -7.87
CA GLU D 102 -36.72 35.56 -8.85
C GLU D 102 -36.38 35.03 -10.25
N GLY D 103 -36.57 33.72 -10.45
CA GLY D 103 -36.55 33.13 -11.79
C GLY D 103 -35.29 32.41 -12.19
N PHE D 104 -34.28 32.38 -11.33
CA PHE D 104 -33.03 31.72 -11.68
C PHE D 104 -33.08 30.20 -11.41
N PRO D 105 -32.32 29.44 -12.20
CA PRO D 105 -31.96 28.07 -11.83
C PRO D 105 -30.84 28.10 -10.80
N VAL D 106 -30.95 27.26 -9.79
CA VAL D 106 -29.96 27.25 -8.71
C VAL D 106 -29.39 25.85 -8.51
N ILE D 107 -28.06 25.72 -8.61
CA ILE D 107 -27.37 24.46 -8.30
C ILE D 107 -26.63 24.61 -6.96
N SER D 108 -27.09 23.88 -5.96
CA SER D 108 -26.57 23.99 -4.60
C SER D 108 -25.61 22.85 -4.18
N ASN D 109 -24.48 23.20 -3.58
CA ASN D 109 -23.67 22.21 -2.87
C ASN D 109 -23.99 22.18 -1.35
N SER D 110 -24.97 23.00 -0.91
CA SER D 110 -25.32 23.16 0.51
C SER D 110 -26.33 22.10 1.03
N PRO D 111 -26.23 21.75 2.33
CA PRO D 111 -27.12 20.71 2.94
C PRO D 111 -28.62 21.02 2.97
N ASP D 112 -28.94 22.32 2.90
CA ASP D 112 -30.24 22.87 3.28
C ASP D 112 -31.48 22.33 2.58
N HIS D 113 -31.41 22.19 1.26
CA HIS D 113 -32.57 21.77 0.51
C HIS D 113 -32.43 20.33 0.03
N ARG D 114 -31.40 19.66 0.52
CA ARG D 114 -31.06 18.30 0.11
C ARG D 114 -32.12 17.26 0.38
N PHE D 115 -33.05 17.54 1.29
CA PHE D 115 -34.10 16.56 1.61
C PHE D 115 -35.53 17.04 1.33
N ASP D 116 -35.68 18.23 0.75
CA ASP D 116 -36.99 18.68 0.29
C ASP D 116 -37.52 17.61 -0.67
N PRO D 117 -38.78 17.19 -0.52
CA PRO D 117 -39.29 16.09 -1.35
C PRO D 117 -39.18 16.39 -2.85
N ASP D 118 -39.48 17.64 -3.21
CA ASP D 118 -39.55 18.19 -4.60
C ASP D 118 -38.19 18.56 -5.24
N VAL D 119 -37.10 18.43 -4.49
CA VAL D 119 -35.77 18.89 -4.91
C VAL D 119 -34.87 17.68 -5.20
N PRO D 120 -34.22 17.65 -6.37
CA PRO D 120 -33.28 16.58 -6.70
C PRO D 120 -31.98 16.63 -5.89
N LEU D 121 -31.58 15.44 -5.46
CA LEU D 121 -30.31 15.24 -4.81
C LEU D 121 -29.44 14.51 -5.84
N LEU D 122 -28.75 15.30 -6.66
CA LEU D 122 -28.25 14.84 -7.96
C LEU D 122 -26.77 14.39 -8.09
N VAL D 123 -26.55 13.11 -8.36
CA VAL D 123 -25.32 12.63 -8.99
C VAL D 123 -25.66 12.28 -10.46
N PRO D 124 -25.17 13.10 -11.40
CA PRO D 124 -25.53 12.95 -12.82
C PRO D 124 -25.43 11.51 -13.37
N GLU D 125 -24.46 10.74 -12.91
CA GLU D 125 -24.24 9.34 -13.34
C GLU D 125 -25.25 8.33 -12.79
N LEU D 126 -25.91 8.67 -11.67
CA LEU D 126 -26.71 7.71 -10.89
C LEU D 126 -28.24 7.93 -10.89
N ASN D 127 -28.68 9.18 -10.79
CA ASN D 127 -30.11 9.46 -10.83
C ASN D 127 -30.40 10.63 -11.77
N PRO D 128 -29.94 10.55 -13.03
CA PRO D 128 -30.18 11.62 -14.00
C PRO D 128 -31.64 12.00 -14.24
N HIS D 129 -32.55 11.03 -14.21
CA HIS D 129 -33.98 11.28 -14.47
C HIS D 129 -34.72 12.01 -13.30
N THR D 130 -34.09 12.08 -12.12
CA THR D 130 -34.68 12.75 -10.92
C THR D 130 -34.84 14.27 -11.09
N ILE D 131 -34.19 14.82 -12.10
CA ILE D 131 -34.38 16.21 -12.48
C ILE D 131 -35.86 16.61 -12.70
N SER D 132 -36.72 15.73 -13.23
CA SER D 132 -38.13 16.12 -13.47
C SER D 132 -38.99 16.33 -12.21
N LEU D 133 -38.39 16.20 -11.04
CA LEU D 133 -38.99 16.67 -9.80
C LEU D 133 -39.14 18.20 -9.82
N ILE D 134 -38.41 18.85 -10.74
CA ILE D 134 -38.43 20.30 -10.95
C ILE D 134 -39.84 20.80 -11.27
N ASP D 135 -40.60 19.99 -11.98
CA ASP D 135 -41.95 20.35 -12.42
C ASP D 135 -42.97 20.52 -11.28
N GLU D 136 -43.16 19.52 -10.42
CA GLU D 136 -44.05 19.71 -9.26
C GLU D 136 -43.45 20.63 -8.23
N GLN D 137 -42.13 20.79 -8.23
CA GLN D 137 -41.43 21.84 -7.48
C GLN D 137 -41.91 23.26 -7.89
N ARG D 138 -41.92 23.54 -9.21
CA ARG D 138 -42.43 24.83 -9.74
C ARG D 138 -43.89 25.09 -9.42
N LYS D 139 -44.76 24.12 -9.70
CA LYS D 139 -46.17 24.17 -9.33
C LYS D 139 -46.36 24.40 -7.82
N ARG D 140 -45.90 23.44 -7.03
CA ARG D 140 -46.06 23.46 -5.57
C ARG D 140 -45.35 24.60 -4.80
N ARG D 141 -44.22 25.12 -5.28
CA ARG D 141 -43.58 26.29 -4.62
C ARG D 141 -43.89 27.64 -5.30
N GLU D 142 -44.67 27.61 -6.38
CA GLU D 142 -45.06 28.80 -7.15
C GLU D 142 -43.83 29.61 -7.53
N TRP D 143 -42.87 28.97 -8.18
CA TRP D 143 -41.76 29.72 -8.78
C TRP D 143 -41.31 29.30 -10.20
N LYS D 144 -40.78 30.28 -10.94
CA LYS D 144 -40.31 30.11 -12.32
C LYS D 144 -38.94 29.45 -12.34
N GLY D 145 -38.08 29.87 -11.40
CA GLY D 145 -36.76 29.26 -11.19
C GLY D 145 -36.85 27.88 -10.53
N PHE D 146 -35.71 27.32 -10.10
CA PHE D 146 -35.68 26.05 -9.35
C PHE D 146 -34.40 25.83 -8.51
N ILE D 147 -34.46 24.83 -7.63
CA ILE D 147 -33.32 24.36 -6.83
C ILE D 147 -32.96 22.89 -7.13
N VAL D 148 -31.69 22.65 -7.44
CA VAL D 148 -31.12 21.31 -7.50
C VAL D 148 -29.95 21.30 -6.50
N THR D 149 -29.79 20.18 -5.79
CA THR D 149 -28.68 20.05 -4.86
C THR D 149 -27.76 18.90 -5.29
N THR D 150 -26.48 19.02 -4.93
CA THR D 150 -25.53 17.93 -5.04
C THR D 150 -25.32 17.39 -3.63
N PRO D 151 -24.95 16.12 -3.52
CA PRO D 151 -24.74 15.53 -2.20
C PRO D 151 -23.40 15.87 -1.56
N LEU D 152 -23.40 15.72 -0.23
CA LEU D 152 -22.24 15.83 0.63
C LEU D 152 -21.08 15.11 -0.03
N CYS D 153 -19.97 15.83 -0.17
CA CYS D 153 -18.79 15.26 -0.76
C CYS D 153 -18.50 13.81 -0.26
N THR D 154 -18.60 13.61 1.05
CA THR D 154 -18.29 12.35 1.71
C THR D 154 -19.25 11.26 1.37
N ALA D 155 -20.53 11.63 1.16
CA ALA D 155 -21.54 10.71 0.65
C ALA D 155 -21.30 10.32 -0.83
N GLN D 156 -20.80 11.26 -1.62
CA GLN D 156 -20.60 11.01 -3.02
C GLN D 156 -19.52 9.94 -3.15
N GLY D 157 -18.46 10.07 -2.35
CA GLY D 157 -17.35 9.13 -2.35
C GLY D 157 -17.75 7.68 -2.12
N ALA D 158 -18.85 7.49 -1.40
CA ALA D 158 -19.43 6.17 -1.19
C ALA D 158 -20.62 5.86 -2.15
N ALA D 159 -21.56 6.79 -2.30
CA ALA D 159 -22.71 6.52 -3.18
C ALA D 159 -22.30 6.09 -4.60
N ILE D 160 -21.36 6.84 -5.18
CA ILE D 160 -20.96 6.58 -6.56
C ILE D 160 -20.53 5.09 -6.78
N PRO D 161 -19.57 4.54 -6.01
CA PRO D 161 -19.29 3.07 -6.14
C PRO D 161 -20.48 2.15 -5.68
N LEU D 162 -21.08 2.51 -4.54
CA LEU D 162 -22.20 1.72 -4.05
C LEU D 162 -23.37 1.70 -5.04
N GLY D 163 -23.61 2.84 -5.70
CA GLY D 163 -24.74 2.98 -6.63
C GLY D 163 -24.59 2.04 -7.79
N ALA D 164 -23.35 1.96 -8.25
CA ALA D 164 -22.97 1.12 -9.38
C ALA D 164 -23.11 -0.34 -9.00
N ILE D 165 -22.71 -0.67 -7.76
CA ILE D 165 -22.83 -2.03 -7.25
C ILE D 165 -24.34 -2.43 -7.07
N PHE D 166 -25.06 -1.53 -6.40
CA PHE D 166 -26.47 -1.69 -6.10
C PHE D 166 -27.33 -1.90 -7.37
N LYS D 167 -27.02 -1.14 -8.43
CA LYS D 167 -27.72 -1.25 -9.73
C LYS D 167 -27.70 -2.70 -10.21
N ASP D 168 -26.56 -3.38 -9.99
CA ASP D 168 -26.27 -4.67 -10.64
C ASP D 168 -26.15 -5.86 -9.70
N TYR D 169 -26.20 -5.61 -8.40
CA TYR D 169 -26.02 -6.68 -7.39
C TYR D 169 -27.00 -6.63 -6.18
N LYS D 170 -27.18 -7.80 -5.56
CA LYS D 170 -28.00 -7.97 -4.36
C LYS D 170 -27.35 -7.48 -3.06
N MET D 171 -27.03 -6.19 -3.02
CA MET D 171 -26.29 -5.60 -1.94
C MET D 171 -27.18 -5.27 -0.73
N ASP D 172 -26.88 -5.85 0.43
CA ASP D 172 -27.71 -5.64 1.64
C ASP D 172 -27.03 -4.87 2.76
N GLY D 173 -25.86 -4.31 2.46
CA GLY D 173 -25.04 -3.66 3.46
C GLY D 173 -23.81 -2.99 2.88
N ALA D 174 -23.49 -1.84 3.51
CA ALA D 174 -22.24 -1.11 3.34
C ALA D 174 -21.84 -0.42 4.69
N PHE D 175 -20.59 -0.64 5.10
CA PHE D 175 -20.08 -0.27 6.40
C PHE D 175 -18.74 0.45 6.22
N ILE D 176 -18.79 1.75 6.44
CA ILE D 176 -17.86 2.68 5.86
C ILE D 176 -17.03 3.33 6.94
N THR D 177 -15.75 3.52 6.65
CA THR D 177 -14.87 4.40 7.47
C THR D 177 -14.36 5.51 6.56
N THR D 178 -14.53 6.75 6.97
CA THR D 178 -14.00 7.84 6.17
C THR D 178 -12.86 8.57 6.89
N ILE D 179 -11.84 8.96 6.13
CA ILE D 179 -10.69 9.69 6.60
C ILE D 179 -10.60 10.87 5.67
N GLN D 180 -11.24 11.94 6.08
CA GLN D 180 -11.48 13.07 5.21
C GLN D 180 -10.43 14.16 5.38
N SER D 181 -10.46 15.12 4.47
CA SER D 181 -9.47 16.19 4.44
C SER D 181 -10.01 17.47 5.04
N LEU D 182 -9.17 18.50 5.07
CA LEU D 182 -9.42 19.70 5.84
C LEU D 182 -10.25 20.72 5.08
N SER D 183 -10.13 20.71 3.76
CA SER D 183 -10.74 21.73 2.92
C SER D 183 -12.30 21.72 2.97
N GLY D 184 -12.88 20.54 3.23
CA GLY D 184 -14.34 20.38 3.37
C GLY D 184 -14.97 21.22 4.48
N ALA D 185 -14.19 21.54 5.52
CA ALA D 185 -14.66 22.34 6.64
C ALA D 185 -14.47 23.86 6.48
N GLY D 186 -13.80 24.28 5.39
CA GLY D 186 -13.62 25.71 5.11
C GLY D 186 -12.53 26.39 5.92
N TYR D 187 -12.58 27.73 5.95
CA TYR D 187 -11.56 28.55 6.60
C TYR D 187 -12.25 29.57 7.49
N PRO D 188 -11.86 29.67 8.77
CA PRO D 188 -10.77 29.00 9.49
C PRO D 188 -10.96 27.49 9.55
N GLY D 189 -12.22 27.09 9.60
CA GLY D 189 -12.52 25.68 9.52
C GLY D 189 -11.93 24.91 10.69
N ILE D 190 -11.10 23.91 10.38
CA ILE D 190 -10.59 23.02 11.42
C ILE D 190 -9.38 23.63 12.13
N PRO D 191 -9.37 23.66 13.48
CA PRO D 191 -8.17 24.14 14.21
C PRO D 191 -6.95 23.19 14.04
N SER D 192 -5.81 23.78 13.68
CA SER D 192 -4.53 23.07 13.60
C SER D 192 -4.33 22.04 14.70
N LEU D 193 -4.57 22.46 15.96
CA LEU D 193 -4.43 21.59 17.13
C LEU D 193 -5.28 20.33 17.08
N ASP D 194 -6.35 20.35 16.29
CA ASP D 194 -7.22 19.17 16.14
C ASP D 194 -6.60 18.10 15.29
N VAL D 195 -5.74 18.50 14.37
CA VAL D 195 -5.21 17.52 13.43
C VAL D 195 -3.73 17.17 13.50
N VAL D 196 -2.93 18.00 14.17
CA VAL D 196 -1.53 17.64 14.29
C VAL D 196 -1.32 16.49 15.28
N ASP D 197 -0.73 15.39 14.80
CA ASP D 197 -0.50 14.18 15.60
C ASP D 197 -1.82 13.77 16.26
N ASN D 198 -2.86 13.70 15.43
CA ASN D 198 -4.23 13.40 15.87
C ASN D 198 -5.23 13.05 14.74
N ILE D 199 -6.25 12.28 15.09
CA ILE D 199 -7.38 12.00 14.19
C ILE D 199 -8.61 12.56 14.87
N LEU D 200 -9.35 13.37 14.11
CA LEU D 200 -10.56 14.05 14.65
C LEU D 200 -11.85 13.36 14.23
N PRO D 201 -12.49 12.58 15.12
CA PRO D 201 -13.79 11.98 14.71
C PRO D 201 -14.84 13.07 14.61
N LEU D 202 -15.74 12.91 13.65
CA LEU D 202 -16.76 13.92 13.38
C LEU D 202 -18.10 13.78 14.18
N GLY D 203 -18.30 12.63 14.82
CA GLY D 203 -19.44 12.40 15.69
C GLY D 203 -20.66 11.79 15.05
N ASP D 204 -21.59 11.38 15.92
CA ASP D 204 -22.82 10.72 15.49
C ASP D 204 -23.62 11.53 14.47
N GLY D 205 -23.70 12.85 14.64
CA GLY D 205 -24.42 13.74 13.74
C GLY D 205 -23.92 13.63 12.31
N TYR D 206 -22.64 13.87 12.10
CA TYR D 206 -22.06 13.77 10.74
C TYR D 206 -22.17 12.38 10.13
N ASP D 207 -21.96 11.34 10.93
CA ASP D 207 -22.20 9.94 10.53
C ASP D 207 -23.61 9.62 9.97
N ALA D 208 -24.63 10.09 10.69
CA ALA D 208 -26.03 9.85 10.35
C ALA D 208 -26.45 10.64 9.11
N LYS D 209 -25.90 11.86 8.94
CA LYS D 209 -26.29 12.66 7.78
C LYS D 209 -25.61 12.13 6.51
N THR D 210 -24.47 11.49 6.68
CA THR D 210 -23.81 10.74 5.61
C THR D 210 -24.65 9.55 5.10
N ILE D 211 -24.95 8.63 6.01
CA ILE D 211 -25.95 7.57 5.91
C ILE D 211 -27.23 8.02 5.19
N LYS D 212 -27.89 9.06 5.72
CA LYS D 212 -29.18 9.58 5.21
C LYS D 212 -29.10 10.04 3.73
N GLU D 213 -27.94 10.58 3.34
CA GLU D 213 -27.75 11.04 1.96
C GLU D 213 -27.43 9.92 0.96
N ILE D 214 -26.58 8.97 1.33
CA ILE D 214 -26.44 7.75 0.56
C ILE D 214 -27.79 7.07 0.28
N PHE D 215 -28.62 6.92 1.31
CA PHE D 215 -29.94 6.28 1.20
C PHE D 215 -30.85 6.94 0.21
N ARG D 216 -30.89 8.25 0.15
CA ARG D 216 -31.80 8.88 -0.80
C ARG D 216 -31.31 8.67 -2.26
N ILE D 217 -30.01 8.81 -2.49
CA ILE D 217 -29.42 8.50 -3.82
C ILE D 217 -29.59 7.04 -4.28
N LEU D 218 -29.21 6.08 -3.43
CA LEU D 218 -29.52 4.66 -3.69
C LEU D 218 -31.01 4.34 -3.99
N SER D 219 -31.94 5.04 -3.32
CA SER D 219 -33.40 4.93 -3.54
C SER D 219 -33.86 5.43 -4.95
N GLU D 220 -32.98 6.17 -5.62
CA GLU D 220 -33.27 6.80 -6.94
C GLU D 220 -32.63 6.10 -8.16
N VAL D 221 -31.73 5.14 -7.88
CA VAL D 221 -31.01 4.32 -8.89
C VAL D 221 -31.95 3.39 -9.62
N LYS D 222 -32.15 3.60 -10.92
CA LYS D 222 -32.89 2.62 -11.75
C LYS D 222 -32.09 1.31 -11.70
N ARG D 223 -32.70 0.24 -11.17
CA ARG D 223 -31.95 -1.00 -10.91
C ARG D 223 -32.21 -2.13 -11.91
N ASN D 224 -31.21 -3.01 -12.04
CA ASN D 224 -31.26 -4.14 -12.97
C ASN D 224 -31.67 -5.43 -12.25
N VAL D 225 -31.37 -5.53 -10.97
CA VAL D 225 -31.96 -6.57 -10.09
C VAL D 225 -32.91 -5.85 -9.09
N ASP D 226 -33.88 -6.55 -8.51
CA ASP D 226 -34.83 -5.88 -7.60
C ASP D 226 -34.81 -6.46 -6.18
N GLU D 227 -33.63 -6.87 -5.74
CA GLU D 227 -33.48 -7.41 -4.39
C GLU D 227 -32.19 -6.96 -3.78
N PRO D 228 -32.23 -6.62 -2.47
CA PRO D 228 -33.46 -6.54 -1.69
C PRO D 228 -34.13 -5.16 -1.89
N LYS D 229 -35.28 -4.94 -1.21
CA LYS D 229 -35.91 -3.62 -1.18
C LYS D 229 -34.95 -2.65 -0.52
N LEU D 230 -35.03 -1.36 -0.88
CA LEU D 230 -34.15 -0.34 -0.25
C LEU D 230 -34.31 -0.33 1.27
N GLU D 231 -35.53 -0.53 1.74
CA GLU D 231 -35.85 -0.57 3.16
C GLU D 231 -35.06 -1.63 3.95
N ASP D 232 -34.55 -2.66 3.26
CA ASP D 232 -33.80 -3.76 3.91
C ASP D 232 -32.26 -3.64 3.79
N VAL D 233 -31.79 -2.55 3.18
CA VAL D 233 -30.37 -2.29 3.08
C VAL D 233 -29.86 -1.58 4.33
N SER D 234 -28.73 -2.04 4.84
CA SER D 234 -28.18 -1.51 6.08
C SER D 234 -26.93 -0.67 5.82
N LEU D 235 -26.98 0.64 6.08
CA LEU D 235 -25.77 1.51 5.99
C LEU D 235 -25.20 1.97 7.35
N ALA D 236 -23.87 2.07 7.46
CA ALA D 236 -23.24 2.81 8.57
C ALA D 236 -21.99 3.54 8.10
N ALA D 237 -21.67 4.67 8.73
CA ALA D 237 -20.45 5.42 8.42
C ALA D 237 -19.76 5.83 9.69
N THR D 238 -18.44 5.77 9.72
CA THR D 238 -17.66 6.34 10.82
C THR D 238 -16.74 7.39 10.24
N THR D 239 -16.99 8.65 10.58
CA THR D 239 -16.31 9.75 9.90
C THR D 239 -15.21 10.42 10.73
N HIS D 240 -14.10 10.79 10.08
CA HIS D 240 -12.94 11.43 10.70
C HIS D 240 -12.33 12.43 9.72
N ARG D 241 -11.64 13.46 10.25
CA ARG D 241 -10.65 14.31 9.50
C ARG D 241 -9.16 14.16 9.96
N ILE D 242 -8.27 14.30 8.98
CA ILE D 242 -6.82 14.29 9.24
C ILE D 242 -6.13 15.43 8.48
N ALA D 243 -4.81 15.59 8.69
CA ALA D 243 -4.06 16.74 8.18
C ALA D 243 -3.77 16.73 6.66
N THR D 244 -4.80 16.36 5.89
CA THR D 244 -4.74 16.38 4.42
C THR D 244 -5.49 17.61 3.95
N ILE D 245 -5.11 18.15 2.79
CA ILE D 245 -5.70 19.38 2.28
C ILE D 245 -6.93 19.09 1.40
N HIS D 246 -6.76 18.26 0.37
CA HIS D 246 -7.85 17.79 -0.49
C HIS D 246 -7.95 16.25 -0.58
N GLY D 247 -9.18 15.73 -0.73
CA GLY D 247 -9.39 14.31 -0.90
C GLY D 247 -10.00 13.56 0.27
N HIS D 248 -11.16 12.92 0.04
CA HIS D 248 -11.72 12.11 1.10
C HIS D 248 -11.45 10.65 0.82
N TYR D 249 -10.86 9.93 1.76
CA TYR D 249 -10.55 8.52 1.54
C TYR D 249 -11.53 7.65 2.33
N GLU D 250 -12.07 6.60 1.72
CA GLU D 250 -13.08 5.78 2.36
C GLU D 250 -12.83 4.30 2.26
N VAL D 251 -12.98 3.61 3.38
CA VAL D 251 -12.91 2.17 3.35
C VAL D 251 -14.34 1.59 3.48
N LEU D 252 -14.75 0.81 2.49
CA LEU D 252 -16.12 0.22 2.40
C LEU D 252 -16.11 -1.28 2.47
N TYR D 253 -16.71 -1.83 3.52
CA TYR D 253 -17.07 -3.25 3.54
C TYR D 253 -18.54 -3.47 3.05
N VAL D 254 -18.70 -4.20 1.94
CA VAL D 254 -19.97 -4.32 1.23
C VAL D 254 -20.42 -5.76 1.26
N SER D 255 -21.66 -5.97 1.75
CA SER D 255 -22.24 -7.32 1.90
C SER D 255 -23.36 -7.52 0.94
N PHE D 256 -23.69 -8.80 0.73
CA PHE D 256 -24.62 -9.21 -0.29
C PHE D 256 -25.49 -10.31 0.21
N LYS D 257 -26.74 -10.32 -0.26
CA LYS D 257 -27.74 -11.29 0.12
C LYS D 257 -27.41 -12.66 -0.41
N GLU D 258 -26.76 -12.74 -1.58
CA GLU D 258 -26.33 -14.04 -2.16
C GLU D 258 -24.86 -14.01 -2.56
N GLU D 259 -24.29 -15.20 -2.79
CA GLU D 259 -22.89 -15.34 -3.20
C GLU D 259 -22.49 -14.33 -4.31
N THR D 260 -21.47 -13.53 -4.07
CA THR D 260 -21.03 -12.50 -5.04
C THR D 260 -19.46 -12.54 -5.23
N ALA D 261 -19.01 -12.60 -6.50
CA ALA D 261 -17.59 -12.66 -6.81
C ALA D 261 -16.97 -11.24 -6.86
N ALA D 262 -15.93 -11.02 -6.06
CA ALA D 262 -15.20 -9.77 -6.13
C ALA D 262 -14.81 -9.39 -7.58
N GLU D 263 -14.30 -10.36 -8.35
CA GLU D 263 -13.90 -10.13 -9.73
C GLU D 263 -15.03 -9.48 -10.54
N LYS D 264 -16.24 -10.04 -10.45
CA LYS D 264 -17.37 -9.52 -11.25
C LYS D 264 -17.69 -8.05 -10.85
N VAL D 265 -17.77 -7.79 -9.56
CA VAL D 265 -18.05 -6.42 -9.09
C VAL D 265 -16.99 -5.39 -9.54
N LYS D 266 -15.72 -5.82 -9.56
CA LYS D 266 -14.57 -5.02 -10.08
C LYS D 266 -14.82 -4.57 -11.53
N GLU D 267 -15.17 -5.53 -12.38
CA GLU D 267 -15.60 -5.29 -13.76
C GLU D 267 -16.80 -4.33 -13.89
N THR D 268 -17.84 -4.50 -13.05
CA THR D 268 -18.97 -3.56 -13.08
C THR D 268 -18.45 -2.15 -12.83
N LEU D 269 -17.51 -2.03 -11.92
CA LEU D 269 -16.94 -0.72 -11.63
C LEU D 269 -16.03 -0.14 -12.73
N GLU D 270 -15.03 -0.92 -13.17
CA GLU D 270 -14.21 -0.52 -14.36
C GLU D 270 -15.10 -0.04 -15.50
N ASN D 271 -16.16 -0.77 -15.78
CA ASN D 271 -17.03 -0.45 -16.93
C ASN D 271 -18.19 0.49 -16.60
N PHE D 272 -18.23 1.03 -15.39
CA PHE D 272 -19.29 1.96 -15.08
C PHE D 272 -19.30 3.19 -15.98
N ARG D 273 -20.48 3.59 -16.37
CA ARG D 273 -20.71 4.80 -17.12
C ARG D 273 -22.21 4.98 -17.08
N GLY D 274 -22.62 6.24 -17.09
CA GLY D 274 -24.02 6.64 -17.02
C GLY D 274 -24.25 7.71 -18.07
N GLU D 275 -25.30 8.51 -17.92
CA GLU D 275 -25.73 9.45 -18.97
C GLU D 275 -24.72 10.52 -19.40
N PRO D 276 -24.05 11.16 -18.45
CA PRO D 276 -23.09 12.22 -18.81
C PRO D 276 -22.01 11.77 -19.78
N GLN D 277 -21.58 10.51 -19.66
CA GLN D 277 -20.63 9.91 -20.62
C GLN D 277 -21.24 9.65 -22.03
N ASP D 278 -22.47 9.10 -22.05
CA ASP D 278 -23.17 8.89 -23.33
C ASP D 278 -23.37 10.23 -24.03
N LEU D 279 -23.62 11.26 -23.20
CA LEU D 279 -24.06 12.57 -23.69
C LEU D 279 -22.87 13.45 -24.02
N LYS D 280 -21.68 12.98 -23.64
CA LYS D 280 -20.43 13.66 -23.95
C LYS D 280 -20.35 15.07 -23.31
N LEU D 281 -20.96 15.20 -22.13
CA LEU D 281 -20.96 16.48 -21.40
C LEU D 281 -19.49 16.95 -21.12
N PRO D 282 -19.19 18.25 -21.32
CA PRO D 282 -17.80 18.73 -21.25
C PRO D 282 -17.04 18.33 -19.96
N THR D 283 -17.72 18.35 -18.81
CA THR D 283 -17.12 18.04 -17.52
C THR D 283 -17.23 16.55 -17.12
N ALA D 284 -17.87 15.75 -17.97
CA ALA D 284 -17.99 14.31 -17.69
C ALA D 284 -16.66 13.58 -17.93
N PRO D 285 -16.15 12.85 -16.92
CA PRO D 285 -14.98 12.00 -17.15
C PRO D 285 -15.34 10.73 -17.94
N SER D 286 -14.42 10.29 -18.79
CA SER D 286 -14.57 9.05 -19.56
C SER D 286 -14.81 7.89 -18.62
N LYS D 287 -13.98 7.80 -17.58
CA LYS D 287 -14.18 6.81 -16.52
C LYS D 287 -14.60 7.49 -15.20
N PRO D 288 -15.91 7.63 -14.98
CA PRO D 288 -16.40 8.22 -13.74
C PRO D 288 -15.86 7.50 -12.51
N ILE D 289 -15.66 6.18 -12.61
CA ILE D 289 -14.94 5.40 -11.63
C ILE D 289 -13.71 4.73 -12.25
N ILE D 290 -12.54 5.07 -11.73
CA ILE D 290 -11.29 4.48 -12.14
C ILE D 290 -10.87 3.48 -11.09
N VAL D 291 -10.54 2.29 -11.56
CA VAL D 291 -10.09 1.20 -10.70
C VAL D 291 -8.57 1.01 -10.76
N MET D 292 -7.92 0.86 -9.62
CA MET D 292 -6.51 0.67 -9.60
C MET D 292 -6.22 -0.69 -9.06
N ASN D 293 -5.21 -1.32 -9.61
CA ASN D 293 -4.81 -2.64 -9.23
C ASN D 293 -3.79 -2.74 -8.14
N GLU D 294 -2.98 -1.70 -7.86
CA GLU D 294 -1.93 -1.82 -6.83
C GLU D 294 -2.53 -1.90 -5.41
N ASP D 295 -1.94 -2.75 -4.57
CA ASP D 295 -2.43 -2.93 -3.20
C ASP D 295 -2.08 -1.79 -2.28
N THR D 296 -1.39 -0.78 -2.80
CA THR D 296 -1.08 0.39 -2.00
C THR D 296 -1.67 1.64 -2.63
N ARG D 297 -2.64 1.45 -3.51
CA ARG D 297 -3.35 2.60 -4.14
C ARG D 297 -4.87 2.43 -4.00
N PRO D 298 -5.64 3.54 -4.12
CA PRO D 298 -5.20 4.88 -4.40
C PRO D 298 -4.59 5.56 -3.20
N GLN D 299 -3.67 6.49 -3.46
CA GLN D 299 -3.18 7.39 -2.37
C GLN D 299 -3.69 8.82 -2.56
N VAL D 300 -4.18 9.43 -1.46
CA VAL D 300 -4.73 10.81 -1.46
C VAL D 300 -3.92 11.78 -2.32
N TYR D 301 -2.65 11.94 -2.00
CA TYR D 301 -1.76 12.88 -2.71
C TYR D 301 -1.68 12.66 -4.23
N PHE D 302 -1.58 11.40 -4.68
CA PHE D 302 -1.27 11.13 -6.08
C PHE D 302 -2.50 10.87 -6.94
N ASP D 303 -3.58 10.39 -6.33
CA ASP D 303 -4.73 10.00 -7.10
C ASP D 303 -5.96 10.86 -6.86
N ARG D 304 -5.78 12.00 -6.24
CA ARG D 304 -6.90 12.90 -6.07
C ARG D 304 -7.17 13.71 -7.33
N TRP D 305 -6.29 13.67 -8.30
CA TRP D 305 -6.49 14.51 -9.49
C TRP D 305 -6.67 13.64 -10.72
N ALA D 306 -7.17 12.43 -10.52
CA ALA D 306 -7.22 11.48 -11.60
C ALA D 306 -8.49 11.68 -12.44
N GLY D 307 -8.43 11.16 -13.68
CA GLY D 307 -9.45 11.32 -14.71
C GLY D 307 -8.94 12.19 -15.86
N ASP D 308 -9.63 12.17 -17.01
CA ASP D 308 -9.29 13.09 -18.07
C ASP D 308 -9.89 14.49 -17.82
N ILE D 309 -10.85 14.58 -16.91
CA ILE D 309 -11.13 15.86 -16.27
C ILE D 309 -10.71 15.70 -14.82
N PRO D 310 -9.60 16.34 -14.45
CA PRO D 310 -8.95 16.05 -13.17
C PRO D 310 -9.82 16.26 -11.90
N GLY D 311 -9.82 15.24 -11.02
CA GLY D 311 -10.62 15.25 -9.79
C GLY D 311 -12.08 14.82 -9.90
N MET D 312 -12.55 14.72 -11.15
CA MET D 312 -13.94 14.39 -11.47
C MET D 312 -14.17 12.89 -11.35
N SER D 313 -13.11 12.09 -11.36
CA SER D 313 -13.27 10.65 -11.22
C SER D 313 -13.23 10.30 -9.74
N VAL D 314 -14.07 9.36 -9.35
CA VAL D 314 -13.87 8.69 -8.07
C VAL D 314 -12.91 7.51 -8.34
N VAL D 315 -11.96 7.33 -7.45
CA VAL D 315 -10.97 6.30 -7.66
C VAL D 315 -11.31 5.18 -6.68
N VAL D 316 -11.23 3.96 -7.15
CA VAL D 316 -11.50 2.82 -6.29
C VAL D 316 -10.24 1.91 -6.27
N GLY D 317 -9.98 1.27 -5.15
CA GLY D 317 -8.87 0.35 -5.14
C GLY D 317 -9.20 -0.79 -4.22
N ARG D 318 -8.25 -1.72 -4.10
CA ARG D 318 -8.28 -2.81 -3.10
C ARG D 318 -9.49 -3.76 -3.14
N LEU D 319 -10.12 -3.92 -4.30
CA LEU D 319 -11.21 -4.87 -4.42
C LEU D 319 -10.78 -6.26 -3.99
N LYS D 320 -11.42 -6.82 -2.97
CA LYS D 320 -11.02 -8.15 -2.46
C LYS D 320 -12.20 -8.89 -1.89
N GLN D 321 -12.17 -10.20 -2.06
CA GLN D 321 -13.10 -11.11 -1.38
C GLN D 321 -12.85 -11.20 0.15
N VAL D 322 -13.90 -10.97 0.94
CA VAL D 322 -13.85 -11.18 2.38
C VAL D 322 -14.39 -12.61 2.70
N ASN D 323 -15.61 -12.91 2.26
CA ASN D 323 -16.14 -14.23 2.32
C ASN D 323 -17.08 -14.30 1.14
N LYS D 324 -17.75 -15.42 0.92
CA LYS D 324 -18.67 -15.52 -0.21
C LYS D 324 -19.62 -14.29 -0.35
N ARG D 325 -19.95 -13.64 0.74
CA ARG D 325 -21.02 -12.65 0.72
C ARG D 325 -20.60 -11.29 1.23
N MET D 326 -19.31 -11.01 1.20
CA MET D 326 -18.81 -9.75 1.62
C MET D 326 -17.56 -9.35 0.82
N ILE D 327 -17.45 -8.07 0.40
CA ILE D 327 -16.20 -7.56 -0.21
C ILE D 327 -15.66 -6.29 0.45
N ARG D 328 -14.33 -6.11 0.36
CA ARG D 328 -13.61 -4.85 0.69
C ARG D 328 -13.29 -4.06 -0.57
N LEU D 329 -13.30 -2.75 -0.44
CA LEU D 329 -12.83 -1.88 -1.52
C LEU D 329 -12.54 -0.55 -0.83
N VAL D 330 -11.86 0.39 -1.53
CA VAL D 330 -11.64 1.75 -1.02
C VAL D 330 -11.92 2.75 -2.11
N SER D 331 -12.29 3.94 -1.69
CA SER D 331 -12.58 4.98 -2.65
C SER D 331 -12.09 6.34 -2.22
N LEU D 332 -11.46 6.99 -3.19
CA LEU D 332 -10.92 8.31 -3.02
C LEU D 332 -11.69 9.25 -3.93
N ILE D 333 -12.23 10.31 -3.33
CA ILE D 333 -12.92 11.33 -4.08
C ILE D 333 -12.19 12.63 -3.88
N HIS D 334 -12.06 13.43 -4.96
CA HIS D 334 -11.66 14.83 -4.77
C HIS D 334 -12.89 15.59 -4.25
N ASN D 335 -12.80 16.08 -3.02
CA ASN D 335 -13.97 16.60 -2.33
C ASN D 335 -14.55 17.96 -2.76
N THR D 336 -13.75 18.78 -3.45
CA THR D 336 -14.27 20.08 -3.92
C THR D 336 -14.45 20.12 -5.43
N VAL D 337 -13.82 19.19 -6.16
CA VAL D 337 -14.14 19.02 -7.58
C VAL D 337 -15.40 18.14 -7.75
N ARG D 338 -15.25 16.83 -7.90
CA ARG D 338 -16.38 15.90 -7.90
C ARG D 338 -17.37 16.09 -6.74
N GLY D 339 -16.82 16.18 -5.52
CA GLY D 339 -17.59 16.36 -4.27
C GLY D 339 -18.33 17.68 -4.12
N ALA D 340 -18.01 18.67 -4.97
CA ALA D 340 -18.75 19.93 -4.96
C ALA D 340 -18.83 20.54 -6.33
N ALA D 341 -17.90 21.45 -6.65
CA ALA D 341 -18.01 22.29 -7.85
C ALA D 341 -18.14 21.54 -9.19
N GLY D 342 -17.24 20.57 -9.42
CA GLY D 342 -17.24 19.80 -10.66
C GLY D 342 -18.54 19.03 -10.85
N GLY D 343 -19.05 18.50 -9.73
CA GLY D 343 -20.32 17.76 -9.71
C GLY D 343 -21.49 18.68 -9.92
N GLY D 344 -21.34 19.94 -9.53
CA GLY D 344 -22.32 20.99 -9.79
C GLY D 344 -22.31 21.51 -11.24
N ILE D 345 -21.13 21.69 -11.81
CA ILE D 345 -21.03 22.08 -13.23
C ILE D 345 -21.61 21.00 -14.17
N LEU D 346 -21.28 19.73 -13.87
CA LEU D 346 -21.80 18.56 -14.59
C LEU D 346 -23.31 18.47 -14.48
N ALA D 347 -23.83 18.81 -13.30
CA ALA D 347 -25.26 18.92 -13.09
C ALA D 347 -25.83 20.03 -13.97
N ALA D 348 -25.11 21.15 -14.11
CA ALA D 348 -25.57 22.26 -14.96
C ALA D 348 -25.65 21.83 -16.43
N GLU D 349 -24.56 21.21 -16.88
CA GLU D 349 -24.44 20.67 -18.24
C GLU D 349 -25.60 19.71 -18.63
N LEU D 350 -25.91 18.78 -17.74
CA LEU D 350 -27.04 17.87 -17.89
C LEU D 350 -28.37 18.63 -17.90
N LEU D 351 -28.53 19.60 -16.99
CA LEU D 351 -29.75 20.38 -16.95
C LEU D 351 -29.95 21.21 -18.21
N VAL D 352 -28.88 21.80 -18.74
CA VAL D 352 -28.94 22.58 -19.97
C VAL D 352 -29.40 21.74 -21.17
N GLU D 353 -28.82 20.54 -21.28
CA GLU D 353 -29.07 19.67 -22.45
C GLU D 353 -30.44 18.97 -22.40
N LYS D 354 -31.00 18.85 -21.20
CA LYS D 354 -32.36 18.34 -21.04
C LYS D 354 -33.43 19.45 -21.05
N GLY D 355 -33.02 20.67 -21.44
CA GLY D 355 -33.95 21.78 -21.64
C GLY D 355 -34.45 22.52 -20.41
N TYR D 356 -33.88 22.21 -19.24
CA TYR D 356 -34.32 22.86 -18.02
C TYR D 356 -33.64 24.21 -17.83
N ILE D 357 -32.50 24.42 -18.47
CA ILE D 357 -31.87 25.74 -18.47
C ILE D 357 -31.75 26.31 -19.88
N GLU D 358 -32.48 27.42 -20.09
CA GLU D 358 -32.59 28.09 -21.37
C GLU D 358 -31.22 28.56 -21.85
N LYS D 359 -30.93 28.25 -23.12
CA LYS D 359 -29.69 28.71 -23.79
C LYS D 359 -29.72 30.25 -23.99
N THR E 7 14.83 20.08 -33.62
CA THR E 7 14.54 19.69 -32.19
C THR E 7 15.71 19.07 -31.47
N LEU E 8 15.99 19.62 -30.30
CA LEU E 8 17.10 19.18 -29.50
C LEU E 8 16.75 18.05 -28.53
N LYS E 9 17.37 16.89 -28.74
CA LYS E 9 17.11 15.66 -27.96
C LYS E 9 17.82 15.60 -26.58
N ALA E 10 17.08 15.80 -25.47
CA ALA E 10 17.66 15.72 -24.10
C ALA E 10 17.51 14.34 -23.43
N ALA E 11 18.60 13.89 -22.81
CA ALA E 11 18.56 12.80 -21.78
C ALA E 11 18.41 13.36 -20.35
N ILE E 12 17.48 12.76 -19.58
CA ILE E 12 17.29 13.11 -18.16
C ILE E 12 17.77 11.95 -17.31
N LEU E 13 18.86 12.20 -16.59
CA LEU E 13 19.43 11.19 -15.65
C LEU E 13 18.59 11.26 -14.41
N GLY E 14 18.40 10.10 -13.73
CA GLY E 14 17.60 10.07 -12.49
C GLY E 14 16.21 10.60 -12.80
N ALA E 15 15.72 10.27 -14.00
CA ALA E 15 14.47 10.83 -14.53
C ALA E 15 13.19 10.63 -13.68
N THR E 16 13.09 9.49 -12.95
CA THR E 16 11.96 9.23 -12.02
C THR E 16 12.12 9.96 -10.66
N GLY E 17 13.31 10.49 -10.42
CA GLY E 17 13.53 11.14 -9.10
C GLY E 17 12.81 12.49 -9.01
N LEU E 18 12.94 13.13 -7.88
CA LEU E 18 12.15 14.30 -7.58
C LEU E 18 12.60 15.55 -8.36
N VAL E 19 13.84 15.50 -8.85
CA VAL E 19 14.30 16.52 -9.79
C VAL E 19 13.97 16.10 -11.24
N GLY E 20 14.32 14.88 -11.63
CA GLY E 20 13.94 14.31 -12.88
C GLY E 20 12.50 14.66 -13.25
N ILE E 21 11.60 14.60 -12.29
CA ILE E 21 10.19 14.77 -12.66
C ILE E 21 9.91 16.16 -13.12
N GLU E 22 10.67 17.14 -12.58
CA GLU E 22 10.59 18.57 -13.07
C GLU E 22 11.10 18.78 -14.51
N TYR E 23 12.25 18.17 -14.83
CA TYR E 23 12.69 18.04 -16.21
C TYR E 23 11.58 17.45 -17.08
N VAL E 24 11.09 16.25 -16.73
CA VAL E 24 10.02 15.66 -17.53
C VAL E 24 8.83 16.61 -17.72
N ARG E 25 8.38 17.28 -16.66
CA ARG E 25 7.20 18.13 -16.71
C ARG E 25 7.43 19.38 -17.56
N MET E 26 8.57 20.04 -17.34
CA MET E 26 8.89 21.29 -18.04
C MET E 26 9.25 21.14 -19.51
N LEU E 27 10.06 20.14 -19.83
CA LEU E 27 10.46 19.84 -21.20
C LEU E 27 9.32 19.36 -22.09
N SER E 28 8.20 18.97 -21.47
CA SER E 28 7.03 18.47 -22.20
C SER E 28 6.37 19.59 -22.98
N ASN E 29 6.44 20.79 -22.40
CA ASN E 29 5.82 22.02 -22.92
C ASN E 29 6.89 22.95 -23.44
N HIS E 30 8.03 22.40 -23.81
CA HIS E 30 9.13 23.21 -24.26
C HIS E 30 9.12 23.34 -25.77
N PRO E 31 9.36 24.57 -26.28
CA PRO E 31 9.22 24.80 -27.71
C PRO E 31 10.27 24.09 -28.54
N TYR E 32 11.42 23.72 -27.98
CA TYR E 32 12.44 23.08 -28.83
C TYR E 32 13.40 22.08 -28.18
N ILE E 33 13.30 21.95 -26.85
CA ILE E 33 13.98 20.85 -26.11
C ILE E 33 13.00 19.74 -25.66
N LYS E 34 13.26 18.52 -26.16
CA LYS E 34 12.38 17.36 -26.07
C LYS E 34 12.96 16.41 -25.00
N PRO E 35 12.11 15.84 -24.11
CA PRO E 35 12.57 14.77 -23.22
C PRO E 35 12.58 13.46 -23.95
N ALA E 36 13.74 13.04 -24.43
CA ALA E 36 13.76 11.96 -25.41
C ALA E 36 14.28 10.68 -24.81
N TYR E 37 15.09 10.79 -23.76
CA TYR E 37 15.75 9.67 -23.19
C TYR E 37 15.67 9.78 -21.61
N LEU E 38 14.80 8.92 -21.07
CA LEU E 38 14.59 8.78 -19.60
C LEU E 38 15.52 7.69 -19.03
N ALA E 39 16.58 8.18 -18.39
CA ALA E 39 17.65 7.34 -17.94
C ALA E 39 17.34 6.93 -16.50
N GLY E 40 17.68 5.68 -16.17
CA GLY E 40 17.69 5.26 -14.78
C GLY E 40 18.81 4.28 -14.46
N LYS E 41 18.64 3.54 -13.37
CA LYS E 41 19.52 2.46 -12.98
C LYS E 41 18.65 1.38 -12.35
N GLY E 42 17.94 1.75 -11.27
CA GLY E 42 17.17 0.78 -10.42
C GLY E 42 16.00 0.10 -11.15
N SER E 43 15.40 0.76 -12.14
CA SER E 43 14.19 0.22 -12.77
C SER E 43 14.27 0.23 -14.31
N VAL E 44 15.47 0.01 -14.84
CA VAL E 44 15.74 -0.07 -16.26
C VAL E 44 14.87 -1.17 -16.87
N GLY E 45 14.23 -0.85 -18.00
CA GLY E 45 13.45 -1.82 -18.73
C GLY E 45 11.97 -1.72 -18.39
N LYS E 46 11.66 -1.11 -17.24
CA LYS E 46 10.27 -0.85 -16.82
C LYS E 46 9.77 0.47 -17.47
N PRO E 47 8.45 0.56 -17.77
CA PRO E 47 7.89 1.83 -18.27
C PRO E 47 7.87 2.97 -17.22
N TYR E 48 8.13 4.19 -17.66
CA TYR E 48 8.28 5.33 -16.76
C TYR E 48 7.02 5.51 -15.90
N GLY E 49 5.83 5.54 -16.49
CA GLY E 49 4.58 5.72 -15.73
C GLY E 49 4.32 4.76 -14.55
N GLU E 50 4.81 3.51 -14.65
CA GLU E 50 4.59 2.52 -13.60
C GLU E 50 5.46 2.78 -12.40
N VAL E 51 6.63 3.38 -12.56
CA VAL E 51 7.54 3.48 -11.43
C VAL E 51 7.69 4.89 -10.88
N VAL E 52 7.49 5.91 -11.74
CA VAL E 52 7.61 7.25 -11.25
C VAL E 52 6.72 7.53 -10.02
N ARG E 53 7.29 8.27 -9.09
CA ARG E 53 6.57 8.88 -8.02
C ARG E 53 6.26 10.30 -8.50
N TRP E 54 5.07 10.52 -9.00
CA TRP E 54 4.75 11.86 -9.52
C TRP E 54 4.38 12.84 -8.41
N GLN E 55 5.39 13.31 -7.69
CA GLN E 55 5.17 14.17 -6.57
C GLN E 55 5.26 15.63 -6.99
N THR E 56 4.36 16.05 -7.86
CA THR E 56 4.36 17.43 -8.36
C THR E 56 3.05 17.82 -9.01
N VAL E 57 2.97 19.05 -9.48
CA VAL E 57 1.75 19.57 -10.02
C VAL E 57 1.27 18.80 -11.27
N GLY E 58 -0.05 18.77 -11.48
CA GLY E 58 -0.64 18.10 -12.62
C GLY E 58 -0.38 16.60 -12.65
N GLN E 59 -0.40 16.06 -13.87
CA GLN E 59 -0.27 14.62 -14.13
C GLN E 59 1.03 14.28 -14.90
N VAL E 60 1.37 13.00 -14.97
CA VAL E 60 2.44 12.52 -15.88
C VAL E 60 1.93 12.69 -17.29
N PRO E 61 2.65 13.43 -18.13
CA PRO E 61 2.18 13.65 -19.52
C PRO E 61 2.03 12.31 -20.25
N LYS E 62 0.99 12.17 -21.05
CA LYS E 62 0.65 10.85 -21.62
C LYS E 62 1.73 10.26 -22.53
N GLU E 63 2.36 11.12 -23.35
CA GLU E 63 3.38 10.66 -24.31
C GLU E 63 4.68 10.10 -23.62
N ILE E 64 4.87 10.41 -22.35
CA ILE E 64 6.04 9.96 -21.61
C ILE E 64 5.82 8.68 -20.78
N ALA E 65 4.59 8.51 -20.32
CA ALA E 65 4.23 7.40 -19.42
C ALA E 65 4.64 6.03 -19.93
N ASP E 66 4.62 5.85 -21.26
CA ASP E 66 4.95 4.56 -21.87
C ASP E 66 6.39 4.31 -22.32
N MET E 67 7.24 5.36 -22.31
CA MET E 67 8.69 5.22 -22.58
C MET E 67 9.39 4.33 -21.57
N GLU E 68 10.34 3.54 -22.03
CA GLU E 68 11.07 2.64 -21.16
C GLU E 68 12.12 3.44 -20.41
N ILE E 69 12.41 3.05 -19.19
CA ILE E 69 13.54 3.65 -18.51
C ILE E 69 14.79 2.95 -19.00
N LYS E 70 15.75 3.73 -19.47
CA LYS E 70 16.87 3.15 -20.26
C LYS E 70 18.14 3.33 -19.47
N PRO E 71 19.15 2.50 -19.77
CA PRO E 71 20.35 2.47 -18.93
C PRO E 71 21.07 3.81 -19.01
N THR E 72 21.79 4.16 -17.95
CA THR E 72 22.66 5.35 -17.95
C THR E 72 24.00 4.92 -18.58
N ASP E 73 24.02 4.94 -19.92
CA ASP E 73 25.16 4.50 -20.77
C ASP E 73 25.44 5.50 -21.91
N PRO E 74 26.63 6.15 -21.85
CA PRO E 74 27.07 7.05 -22.92
C PRO E 74 27.00 6.37 -24.31
N LYS E 75 27.70 5.24 -24.44
CA LYS E 75 27.79 4.44 -25.68
C LYS E 75 26.47 3.76 -26.04
N LEU E 76 25.40 4.56 -26.17
CA LEU E 76 24.04 4.07 -26.41
C LEU E 76 23.15 5.27 -26.67
N MET E 77 23.76 6.45 -26.57
CA MET E 77 23.00 7.68 -26.61
C MET E 77 23.37 8.55 -27.80
N ASP E 78 24.13 7.98 -28.73
CA ASP E 78 24.67 8.84 -29.82
C ASP E 78 23.55 9.53 -30.64
N ASP E 79 22.29 9.24 -30.27
CA ASP E 79 21.10 9.96 -30.75
C ASP E 79 20.73 11.16 -29.85
N VAL E 80 21.50 11.35 -28.76
CA VAL E 80 21.26 12.42 -27.80
C VAL E 80 22.14 13.69 -27.93
N ASP E 81 21.49 14.84 -27.77
CA ASP E 81 22.11 16.17 -27.84
C ASP E 81 22.52 16.76 -26.48
N ILE E 82 21.68 16.65 -25.45
CA ILE E 82 21.99 17.24 -24.13
C ILE E 82 21.77 16.21 -22.99
N ILE E 83 22.68 16.22 -22.00
CA ILE E 83 22.54 15.42 -20.78
C ILE E 83 22.19 16.34 -19.61
N PHE E 84 21.06 16.07 -18.94
CA PHE E 84 20.73 16.77 -17.70
C PHE E 84 20.92 15.74 -16.54
N SER E 85 21.68 16.15 -15.54
CA SER E 85 22.20 15.24 -14.49
C SER E 85 21.93 15.70 -13.03
N PRO E 86 20.87 15.15 -12.43
CA PRO E 86 20.55 15.44 -11.04
C PRO E 86 20.88 14.28 -10.11
N LEU E 87 21.87 13.47 -10.50
CA LEU E 87 22.28 12.28 -9.81
C LEU E 87 22.79 12.53 -8.39
N PRO E 88 22.86 11.45 -7.57
CA PRO E 88 23.29 11.57 -6.16
C PRO E 88 24.77 11.87 -5.99
N GLN E 89 25.09 12.73 -5.00
CA GLN E 89 26.45 12.99 -4.58
C GLN E 89 27.37 11.74 -4.65
N GLY E 90 28.61 11.88 -5.09
CA GLY E 90 29.56 10.76 -5.09
C GLY E 90 29.52 9.91 -6.35
N ALA E 91 28.30 9.57 -6.77
CA ALA E 91 28.07 8.80 -7.98
C ALA E 91 28.05 9.69 -9.23
N ALA E 92 27.63 10.95 -9.09
CA ALA E 92 27.45 11.95 -10.19
C ALA E 92 28.78 12.24 -10.89
N GLY E 93 29.76 12.56 -10.06
CA GLY E 93 31.09 12.94 -10.46
C GLY E 93 31.69 12.13 -11.58
N PRO E 94 31.84 10.83 -11.40
CA PRO E 94 32.55 10.05 -12.41
C PRO E 94 31.69 9.74 -13.65
N VAL E 95 30.35 9.75 -13.47
CA VAL E 95 29.42 9.50 -14.59
C VAL E 95 29.35 10.72 -15.53
N GLU E 96 29.35 11.90 -14.93
CA GLU E 96 29.33 13.15 -15.63
C GLU E 96 30.61 13.30 -16.49
N GLU E 97 31.74 12.86 -15.94
CA GLU E 97 33.02 12.80 -16.69
C GLU E 97 32.98 11.83 -17.89
N GLN E 98 32.35 10.67 -17.73
CA GLN E 98 32.26 9.74 -18.82
C GLN E 98 31.54 10.42 -19.99
N PHE E 99 30.52 11.22 -19.66
CA PHE E 99 29.70 11.88 -20.68
C PHE E 99 30.43 13.02 -21.44
N ALA E 100 31.25 13.80 -20.75
CA ALA E 100 32.03 14.83 -21.40
C ALA E 100 33.11 14.18 -22.29
N LYS E 101 33.81 13.20 -21.72
CA LYS E 101 34.76 12.33 -22.42
C LYS E 101 34.15 11.77 -23.71
N GLU E 102 32.85 11.58 -23.73
CA GLU E 102 32.17 10.95 -24.86
C GLU E 102 31.52 11.99 -25.79
N GLY E 103 31.72 13.26 -25.45
CA GLY E 103 31.32 14.36 -26.30
C GLY E 103 30.07 15.16 -25.95
N PHE E 104 29.36 14.76 -24.91
CA PHE E 104 28.10 15.45 -24.56
C PHE E 104 28.33 16.73 -23.77
N PRO E 105 27.52 17.75 -24.02
CA PRO E 105 27.29 18.79 -23.01
C PRO E 105 26.48 18.21 -21.78
N VAL E 106 26.91 18.55 -20.56
CA VAL E 106 26.29 18.01 -19.34
C VAL E 106 25.87 19.16 -18.43
N ILE E 107 24.59 19.28 -18.15
CA ILE E 107 24.16 20.27 -17.15
C ILE E 107 23.84 19.49 -15.84
N SER E 108 24.59 19.74 -14.78
CA SER E 108 24.46 18.98 -13.54
C SER E 108 23.78 19.77 -12.44
N ASN E 109 22.79 19.19 -11.76
CA ASN E 109 22.31 19.79 -10.50
C ASN E 109 23.04 19.19 -9.26
N SER E 110 23.98 18.26 -9.48
CA SER E 110 24.77 17.64 -8.38
C SER E 110 25.94 18.46 -7.77
N PRO E 111 26.27 18.23 -6.49
CA PRO E 111 27.37 18.96 -5.81
C PRO E 111 28.80 18.68 -6.28
N ASP E 112 29.02 17.54 -6.95
CA ASP E 112 30.35 17.01 -7.20
C ASP E 112 31.38 17.87 -7.93
N HIS E 113 30.97 18.54 -9.01
CA HIS E 113 31.85 19.30 -9.83
C HIS E 113 31.67 20.78 -9.58
N ARG E 114 30.80 21.15 -8.65
CA ARG E 114 30.51 22.56 -8.36
C ARG E 114 31.73 23.42 -8.05
N PHE E 115 32.82 22.82 -7.62
CA PHE E 115 33.96 23.66 -7.24
C PHE E 115 35.21 23.41 -8.07
N ASP E 116 35.11 22.63 -9.13
CA ASP E 116 36.21 22.46 -10.05
C ASP E 116 36.55 23.85 -10.65
N PRO E 117 37.83 24.21 -10.71
CA PRO E 117 38.19 25.59 -11.09
C PRO E 117 37.62 25.96 -12.47
N ASP E 118 37.69 24.99 -13.39
CA ASP E 118 37.34 25.09 -14.80
C ASP E 118 35.82 24.98 -15.13
N VAL E 119 34.99 24.75 -14.12
CA VAL E 119 33.58 24.40 -14.30
C VAL E 119 32.69 25.51 -13.75
N PRO E 120 31.76 25.99 -14.57
CA PRO E 120 30.86 27.05 -14.13
C PRO E 120 29.84 26.58 -13.09
N LEU E 121 29.57 27.48 -12.16
CA LEU E 121 28.59 27.30 -11.13
C LEU E 121 27.49 28.32 -11.39
N LEU E 122 26.52 27.91 -12.19
CA LEU E 122 25.77 28.88 -13.01
C LEU E 122 24.38 29.29 -12.54
N VAL E 123 24.26 30.59 -12.25
CA VAL E 123 22.96 31.24 -12.21
C VAL E 123 22.85 32.17 -13.41
N PRO E 124 21.99 31.79 -14.35
CA PRO E 124 21.93 32.50 -15.65
C PRO E 124 21.77 34.02 -15.53
N GLU E 125 21.10 34.44 -14.47
CA GLU E 125 20.82 35.84 -14.24
C GLU E 125 21.99 36.63 -13.65
N LEU E 126 22.97 35.92 -13.12
CA LEU E 126 23.98 36.52 -12.25
C LEU E 126 25.38 36.39 -12.81
N ASN E 127 25.75 35.22 -13.34
CA ASN E 127 27.08 35.00 -13.84
C ASN E 127 27.09 34.43 -15.23
N PRO E 128 26.27 34.98 -16.14
CA PRO E 128 26.16 34.41 -17.48
C PRO E 128 27.47 34.21 -18.21
N HIS E 129 28.46 35.10 -17.99
CA HIS E 129 29.69 35.09 -18.81
C HIS E 129 30.65 33.99 -18.34
N THR E 130 30.39 33.42 -17.16
CA THR E 130 31.27 32.35 -16.60
C THR E 130 31.31 31.08 -17.45
N ILE E 131 30.33 30.98 -18.33
CA ILE E 131 30.32 29.93 -19.32
C ILE E 131 31.64 29.75 -20.10
N SER E 132 32.39 30.83 -20.42
CA SER E 132 33.63 30.64 -21.21
C SER E 132 34.77 29.94 -20.47
N LEU E 133 34.55 29.57 -19.19
CA LEU E 133 35.40 28.59 -18.48
C LEU E 133 35.43 27.23 -19.19
N ILE E 134 34.41 26.98 -20.01
CA ILE E 134 34.30 25.77 -20.82
C ILE E 134 35.52 25.54 -21.72
N ASP E 135 36.08 26.64 -22.28
CA ASP E 135 37.22 26.54 -23.18
C ASP E 135 38.52 25.98 -22.57
N GLU E 136 39.01 26.54 -21.47
CA GLU E 136 40.18 25.91 -20.79
C GLU E 136 39.85 24.57 -20.12
N GLN E 137 38.57 24.38 -19.75
CA GLN E 137 38.03 23.06 -19.33
C GLN E 137 38.26 22.00 -20.43
N ARG E 138 37.89 22.30 -21.67
CA ARG E 138 38.11 21.39 -22.79
C ARG E 138 39.59 21.10 -23.03
N LYS E 139 40.42 22.14 -23.13
CA LYS E 139 41.86 21.99 -23.26
C LYS E 139 42.41 21.17 -22.10
N ARG E 140 42.20 21.66 -20.88
CA ARG E 140 42.83 21.07 -19.69
C ARG E 140 42.36 19.65 -19.31
N ARG E 141 41.10 19.27 -19.60
CA ARG E 141 40.58 17.90 -19.32
C ARG E 141 40.62 16.97 -20.54
N GLU E 142 40.99 17.52 -21.68
CA GLU E 142 41.06 16.77 -22.93
C GLU E 142 39.71 16.13 -23.27
N TRP E 143 38.66 16.95 -23.33
CA TRP E 143 37.40 16.46 -23.86
C TRP E 143 36.64 17.45 -24.77
N LYS E 144 35.85 16.87 -25.69
CA LYS E 144 35.04 17.62 -26.66
C LYS E 144 33.75 18.10 -25.99
N GLY E 145 33.18 17.28 -25.08
CA GLY E 145 31.96 17.63 -24.31
C GLY E 145 32.31 18.61 -23.21
N PHE E 146 31.36 18.94 -22.34
CA PHE E 146 31.69 19.71 -21.11
C PHE E 146 30.75 19.47 -19.91
N ILE E 147 31.10 20.06 -18.75
CA ILE E 147 30.22 20.06 -17.58
C ILE E 147 29.90 21.47 -17.13
N VAL E 148 28.63 21.76 -16.91
CA VAL E 148 28.21 22.97 -16.21
C VAL E 148 27.45 22.47 -14.96
N THR E 149 27.53 23.19 -13.84
CA THR E 149 26.71 22.85 -12.67
C THR E 149 25.79 24.01 -12.29
N THR E 150 24.68 23.70 -11.64
CA THR E 150 23.79 24.71 -11.05
C THR E 150 24.06 24.62 -9.56
N PRO E 151 23.78 25.69 -8.81
CA PRO E 151 24.06 25.70 -7.39
C PRO E 151 22.96 25.04 -6.59
N LEU E 152 23.33 24.59 -5.38
CA LEU E 152 22.43 24.06 -4.36
C LEU E 152 21.18 24.92 -4.25
N CYS E 153 20.02 24.26 -4.33
CA CYS E 153 18.75 24.96 -4.29
C CYS E 153 18.71 25.99 -3.16
N THR E 154 19.19 25.62 -1.98
CA THR E 154 19.23 26.52 -0.83
C THR E 154 20.14 27.69 -1.05
N ALA E 155 21.26 27.48 -1.72
CA ALA E 155 22.15 28.62 -1.99
C ALA E 155 21.50 29.58 -3.03
N GLN E 156 20.85 29.01 -4.06
CA GLN E 156 20.14 29.82 -5.06
C GLN E 156 19.11 30.70 -4.39
N GLY E 157 18.28 30.15 -3.49
CA GLY E 157 17.37 30.96 -2.66
C GLY E 157 17.98 32.25 -2.08
N ALA E 158 19.27 32.20 -1.73
CA ALA E 158 19.91 33.37 -1.14
C ALA E 158 20.74 34.16 -2.18
N ALA E 159 21.48 33.46 -3.02
CA ALA E 159 22.41 34.08 -3.94
C ALA E 159 21.69 35.01 -4.88
N ILE E 160 20.55 34.56 -5.40
CA ILE E 160 19.78 35.39 -6.31
C ILE E 160 19.36 36.80 -5.79
N PRO E 161 18.80 36.96 -4.58
CA PRO E 161 18.54 38.29 -4.08
C PRO E 161 19.83 38.97 -3.66
N LEU E 162 20.71 38.21 -3.03
CA LEU E 162 21.97 38.77 -2.55
C LEU E 162 22.83 39.25 -3.71
N GLY E 163 22.80 38.48 -4.80
CA GLY E 163 23.57 38.82 -5.99
C GLY E 163 23.13 40.16 -6.58
N ALA E 164 21.80 40.36 -6.59
CA ALA E 164 21.17 41.57 -7.08
C ALA E 164 21.54 42.75 -6.20
N ILE E 165 21.57 42.52 -4.88
CA ILE E 165 21.96 43.53 -3.91
C ILE E 165 23.45 43.89 -4.06
N PHE E 166 24.30 42.85 -3.99
CA PHE E 166 25.77 42.98 -4.13
C PHE E 166 26.24 43.75 -5.38
N LYS E 167 25.55 43.54 -6.49
CA LYS E 167 25.81 44.22 -7.78
C LYS E 167 25.83 45.73 -7.61
N ASP E 168 24.85 46.23 -6.85
CA ASP E 168 24.54 47.65 -6.79
C ASP E 168 24.76 48.30 -5.41
N TYR E 169 25.18 47.53 -4.40
CA TYR E 169 25.35 48.09 -3.05
C TYR E 169 26.61 47.65 -2.33
N LYS E 170 27.00 48.41 -1.30
CA LYS E 170 28.14 48.06 -0.45
C LYS E 170 27.86 46.97 0.66
N MET E 171 27.58 45.77 0.21
CA MET E 171 27.08 44.76 1.13
C MET E 171 28.22 44.03 1.82
N ASP E 172 28.28 44.09 3.15
CA ASP E 172 29.40 43.45 3.88
C ASP E 172 29.01 42.21 4.71
N GLY E 173 27.78 41.74 4.50
CA GLY E 173 27.24 40.70 5.33
C GLY E 173 25.86 40.18 4.96
N ALA E 174 25.65 38.88 5.15
CA ALA E 174 24.34 38.28 5.06
C ALA E 174 24.26 37.10 6.03
N PHE E 175 23.23 37.13 6.87
CA PHE E 175 23.05 36.17 7.95
C PHE E 175 21.67 35.48 7.87
N ILE E 176 21.73 34.21 7.50
CA ILE E 176 20.60 33.54 6.91
C ILE E 176 20.13 32.41 7.78
N THR E 177 18.82 32.32 7.87
CA THR E 177 18.12 31.18 8.39
C THR E 177 17.30 30.49 7.27
N THR E 178 17.49 29.20 7.04
CA THR E 178 16.63 28.51 6.07
C THR E 178 15.68 27.51 6.72
N ILE E 179 14.51 27.38 6.11
CA ILE E 179 13.49 26.56 6.56
C ILE E 179 13.04 25.80 5.33
N GLN E 180 13.74 24.69 5.07
CA GLN E 180 13.64 24.02 3.81
C GLN E 180 12.59 22.91 3.78
N SER E 181 12.28 22.41 2.59
CA SER E 181 11.25 21.44 2.40
C SER E 181 11.86 20.05 2.20
N LEU E 182 10.97 19.08 2.13
CA LEU E 182 11.34 17.69 2.23
C LEU E 182 11.82 17.14 0.92
N SER E 183 11.32 17.67 -0.20
CA SER E 183 11.68 17.16 -1.55
C SER E 183 13.18 17.24 -1.89
N GLY E 184 13.91 18.19 -1.36
CA GLY E 184 15.31 18.25 -1.68
C GLY E 184 16.19 17.11 -1.18
N ALA E 185 15.66 16.32 -0.22
CA ALA E 185 16.36 15.13 0.28
C ALA E 185 16.08 13.88 -0.46
N GLY E 186 15.13 13.91 -1.39
CA GLY E 186 14.76 12.76 -2.17
C GLY E 186 13.85 11.78 -1.42
N TYR E 187 13.77 10.56 -1.94
CA TYR E 187 12.94 9.47 -1.43
C TYR E 187 13.82 8.25 -1.32
N PRO E 188 13.84 7.56 -0.16
CA PRO E 188 13.05 7.78 1.02
C PRO E 188 13.36 9.10 1.67
N GLY E 189 14.59 9.59 1.52
CA GLY E 189 14.94 10.87 2.04
C GLY E 189 14.80 11.06 3.56
N ILE E 190 14.06 12.10 3.96
CA ILE E 190 13.91 12.47 5.37
C ILE E 190 12.85 11.55 6.10
N PRO E 191 13.25 10.95 7.23
CA PRO E 191 12.26 10.08 7.98
C PRO E 191 11.10 10.97 8.47
N SER E 192 9.88 10.44 8.33
CA SER E 192 8.68 11.10 8.89
C SER E 192 8.87 11.58 10.36
N LEU E 193 9.40 10.70 11.19
CA LEU E 193 9.61 11.05 12.60
C LEU E 193 10.53 12.22 12.86
N ASP E 194 11.34 12.58 11.87
CA ASP E 194 12.23 13.75 12.02
C ASP E 194 11.45 15.02 11.83
N VAL E 195 10.29 14.98 11.18
CA VAL E 195 9.62 16.25 10.91
C VAL E 195 8.25 16.47 11.45
N VAL E 196 7.60 15.44 11.92
CA VAL E 196 6.33 15.64 12.59
C VAL E 196 6.48 16.26 13.99
N ASP E 197 5.93 17.46 14.18
CA ASP E 197 5.98 18.14 15.47
C ASP E 197 7.44 18.30 15.83
N ASN E 198 8.22 18.80 14.84
CA ASN E 198 9.67 18.90 15.03
C ASN E 198 10.35 19.82 13.99
N ILE E 199 11.55 20.34 14.30
CA ILE E 199 12.35 21.02 13.30
C ILE E 199 13.68 20.29 13.25
N LEU E 200 14.10 19.90 12.04
CA LEU E 200 15.35 19.12 11.90
C LEU E 200 16.48 20.04 11.43
N PRO E 201 17.44 20.36 12.30
CA PRO E 201 18.59 21.19 11.83
C PRO E 201 19.50 20.31 11.01
N LEU E 202 20.10 20.86 9.96
CA LEU E 202 20.88 20.06 9.02
C LEU E 202 22.36 19.95 9.42
N GLY E 203 22.80 20.79 10.34
CA GLY E 203 24.16 20.71 10.90
C GLY E 203 25.20 21.63 10.30
N ASP E 204 26.33 21.73 10.95
CA ASP E 204 27.51 22.52 10.48
C ASP E 204 27.92 22.27 8.97
N GLY E 205 27.98 21.00 8.57
CA GLY E 205 28.35 20.62 7.22
C GLY E 205 27.51 21.23 6.12
N TYR E 206 26.19 21.08 6.23
CA TYR E 206 25.29 21.68 5.28
C TYR E 206 25.35 23.19 5.33
N ASP E 207 25.45 23.75 6.53
CA ASP E 207 25.61 25.21 6.71
C ASP E 207 26.80 25.78 5.91
N ALA E 208 27.97 25.16 6.09
CA ALA E 208 29.19 25.56 5.42
C ALA E 208 29.10 25.43 3.89
N LYS E 209 28.52 24.36 3.40
CA LYS E 209 28.53 24.16 1.97
C LYS E 209 27.57 25.10 1.26
N THR E 210 26.54 25.53 1.99
CA THR E 210 25.67 26.65 1.59
C THR E 210 26.41 28.02 1.37
N ILE E 211 27.09 28.49 2.44
CA ILE E 211 28.07 29.57 2.51
C ILE E 211 29.07 29.51 1.34
N LYS E 212 29.79 28.40 1.25
CA LYS E 212 30.78 28.15 0.22
C LYS E 212 30.23 28.38 -1.20
N GLU E 213 28.97 28.07 -1.42
CA GLU E 213 28.42 28.18 -2.75
C GLU E 213 27.95 29.59 -3.05
N ILE E 214 27.34 30.26 -2.08
CA ILE E 214 26.98 31.64 -2.29
C ILE E 214 28.26 32.48 -2.63
N PHE E 215 29.35 32.26 -1.90
CA PHE E 215 30.62 32.93 -2.11
C PHE E 215 31.15 32.82 -3.51
N ARG E 216 31.14 31.61 -4.08
CA ARG E 216 31.71 31.50 -5.40
C ARG E 216 30.84 32.27 -6.43
N ILE E 217 29.51 32.12 -6.31
CA ILE E 217 28.59 32.94 -7.12
C ILE E 217 28.76 34.48 -6.96
N LEU E 218 28.80 34.95 -5.70
CA LEU E 218 28.99 36.37 -5.44
C LEU E 218 30.34 36.88 -6.00
N SER E 219 31.34 35.99 -6.05
CA SER E 219 32.65 36.28 -6.62
C SER E 219 32.63 36.47 -8.15
N GLU E 220 31.58 35.95 -8.79
CA GLU E 220 31.45 36.00 -10.24
C GLU E 220 30.47 37.07 -10.78
N VAL E 221 29.80 37.78 -9.88
CA VAL E 221 28.95 38.91 -10.23
C VAL E 221 29.78 40.10 -10.76
N LYS E 222 29.54 40.47 -12.02
CA LYS E 222 30.05 41.74 -12.59
C LYS E 222 29.42 42.90 -11.81
N ARG E 223 30.22 43.65 -11.06
CA ARG E 223 29.70 44.68 -10.14
C ARG E 223 29.66 46.15 -10.70
N ASN E 224 28.77 46.98 -10.14
CA ASN E 224 28.60 48.41 -10.45
C ASN E 224 29.26 49.33 -9.43
N VAL E 225 29.33 48.89 -8.18
CA VAL E 225 30.24 49.46 -7.16
C VAL E 225 31.38 48.45 -6.85
N ASP E 226 32.50 48.90 -6.31
CA ASP E 226 33.62 47.98 -6.05
C ASP E 226 34.07 47.94 -4.59
N GLU E 227 33.10 48.06 -3.68
CA GLU E 227 33.35 47.91 -2.25
C GLU E 227 32.25 47.08 -1.52
N PRO E 228 32.65 46.21 -0.55
CA PRO E 228 34.05 45.88 -0.27
C PRO E 228 34.55 44.74 -1.18
N LYS E 229 35.81 44.34 -1.01
CA LYS E 229 36.36 43.20 -1.73
C LYS E 229 35.57 42.00 -1.28
N LEU E 230 35.45 40.99 -2.14
CA LEU E 230 34.72 39.78 -1.77
C LEU E 230 35.31 39.15 -0.50
N GLU E 231 36.64 39.20 -0.37
CA GLU E 231 37.33 38.64 0.77
C GLU E 231 36.88 39.23 2.13
N ASP E 232 36.26 40.43 2.11
CA ASP E 232 35.81 41.13 3.33
C ASP E 232 34.31 40.98 3.64
N VAL E 233 33.58 40.28 2.77
CA VAL E 233 32.17 39.96 2.99
C VAL E 233 31.95 38.73 3.91
N SER E 234 31.02 38.88 4.84
CA SER E 234 30.80 37.88 5.85
C SER E 234 29.46 37.10 5.67
N LEU E 235 29.54 35.80 5.36
CA LEU E 235 28.29 35.00 5.21
C LEU E 235 28.12 33.95 6.33
N ALA E 236 26.86 33.73 6.75
CA ALA E 236 26.49 32.63 7.64
C ALA E 236 25.13 32.11 7.27
N ALA E 237 24.93 30.82 7.53
CA ALA E 237 23.64 30.19 7.31
C ALA E 237 23.37 29.17 8.42
N THR E 238 22.11 29.11 8.81
CA THR E 238 21.63 28.11 9.70
C THR E 238 20.47 27.39 9.02
N THR E 239 20.69 26.13 8.72
CA THR E 239 19.74 25.43 7.87
C THR E 239 18.90 24.41 8.62
N HIS E 240 17.68 24.23 8.14
CA HIS E 240 16.73 23.31 8.74
C HIS E 240 15.80 22.79 7.69
N ARG E 241 15.16 21.63 7.97
CA ARG E 241 13.96 21.20 7.21
C ARG E 241 12.72 21.11 8.09
N ILE E 242 11.54 21.22 7.49
CA ILE E 242 10.25 21.02 8.18
C ILE E 242 9.27 20.27 7.28
N ALA E 243 8.04 19.98 7.75
CA ALA E 243 7.14 19.11 6.97
C ALA E 243 6.42 19.81 5.77
N THR E 244 7.22 20.48 4.93
CA THR E 244 6.72 21.08 3.68
C THR E 244 7.32 20.25 2.54
N ILE E 245 6.56 20.08 1.46
CA ILE E 245 6.87 19.20 0.33
C ILE E 245 7.77 19.92 -0.68
N HIS E 246 7.35 21.11 -1.12
CA HIS E 246 8.13 21.97 -2.06
C HIS E 246 8.31 23.38 -1.49
N GLY E 247 9.50 23.97 -1.66
CA GLY E 247 9.74 25.37 -1.29
C GLY E 247 10.70 25.57 -0.14
N HIS E 248 11.78 26.33 -0.41
CA HIS E 248 12.77 26.66 0.63
C HIS E 248 12.53 28.12 1.04
N TYR E 249 12.27 28.36 2.33
CA TYR E 249 11.98 29.69 2.82
C TYR E 249 13.17 30.19 3.63
N GLU E 250 13.58 31.41 3.36
CA GLU E 250 14.80 31.93 3.97
C GLU E 250 14.62 33.29 4.58
N VAL E 251 15.21 33.48 5.77
CA VAL E 251 15.27 34.79 6.38
C VAL E 251 16.68 35.31 6.33
N LEU E 252 16.79 36.51 5.72
CA LEU E 252 18.07 37.17 5.46
C LEU E 252 18.15 38.50 6.14
N TYR E 253 19.15 38.64 7.01
CA TYR E 253 19.59 39.91 7.56
C TYR E 253 20.86 40.31 6.81
N VAL E 254 20.76 41.46 6.12
CA VAL E 254 21.80 41.96 5.20
C VAL E 254 22.39 43.31 5.64
N SER E 255 23.71 43.33 5.79
CA SER E 255 24.45 44.46 6.34
C SER E 255 25.29 45.18 5.28
N PHE E 256 25.51 46.47 5.54
CA PHE E 256 26.18 47.33 4.58
C PHE E 256 27.25 48.15 5.22
N LYS E 257 28.35 48.29 4.49
CA LYS E 257 29.47 49.13 4.92
C LYS E 257 29.09 50.62 5.13
N GLU E 258 28.15 51.15 4.34
CA GLU E 258 27.66 52.54 4.54
C GLU E 258 26.15 52.59 4.62
N GLU E 259 25.60 53.73 5.06
CA GLU E 259 24.16 53.96 5.15
C GLU E 259 23.42 53.52 3.89
N THR E 260 22.39 52.67 4.04
CA THR E 260 21.63 52.12 2.90
C THR E 260 20.12 52.14 3.19
N ALA E 261 19.34 52.64 2.24
CA ALA E 261 17.88 52.74 2.40
C ALA E 261 17.18 51.47 1.93
N ALA E 262 16.31 50.92 2.79
CA ALA E 262 15.47 49.76 2.46
C ALA E 262 14.66 49.96 1.17
N GLU E 263 14.06 51.15 1.02
CA GLU E 263 13.28 51.50 -0.16
C GLU E 263 14.08 51.34 -1.45
N LYS E 264 15.31 51.85 -1.46
CA LYS E 264 16.14 51.78 -2.66
C LYS E 264 16.46 50.32 -3.06
N VAL E 265 16.86 49.50 -2.08
CA VAL E 265 17.20 48.10 -2.33
C VAL E 265 16.00 47.33 -2.87
N LYS E 266 14.80 47.67 -2.36
CA LYS E 266 13.54 47.03 -2.77
C LYS E 266 13.29 47.24 -4.27
N GLU E 267 13.52 48.48 -4.72
CA GLU E 267 13.45 48.87 -6.14
C GLU E 267 14.49 48.17 -7.03
N THR E 268 15.74 48.03 -6.56
CA THR E 268 16.75 47.21 -7.28
C THR E 268 16.26 45.81 -7.53
N LEU E 269 15.61 45.23 -6.52
CA LEU E 269 15.07 43.87 -6.57
C LEU E 269 13.84 43.77 -7.49
N GLU E 270 12.86 44.68 -7.32
CA GLU E 270 11.68 44.74 -8.22
C GLU E 270 12.11 44.87 -9.68
N ASN E 271 13.15 45.67 -9.94
CA ASN E 271 13.61 45.91 -11.30
C ASN E 271 14.71 44.94 -11.74
N PHE E 272 15.06 43.99 -10.89
CA PHE E 272 16.15 43.13 -11.28
C PHE E 272 15.81 42.39 -12.59
N ARG E 273 16.77 42.31 -13.49
CA ARG E 273 16.66 41.44 -14.67
C ARG E 273 18.11 41.23 -15.09
N GLY E 274 18.35 40.13 -15.82
CA GLY E 274 19.67 39.80 -16.28
C GLY E 274 19.55 39.39 -17.72
N GLU E 275 20.59 38.68 -18.21
CA GLU E 275 20.67 38.30 -19.62
C GLU E 275 19.51 37.45 -20.15
N PRO E 276 19.08 36.43 -19.39
CA PRO E 276 18.01 35.55 -19.89
C PRO E 276 16.70 36.27 -20.21
N GLN E 277 16.40 37.33 -19.46
CA GLN E 277 15.25 38.20 -19.74
C GLN E 277 15.41 39.03 -21.02
N ASP E 278 16.57 39.69 -21.17
CA ASP E 278 16.99 40.42 -22.38
C ASP E 278 16.89 39.53 -23.61
N LEU E 279 17.35 38.30 -23.42
CA LEU E 279 17.46 37.31 -24.49
C LEU E 279 16.17 36.54 -24.75
N LYS E 280 15.18 36.74 -23.89
CA LYS E 280 13.83 36.19 -24.09
C LYS E 280 13.82 34.64 -24.10
N LEU E 281 14.74 34.05 -23.34
CA LEU E 281 14.88 32.59 -23.26
C LEU E 281 13.56 31.98 -22.80
N PRO E 282 13.15 30.88 -23.43
CA PRO E 282 11.79 30.36 -23.20
C PRO E 282 11.49 30.12 -21.70
N THR E 283 12.46 29.63 -20.93
CA THR E 283 12.28 29.39 -19.48
C THR E 283 12.62 30.59 -18.55
N ALA E 284 13.06 31.71 -19.11
CA ALA E 284 13.33 32.90 -18.29
C ALA E 284 12.03 33.59 -17.83
N PRO E 285 11.88 33.83 -16.52
CA PRO E 285 10.69 34.53 -16.04
C PRO E 285 10.86 36.02 -16.27
N SER E 286 9.76 36.74 -16.50
CA SER E 286 9.79 38.21 -16.72
C SER E 286 10.36 38.90 -15.50
N LYS E 287 9.89 38.50 -14.33
CA LYS E 287 10.48 38.97 -13.08
C LYS E 287 11.20 37.83 -12.33
N PRO E 288 12.50 37.65 -12.60
CA PRO E 288 13.28 36.63 -11.90
C PRO E 288 13.17 36.80 -10.39
N ILE E 289 12.99 38.05 -9.94
CA ILE E 289 12.68 38.34 -8.55
C ILE E 289 11.34 39.06 -8.46
N ILE E 290 10.39 38.47 -7.76
CA ILE E 290 9.10 39.10 -7.51
C ILE E 290 9.08 39.53 -6.06
N VAL E 291 8.65 40.76 -5.84
CA VAL E 291 8.60 41.33 -4.51
C VAL E 291 7.17 41.50 -4.06
N MET E 292 6.88 41.12 -2.83
CA MET E 292 5.53 41.19 -2.29
C MET E 292 5.48 42.20 -1.20
N ASN E 293 4.34 42.86 -1.10
CA ASN E 293 4.19 43.95 -0.15
C ASN E 293 3.52 43.55 1.15
N GLU E 294 2.75 42.47 1.16
CA GLU E 294 2.02 42.09 2.37
C GLU E 294 2.98 41.59 3.47
N ASP E 295 2.72 42.00 4.70
CA ASP E 295 3.61 41.63 5.78
C ASP E 295 3.44 40.15 6.20
N THR E 296 2.55 39.43 5.55
CA THR E 296 2.45 37.99 5.83
C THR E 296 2.80 37.15 4.62
N ARG E 297 3.49 37.76 3.65
CA ARG E 297 3.93 37.03 2.45
C ARG E 297 5.45 37.15 2.23
N PRO E 298 6.05 36.22 1.44
CA PRO E 298 5.46 35.08 0.77
C PRO E 298 5.23 33.92 1.73
N GLN E 299 4.18 33.15 1.48
CA GLN E 299 3.99 31.87 2.12
C GLN E 299 4.30 30.73 1.16
N VAL E 300 5.04 29.76 1.67
CA VAL E 300 5.44 28.56 0.95
C VAL E 300 4.35 28.01 0.06
N TYR E 301 3.19 27.64 0.64
CA TYR E 301 2.08 27.02 -0.12
C TYR E 301 1.61 27.80 -1.34
N PHE E 302 1.50 29.12 -1.20
CA PHE E 302 0.80 29.97 -2.20
C PHE E 302 1.72 30.63 -3.22
N ASP E 303 2.97 30.81 -2.83
CA ASP E 303 3.88 31.61 -3.64
C ASP E 303 5.05 30.79 -4.15
N ARG E 304 4.96 29.48 -4.03
CA ARG E 304 6.04 28.66 -4.54
C ARG E 304 5.89 28.42 -6.04
N TRP E 305 4.76 28.84 -6.60
CA TRP E 305 4.52 28.64 -8.02
C TRP E 305 4.35 29.99 -8.73
N ALA E 306 5.02 31.01 -8.24
CA ALA E 306 4.84 32.33 -8.80
C ALA E 306 5.80 32.53 -9.97
N GLY E 307 5.42 33.49 -10.84
CA GLY E 307 6.14 33.83 -12.07
C GLY E 307 5.32 33.44 -13.26
N ASP E 308 5.63 34.03 -14.42
CA ASP E 308 4.92 33.64 -15.65
C ASP E 308 5.48 32.31 -16.17
N ILE E 309 6.67 31.93 -15.69
CA ILE E 309 7.05 30.52 -15.71
C ILE E 309 7.02 30.02 -14.28
N PRO E 310 5.98 29.26 -13.95
CA PRO E 310 5.73 28.91 -12.55
C PRO E 310 6.93 28.24 -11.85
N GLY E 311 7.36 28.85 -10.73
CA GLY E 311 8.40 28.33 -9.84
C GLY E 311 9.79 28.79 -10.20
N MET E 312 9.87 29.46 -11.35
CA MET E 312 11.13 30.01 -11.87
C MET E 312 11.55 31.33 -11.24
N SER E 313 10.60 32.01 -10.63
CA SER E 313 10.87 33.29 -9.99
C SER E 313 11.21 33.06 -8.56
N VAL E 314 12.20 33.79 -8.05
CA VAL E 314 12.40 33.87 -6.62
C VAL E 314 11.48 34.97 -6.08
N VAL E 315 10.77 34.69 -5.01
CA VAL E 315 9.86 35.64 -4.43
C VAL E 315 10.50 36.16 -3.16
N VAL E 316 10.48 37.48 -3.04
CA VAL E 316 11.03 38.17 -1.88
C VAL E 316 9.92 38.93 -1.14
N GLY E 317 10.01 39.01 0.18
CA GLY E 317 9.04 39.77 0.93
C GLY E 317 9.69 40.46 2.09
N ARG E 318 8.89 41.20 2.85
CA ARG E 318 9.26 41.76 4.16
C ARG E 318 10.45 42.72 4.19
N LEU E 319 10.70 43.42 3.08
CA LEU E 319 11.77 44.41 3.06
C LEU E 319 11.55 45.44 4.14
N LYS E 320 12.50 45.58 5.06
CA LYS E 320 12.40 46.52 6.17
C LYS E 320 13.75 46.98 6.67
N GLN E 321 13.76 48.21 7.17
CA GLN E 321 14.94 48.81 7.72
C GLN E 321 15.15 48.27 9.12
N VAL E 322 16.37 47.77 9.38
CA VAL E 322 16.73 47.36 10.73
C VAL E 322 17.42 48.51 11.43
N ASN E 323 18.57 48.92 10.92
CA ASN E 323 19.18 50.19 11.33
C ASN E 323 19.71 50.89 10.08
N LYS E 324 20.43 51.99 10.21
CA LYS E 324 20.98 52.67 9.02
C LYS E 324 21.73 51.73 8.08
N ARG E 325 22.35 50.67 8.61
CA ARG E 325 23.26 49.82 7.83
C ARG E 325 22.91 48.32 7.84
N MET E 326 21.64 48.01 8.09
CA MET E 326 21.15 46.65 8.10
C MET E 326 19.70 46.57 7.63
N ILE E 327 19.41 45.58 6.77
CA ILE E 327 18.02 45.31 6.38
C ILE E 327 17.57 43.86 6.56
N ARG E 328 16.26 43.67 6.74
CA ARG E 328 15.63 42.34 6.75
C ARG E 328 14.86 42.10 5.43
N LEU E 329 14.76 40.83 5.04
CA LEU E 329 14.04 40.44 3.85
C LEU E 329 13.93 38.91 3.94
N VAL E 330 12.98 38.32 3.21
CA VAL E 330 12.81 36.89 3.18
C VAL E 330 12.74 36.42 1.74
N SER E 331 13.15 35.19 1.48
CA SER E 331 13.04 34.66 0.12
C SER E 331 12.54 33.21 0.02
N LEU E 332 11.60 33.03 -0.89
CA LEU E 332 11.02 31.74 -1.14
C LEU E 332 11.43 31.32 -2.55
N ILE E 333 12.00 30.12 -2.66
CA ILE E 333 12.43 29.57 -3.92
C ILE E 333 11.72 28.24 -4.07
N HIS E 334 11.30 27.94 -5.30
CA HIS E 334 10.87 26.60 -5.61
C HIS E 334 12.11 25.78 -5.88
N ASN E 335 12.39 24.83 -4.98
CA ASN E 335 13.69 24.20 -4.88
C ASN E 335 14.00 23.23 -6.01
N THR E 336 12.97 22.68 -6.66
CA THR E 336 13.26 21.73 -7.72
C THR E 336 13.02 22.30 -9.08
N VAL E 337 12.25 23.38 -9.16
CA VAL E 337 12.11 24.10 -10.43
C VAL E 337 13.30 25.09 -10.54
N ARG E 338 13.19 26.33 -10.02
CA ARG E 338 14.32 27.27 -9.99
C ARG E 338 15.59 26.65 -9.40
N GLY E 339 15.43 25.94 -8.28
CA GLY E 339 16.56 25.40 -7.50
C GLY E 339 17.24 24.22 -8.19
N ALA E 340 16.58 23.69 -9.22
CA ALA E 340 17.20 22.55 -9.90
C ALA E 340 16.91 22.53 -11.39
N ALA E 341 15.88 21.78 -11.77
CA ALA E 341 15.59 21.51 -13.13
C ALA E 341 15.33 22.77 -14.03
N GLY E 342 14.51 23.71 -13.55
CA GLY E 342 14.18 24.90 -14.29
C GLY E 342 15.43 25.75 -14.52
N GLY E 343 16.25 25.82 -13.48
CA GLY E 343 17.50 26.53 -13.54
C GLY E 343 18.47 25.83 -14.45
N GLY E 344 18.34 24.52 -14.57
CA GLY E 344 19.19 23.78 -15.48
C GLY E 344 18.73 23.93 -16.93
N ILE E 345 17.41 24.00 -17.13
CA ILE E 345 16.86 24.18 -18.47
C ILE E 345 17.16 25.56 -19.05
N LEU E 346 16.99 26.60 -18.22
CA LEU E 346 17.43 27.97 -18.49
C LEU E 346 18.92 28.04 -18.80
N ALA E 347 19.70 27.24 -18.08
CA ALA E 347 21.12 27.10 -18.35
C ALA E 347 21.37 26.50 -19.73
N ALA E 348 20.64 25.47 -20.09
CA ALA E 348 20.77 24.93 -21.44
C ALA E 348 20.47 26.00 -22.53
N GLU E 349 19.36 26.72 -22.34
CA GLU E 349 18.82 27.71 -23.25
C GLU E 349 19.84 28.86 -23.53
N LEU E 350 20.48 29.29 -22.45
CA LEU E 350 21.60 30.16 -22.49
C LEU E 350 22.80 29.52 -23.21
N LEU E 351 23.14 28.28 -22.87
CA LEU E 351 24.26 27.66 -23.57
C LEU E 351 24.08 27.49 -25.09
N VAL E 352 22.87 27.14 -25.49
CA VAL E 352 22.54 26.95 -26.88
C VAL E 352 22.71 28.26 -27.69
N GLU E 353 22.17 29.35 -27.13
CA GLU E 353 22.10 30.59 -27.82
C GLU E 353 23.48 31.26 -27.88
N LYS E 354 24.37 30.86 -26.97
CA LYS E 354 25.75 31.33 -26.94
C LYS E 354 26.68 30.40 -27.72
N GLY E 355 26.10 29.42 -28.42
CA GLY E 355 26.84 28.55 -29.34
C GLY E 355 27.61 27.41 -28.73
N TYR E 356 27.49 27.24 -27.45
CA TYR E 356 28.20 26.14 -26.80
C TYR E 356 27.50 24.75 -26.98
N ILE E 357 26.18 24.74 -27.21
CA ILE E 357 25.53 23.52 -27.67
C ILE E 357 25.02 23.66 -29.10
N GLU E 358 25.55 22.81 -29.98
CA GLU E 358 25.28 22.78 -31.41
C GLU E 358 23.79 22.47 -31.72
N LYS E 359 23.19 23.23 -32.68
CA LYS E 359 21.77 23.06 -33.11
C LYS E 359 21.56 21.76 -33.92
N THR F 7 0.01 26.78 53.74
CA THR F 7 -0.26 26.62 52.27
C THR F 7 -0.88 27.86 51.61
N LEU F 8 -0.38 28.21 50.42
CA LEU F 8 -0.82 29.40 49.68
C LEU F 8 -1.80 29.03 48.60
N LYS F 9 -3.01 29.57 48.71
CA LYS F 9 -4.13 29.24 47.82
C LYS F 9 -4.14 30.09 46.54
N ALA F 10 -3.90 29.47 45.38
CA ALA F 10 -3.85 30.19 44.11
C ALA F 10 -5.13 30.05 43.28
N ALA F 11 -5.51 31.15 42.65
CA ALA F 11 -6.51 31.11 41.61
C ALA F 11 -5.80 31.15 40.27
N ILE F 12 -6.29 30.32 39.34
CA ILE F 12 -5.83 30.31 37.97
C ILE F 12 -6.96 30.82 37.09
N LEU F 13 -6.73 31.97 36.46
CA LEU F 13 -7.66 32.51 35.46
C LEU F 13 -7.40 31.81 34.15
N GLY F 14 -8.41 31.70 33.29
CA GLY F 14 -8.23 30.95 32.05
C GLY F 14 -7.67 29.57 32.30
N ALA F 15 -8.21 28.90 33.33
CA ALA F 15 -7.72 27.63 33.85
C ALA F 15 -7.76 26.47 32.85
N THR F 16 -8.81 26.39 32.02
CA THR F 16 -8.92 25.33 30.97
C THR F 16 -8.09 25.60 29.71
N GLY F 17 -7.66 26.84 29.53
CA GLY F 17 -6.78 27.19 28.40
C GLY F 17 -5.37 26.58 28.45
N LEU F 18 -4.63 26.84 27.38
CA LEU F 18 -3.37 26.17 27.12
C LEU F 18 -2.23 26.59 28.05
N VAL F 19 -2.43 27.75 28.66
CA VAL F 19 -1.53 28.17 29.68
C VAL F 19 -2.09 27.74 31.03
N GLY F 20 -3.41 27.87 31.18
CA GLY F 20 -4.09 27.42 32.40
C GLY F 20 -3.67 26.03 32.80
N ILE F 21 -3.64 25.14 31.82
CA ILE F 21 -3.30 23.74 32.08
C ILE F 21 -1.86 23.54 32.62
N GLU F 22 -0.93 24.43 32.29
CA GLU F 22 0.41 24.28 32.80
C GLU F 22 0.47 24.72 34.26
N TYR F 23 -0.36 25.71 34.60
CA TYR F 23 -0.52 26.10 35.99
C TYR F 23 -1.08 24.93 36.80
N VAL F 24 -2.17 24.37 36.28
CA VAL F 24 -2.78 23.21 36.92
C VAL F 24 -1.79 22.03 37.12
N ARG F 25 -0.98 21.73 36.09
CA ARG F 25 -0.07 20.58 36.16
C ARG F 25 1.02 20.79 37.15
N MET F 26 1.63 21.96 37.09
CA MET F 26 2.80 22.26 37.89
C MET F 26 2.48 22.54 39.36
N LEU F 27 1.38 23.23 39.61
CA LEU F 27 1.00 23.53 41.00
C LEU F 27 0.48 22.30 41.73
N SER F 28 0.18 21.26 40.96
CA SER F 28 -0.24 19.98 41.53
C SER F 28 0.85 19.28 42.31
N ASN F 29 2.10 19.42 41.85
CA ASN F 29 3.29 18.83 42.49
C ASN F 29 4.11 19.89 43.22
N HIS F 30 3.45 20.97 43.63
CA HIS F 30 4.15 22.07 44.23
C HIS F 30 4.17 21.91 45.75
N PRO F 31 5.32 22.19 46.37
CA PRO F 31 5.47 21.96 47.82
C PRO F 31 4.67 22.89 48.67
N TYR F 32 4.24 24.04 48.14
CA TYR F 32 3.48 24.99 48.98
C TYR F 32 2.49 25.96 48.31
N ILE F 33 2.40 25.90 46.99
CA ILE F 33 1.34 26.64 46.30
C ILE F 33 0.33 25.64 45.72
N LYS F 34 -0.91 25.78 46.18
CA LYS F 34 -2.03 24.89 45.81
C LYS F 34 -2.89 25.51 44.70
N PRO F 35 -3.26 24.74 43.68
CA PRO F 35 -4.31 25.18 42.74
C PRO F 35 -5.72 25.03 43.35
N ALA F 36 -6.19 26.06 44.06
CA ALA F 36 -7.41 25.96 44.84
C ALA F 36 -8.66 26.49 44.13
N TYR F 37 -8.49 27.46 43.25
CA TYR F 37 -9.62 28.10 42.57
C TYR F 37 -9.40 28.17 41.07
N LEU F 38 -10.16 27.35 40.34
CA LEU F 38 -10.10 27.28 38.89
C LEU F 38 -11.16 28.17 38.29
N ALA F 39 -10.71 29.27 37.70
CA ALA F 39 -11.58 30.31 37.21
C ALA F 39 -11.80 30.20 35.72
N GLY F 40 -13.01 30.54 35.30
CA GLY F 40 -13.37 30.59 33.88
C GLY F 40 -14.40 31.67 33.58
N LYS F 41 -15.04 31.57 32.42
CA LYS F 41 -16.15 32.43 32.04
C LYS F 41 -17.16 31.60 31.27
N GLY F 42 -16.66 30.98 30.18
CA GLY F 42 -17.46 30.22 29.22
C GLY F 42 -18.12 28.96 29.72
N SER F 43 -17.47 28.24 30.63
CA SER F 43 -18.04 27.00 31.14
C SER F 43 -18.20 26.96 32.67
N VAL F 44 -18.53 28.12 33.27
CA VAL F 44 -18.74 28.26 34.72
C VAL F 44 -19.79 27.24 35.18
N GLY F 45 -19.53 26.55 36.28
CA GLY F 45 -20.50 25.58 36.84
C GLY F 45 -20.28 24.14 36.41
N LYS F 46 -19.60 23.97 35.28
CA LYS F 46 -19.21 22.65 34.80
C LYS F 46 -17.95 22.17 35.54
N PRO F 47 -17.76 20.85 35.66
CA PRO F 47 -16.53 20.30 36.28
C PRO F 47 -15.31 20.42 35.35
N TYR F 48 -14.12 20.69 35.93
CA TYR F 48 -12.92 20.95 35.15
C TYR F 48 -12.59 19.84 34.15
N GLY F 49 -12.54 18.61 34.66
CA GLY F 49 -12.22 17.44 33.83
C GLY F 49 -13.03 17.24 32.54
N GLU F 50 -14.31 17.60 32.56
CA GLU F 50 -15.18 17.45 31.37
C GLU F 50 -14.94 18.48 30.29
N VAL F 51 -14.39 19.64 30.61
CA VAL F 51 -14.27 20.69 29.58
C VAL F 51 -12.83 20.96 29.15
N VAL F 52 -11.87 20.70 30.02
CA VAL F 52 -10.48 20.95 29.68
C VAL F 52 -10.02 20.18 28.44
N ARG F 53 -9.37 20.91 27.56
CA ARG F 53 -8.55 20.36 26.52
C ARG F 53 -7.14 20.07 27.10
N TRP F 54 -6.88 18.84 27.53
CA TRP F 54 -5.61 18.52 28.19
C TRP F 54 -4.48 18.32 27.20
N GLN F 55 -4.02 19.41 26.62
CA GLN F 55 -3.09 19.31 25.52
C GLN F 55 -1.64 19.48 26.06
N THR F 56 -1.24 18.51 26.87
CA THR F 56 0.07 18.52 27.46
C THR F 56 0.44 17.15 28.03
N VAL F 57 1.64 17.06 28.60
CA VAL F 57 2.19 15.81 29.08
C VAL F 57 1.33 15.26 30.20
N GLY F 58 1.33 13.94 30.33
CA GLY F 58 0.61 13.26 31.39
C GLY F 58 -0.91 13.37 31.27
N GLN F 59 -1.58 13.14 32.40
CA GLN F 59 -3.03 13.20 32.50
C GLN F 59 -3.47 14.38 33.34
N VAL F 60 -4.77 14.71 33.31
CA VAL F 60 -5.39 15.62 34.28
C VAL F 60 -5.28 15.00 35.68
N PRO F 61 -4.66 15.68 36.65
CA PRO F 61 -4.50 15.13 38.01
C PRO F 61 -5.86 14.87 38.63
N LYS F 62 -6.02 13.72 39.30
CA LYS F 62 -7.37 13.27 39.72
C LYS F 62 -8.11 14.24 40.65
N GLU F 63 -7.40 14.82 41.62
CA GLU F 63 -8.02 15.70 42.62
C GLU F 63 -8.58 17.01 42.04
N ILE F 64 -8.14 17.36 40.82
CA ILE F 64 -8.58 18.58 40.14
C ILE F 64 -9.79 18.36 39.21
N ALA F 65 -9.84 17.18 38.58
CA ALA F 65 -10.86 16.86 37.56
C ALA F 65 -12.30 17.21 37.94
N ASP F 66 -12.61 17.08 39.24
CA ASP F 66 -13.95 17.26 39.75
C ASP F 66 -14.28 18.66 40.30
N MET F 67 -13.28 19.50 40.50
CA MET F 67 -13.57 20.89 40.92
C MET F 67 -14.40 21.59 39.86
N GLU F 68 -15.26 22.50 40.32
CA GLU F 68 -16.12 23.27 39.44
C GLU F 68 -15.35 24.42 38.86
N ILE F 69 -15.66 24.79 37.62
CA ILE F 69 -15.13 26.02 37.06
C ILE F 69 -15.97 27.15 37.64
N LYS F 70 -15.31 28.08 38.33
CA LYS F 70 -15.98 29.12 39.11
C LYS F 70 -15.80 30.50 38.46
N PRO F 71 -16.69 31.45 38.76
CA PRO F 71 -16.68 32.75 38.04
C PRO F 71 -15.37 33.50 38.27
N THR F 72 -15.00 34.34 37.30
CA THR F 72 -13.91 35.28 37.50
C THR F 72 -14.45 36.52 38.19
N ASP F 73 -14.55 36.44 39.53
CA ASP F 73 -15.10 37.49 40.39
C ASP F 73 -14.25 37.72 41.65
N PRO F 74 -13.65 38.91 41.75
CA PRO F 74 -12.84 39.27 42.91
C PRO F 74 -13.58 39.09 44.23
N LYS F 75 -14.78 39.66 44.30
CA LYS F 75 -15.63 39.59 45.50
C LYS F 75 -16.27 38.20 45.71
N LEU F 76 -15.43 37.15 45.70
CA LEU F 76 -15.90 35.75 45.78
C LEU F 76 -14.70 34.88 46.08
N MET F 77 -13.56 35.54 46.21
CA MET F 77 -12.30 34.84 46.34
C MET F 77 -11.52 35.20 47.62
N ASP F 78 -12.15 35.88 48.58
CA ASP F 78 -11.42 36.34 49.80
C ASP F 78 -10.78 35.18 50.58
N ASP F 79 -10.92 33.97 50.04
CA ASP F 79 -10.20 32.77 50.49
C ASP F 79 -8.96 32.47 49.64
N VAL F 80 -8.64 33.38 48.72
CA VAL F 80 -7.53 33.22 47.81
C VAL F 80 -6.35 34.15 48.15
N ASP F 81 -5.14 33.63 47.97
CA ASP F 81 -3.91 34.34 48.28
C ASP F 81 -3.23 34.93 47.02
N ILE F 82 -3.15 34.14 45.94
CA ILE F 82 -2.54 34.56 44.66
C ILE F 82 -3.47 34.42 43.42
N ILE F 83 -3.44 35.45 42.56
CA ILE F 83 -4.06 35.39 41.23
C ILE F 83 -3.01 35.20 40.10
N PHE F 84 -3.12 34.10 39.34
CA PHE F 84 -2.33 33.91 38.14
C PHE F 84 -3.24 34.21 36.96
N SER F 85 -2.79 35.07 36.05
CA SER F 85 -3.64 35.57 34.97
C SER F 85 -3.05 35.49 33.55
N PRO F 86 -3.48 34.48 32.77
CA PRO F 86 -3.06 34.31 31.36
C PRO F 86 -4.19 34.62 30.37
N LEU F 87 -5.01 35.60 30.72
CA LEU F 87 -6.17 35.99 29.95
C LEU F 87 -5.86 36.58 28.57
N PRO F 88 -6.86 36.64 27.70
CA PRO F 88 -6.66 37.21 26.37
C PRO F 88 -6.41 38.74 26.40
N GLN F 89 -5.50 39.19 25.54
CA GLN F 89 -5.31 40.60 25.21
C GLN F 89 -6.60 41.45 25.24
N GLY F 90 -6.55 42.62 25.88
CA GLY F 90 -7.69 43.55 25.89
C GLY F 90 -8.66 43.34 27.05
N ALA F 91 -8.96 42.08 27.36
CA ALA F 91 -9.86 41.73 28.46
C ALA F 91 -9.10 41.61 29.77
N ALA F 92 -7.81 41.26 29.67
CA ALA F 92 -6.92 41.03 30.81
C ALA F 92 -6.71 42.31 31.61
N GLY F 93 -6.42 43.39 30.89
CA GLY F 93 -6.09 44.67 31.50
C GLY F 93 -7.01 45.15 32.62
N PRO F 94 -8.32 45.27 32.33
CA PRO F 94 -9.25 45.82 33.32
C PRO F 94 -9.66 44.83 34.41
N VAL F 95 -9.54 43.54 34.12
CA VAL F 95 -9.82 42.49 35.10
C VAL F 95 -8.67 42.39 36.12
N GLU F 96 -7.43 42.54 35.63
CA GLU F 96 -6.24 42.48 36.48
C GLU F 96 -6.24 43.66 37.45
N GLU F 97 -6.75 44.81 36.98
CA GLU F 97 -6.93 46.01 37.81
C GLU F 97 -7.97 45.85 38.89
N GLN F 98 -9.06 45.13 38.61
CA GLN F 98 -10.08 44.88 39.63
C GLN F 98 -9.50 44.07 40.78
N PHE F 99 -8.62 43.14 40.44
CA PHE F 99 -7.94 42.27 41.43
C PHE F 99 -6.90 42.97 42.32
N ALA F 100 -6.10 43.89 41.77
CA ALA F 100 -5.19 44.72 42.58
C ALA F 100 -5.96 45.69 43.49
N LYS F 101 -6.97 46.37 42.90
CA LYS F 101 -7.96 47.21 43.62
C LYS F 101 -8.58 46.45 44.80
N GLU F 102 -8.75 45.13 44.64
CA GLU F 102 -9.37 44.29 45.68
C GLU F 102 -8.36 43.62 46.64
N GLY F 103 -7.07 43.89 46.45
CA GLY F 103 -6.06 43.49 47.41
C GLY F 103 -5.21 42.28 47.05
N PHE F 104 -5.43 41.69 45.90
CA PHE F 104 -4.66 40.52 45.48
C PHE F 104 -3.36 40.87 44.77
N PRO F 105 -2.34 40.02 44.96
CA PRO F 105 -1.21 40.01 44.08
C PRO F 105 -1.58 39.31 42.78
N VAL F 106 -1.17 39.91 41.67
CA VAL F 106 -1.52 39.37 40.36
C VAL F 106 -0.26 39.15 39.53
N ILE F 107 -0.02 37.90 39.13
CA ILE F 107 1.03 37.59 38.15
C ILE F 107 0.36 37.36 36.78
N SER F 108 0.72 38.21 35.82
CA SER F 108 0.08 38.18 34.51
C SER F 108 0.99 37.63 33.42
N ASN F 109 0.48 36.70 32.61
CA ASN F 109 1.17 36.32 31.36
C ASN F 109 0.67 37.13 30.15
N SER F 110 -0.24 38.09 30.41
CA SER F 110 -0.91 38.88 29.34
C SER F 110 -0.15 40.14 28.89
N PRO F 111 -0.23 40.51 27.59
CA PRO F 111 0.49 41.69 27.08
C PRO F 111 0.15 43.08 27.71
N ASP F 112 -1.02 43.16 28.37
CA ASP F 112 -1.74 44.43 28.63
C ASP F 112 -1.00 45.45 29.50
N HIS F 113 -0.40 44.97 30.58
CA HIS F 113 0.22 45.84 31.56
C HIS F 113 1.75 45.76 31.48
N ARG F 114 2.24 45.04 30.46
CA ARG F 114 3.67 44.77 30.25
C ARG F 114 4.51 46.04 30.13
N PHE F 115 3.90 47.16 29.73
CA PHE F 115 4.66 48.40 29.49
C PHE F 115 4.29 49.58 30.40
N ASP F 116 3.39 49.33 31.35
CA ASP F 116 3.09 50.30 32.38
C ASP F 116 4.41 50.64 33.07
N PRO F 117 4.69 51.94 33.28
CA PRO F 117 6.00 52.31 33.84
C PRO F 117 6.30 51.62 35.19
N ASP F 118 5.26 51.55 36.03
CA ASP F 118 5.27 51.06 37.41
C ASP F 118 5.19 49.51 37.57
N VAL F 119 5.08 48.78 36.46
CA VAL F 119 4.81 47.33 36.49
C VAL F 119 5.98 46.54 35.94
N PRO F 120 6.45 45.57 36.74
CA PRO F 120 7.62 44.75 36.35
C PRO F 120 7.32 43.82 35.20
N LEU F 121 8.29 43.75 34.32
CA LEU F 121 8.23 42.85 33.20
C LEU F 121 9.33 41.79 33.49
N LEU F 122 8.93 40.75 34.21
CA LEU F 122 9.86 39.98 35.02
C LEU F 122 10.36 38.61 34.49
N VAL F 123 11.67 38.54 34.23
CA VAL F 123 12.38 37.25 34.13
C VAL F 123 13.23 37.10 35.38
N PRO F 124 12.84 36.19 36.25
CA PRO F 124 13.43 36.09 37.57
C PRO F 124 14.96 36.02 37.56
N GLU F 125 15.55 35.41 36.53
CA GLU F 125 17.01 35.26 36.42
C GLU F 125 17.74 36.53 36.00
N LEU F 126 17.00 37.45 35.38
CA LEU F 126 17.60 38.59 34.73
C LEU F 126 17.39 39.94 35.43
N ASN F 127 16.15 40.22 35.85
CA ASN F 127 15.83 41.50 36.46
C ASN F 127 15.12 41.37 37.80
N PRO F 128 15.67 40.53 38.68
CA PRO F 128 15.02 40.25 39.97
C PRO F 128 14.68 41.48 40.83
N HIS F 129 15.54 42.49 40.81
CA HIS F 129 15.33 43.64 41.65
C HIS F 129 14.19 44.60 41.16
N THR F 130 13.74 44.44 39.91
CA THR F 130 12.70 45.34 39.34
C THR F 130 11.37 45.19 40.04
N ILE F 131 11.24 44.11 40.80
CA ILE F 131 10.07 43.94 41.67
C ILE F 131 9.76 45.19 42.55
N SER F 132 10.76 45.95 43.05
CA SER F 132 10.41 47.10 43.92
C SER F 132 9.75 48.28 43.21
N LEU F 133 9.44 48.12 41.92
CA LEU F 133 8.55 49.05 41.22
C LEU F 133 7.13 48.97 41.81
N ILE F 134 6.87 47.87 42.52
CA ILE F 134 5.59 47.59 43.18
C ILE F 134 5.22 48.72 44.13
N ASP F 135 6.22 49.28 44.80
CA ASP F 135 5.99 50.31 45.79
C ASP F 135 5.37 51.61 45.24
N GLU F 136 6.01 52.26 44.26
CA GLU F 136 5.38 53.45 43.66
C GLU F 136 4.15 53.07 42.85
N GLN F 137 4.08 51.82 42.39
CA GLN F 137 2.84 51.28 41.82
C GLN F 137 1.69 51.37 42.82
N ARG F 138 1.92 50.91 44.05
CA ARG F 138 0.87 50.96 45.08
C ARG F 138 0.45 52.39 45.41
N LYS F 139 1.44 53.26 45.68
CA LYS F 139 1.23 54.68 45.93
C LYS F 139 0.47 55.33 44.77
N ARG F 140 1.05 55.26 43.58
CA ARG F 140 0.51 55.93 42.38
C ARG F 140 -0.84 55.38 41.81
N ARG F 141 -1.15 54.09 42.00
CA ARG F 141 -2.47 53.55 41.56
C ARG F 141 -3.48 53.40 42.68
N GLU F 142 -3.07 53.77 43.89
CA GLU F 142 -3.90 53.67 45.08
C GLU F 142 -4.48 52.26 45.23
N TRP F 143 -3.63 51.24 45.23
CA TRP F 143 -4.13 49.92 45.61
C TRP F 143 -3.23 49.09 46.53
N LYS F 144 -3.86 48.23 47.33
CA LYS F 144 -3.15 47.36 48.30
C LYS F 144 -2.49 46.17 47.60
N GLY F 145 -3.16 45.64 46.57
CA GLY F 145 -2.62 44.56 45.71
C GLY F 145 -1.59 45.06 44.71
N PHE F 146 -1.26 44.24 43.71
CA PHE F 146 -0.33 44.67 42.66
C PHE F 146 -0.37 43.79 41.41
N ILE F 147 0.28 44.28 40.34
CA ILE F 147 0.43 43.55 39.08
C ILE F 147 1.90 43.35 38.69
N VAL F 148 2.24 42.11 38.39
CA VAL F 148 3.53 41.75 37.78
C VAL F 148 3.22 41.03 36.48
N THR F 149 3.98 41.33 35.43
CA THR F 149 3.81 40.59 34.20
C THR F 149 5.07 39.78 33.90
N THR F 150 4.89 38.74 33.09
CA THR F 150 5.98 37.96 32.50
C THR F 150 6.02 38.36 31.01
N PRO F 151 7.18 38.25 30.37
CA PRO F 151 7.25 38.62 28.96
C PRO F 151 6.68 37.56 28.02
N LEU F 152 6.33 38.01 26.81
CA LEU F 152 5.93 37.17 25.70
C LEU F 152 6.88 35.98 25.55
N CYS F 153 6.29 34.80 25.47
CA CYS F 153 7.07 33.56 25.37
C CYS F 153 8.24 33.69 24.38
N THR F 154 7.95 34.24 23.20
CA THR F 154 8.91 34.42 22.11
C THR F 154 10.03 35.37 22.47
N ALA F 155 9.72 36.37 23.29
CA ALA F 155 10.74 37.32 23.73
C ALA F 155 11.65 36.69 24.77
N GLN F 156 11.05 35.93 25.69
CA GLN F 156 11.80 35.18 26.71
C GLN F 156 12.83 34.26 26.05
N GLY F 157 12.42 33.58 24.98
CA GLY F 157 13.30 32.75 24.19
C GLY F 157 14.55 33.47 23.73
N ALA F 158 14.44 34.73 23.42
CA ALA F 158 15.65 35.48 23.05
C ALA F 158 16.30 36.23 24.25
N ALA F 159 15.48 36.92 25.03
CA ALA F 159 16.03 37.76 26.08
C ALA F 159 16.90 36.95 27.04
N ILE F 160 16.46 35.76 27.41
CA ILE F 160 17.20 34.94 28.37
C ILE F 160 18.68 34.63 27.95
N PRO F 161 18.95 34.15 26.73
CA PRO F 161 20.35 34.04 26.29
C PRO F 161 20.98 35.41 26.06
N LEU F 162 20.23 36.30 25.39
CA LEU F 162 20.76 37.66 25.15
C LEU F 162 21.09 38.41 26.44
N GLY F 163 20.19 38.32 27.42
CA GLY F 163 20.42 38.89 28.74
C GLY F 163 21.74 38.46 29.35
N ALA F 164 22.06 37.19 29.22
CA ALA F 164 23.27 36.59 29.78
C ALA F 164 24.51 37.10 29.08
N ILE F 165 24.40 37.20 27.76
CA ILE F 165 25.47 37.75 26.95
C ILE F 165 25.68 39.26 27.25
N PHE F 166 24.58 40.01 27.19
CA PHE F 166 24.60 41.46 27.42
C PHE F 166 25.22 41.83 28.76
N LYS F 167 24.93 41.06 29.80
CA LYS F 167 25.48 41.27 31.16
C LYS F 167 27.02 41.35 31.17
N ASP F 168 27.67 40.52 30.35
CA ASP F 168 29.11 40.29 30.40
C ASP F 168 29.90 40.69 29.10
N TYR F 169 29.20 41.11 28.04
CA TYR F 169 29.83 41.39 26.74
C TYR F 169 29.30 42.65 26.03
N LYS F 170 30.11 43.17 25.10
CA LYS F 170 29.80 44.43 24.38
C LYS F 170 28.91 44.17 23.16
N MET F 171 27.68 43.79 23.45
CA MET F 171 26.75 43.36 22.44
C MET F 171 26.02 44.57 21.81
N ASP F 172 26.17 44.76 20.49
CA ASP F 172 25.51 45.88 19.80
C ASP F 172 24.35 45.47 18.87
N GLY F 173 23.96 44.21 18.92
CA GLY F 173 22.99 43.71 17.97
C GLY F 173 22.62 42.25 18.09
N ALA F 174 21.34 41.99 17.86
CA ALA F 174 20.81 40.64 17.76
C ALA F 174 19.70 40.58 16.70
N PHE F 175 19.88 39.69 15.75
CA PHE F 175 18.99 39.58 14.62
C PHE F 175 18.39 38.17 14.54
N ILE F 176 17.10 38.11 14.81
CA ILE F 176 16.45 36.90 15.22
C ILE F 176 15.48 36.39 14.18
N THR F 177 15.46 35.08 13.98
CA THR F 177 14.35 34.43 13.24
C THR F 177 13.59 33.50 14.18
N THR F 178 12.27 33.57 14.24
CA THR F 178 11.59 32.65 15.11
C THR F 178 10.71 31.68 14.34
N ILE F 179 10.69 30.43 14.79
CA ILE F 179 9.87 29.40 14.22
C ILE F 179 9.05 28.86 15.37
N GLN F 180 7.85 29.41 15.56
CA GLN F 180 7.09 29.18 16.77
C GLN F 180 6.05 28.10 16.60
N SER F 181 5.46 27.70 17.71
CA SER F 181 4.50 26.62 17.75
C SER F 181 3.06 27.11 17.87
N LEU F 182 2.14 26.17 17.69
CA LEU F 182 0.75 26.48 17.56
C LEU F 182 0.08 26.80 18.86
N SER F 183 0.58 26.25 19.96
CA SER F 183 -0.08 26.38 21.26
C SER F 183 -0.16 27.82 21.78
N GLY F 184 0.82 28.65 21.43
CA GLY F 184 0.84 30.04 21.85
C GLY F 184 -0.35 30.87 21.37
N ALA F 185 -0.99 30.43 20.27
CA ALA F 185 -2.16 31.15 19.75
C ALA F 185 -3.48 30.67 20.34
N GLY F 186 -3.44 29.65 21.19
CA GLY F 186 -4.66 29.08 21.76
C GLY F 186 -5.59 28.26 20.84
N TYR F 187 -6.83 28.08 21.30
CA TYR F 187 -7.84 27.27 20.66
C TYR F 187 -9.14 28.08 20.52
N PRO F 188 -9.69 28.17 19.28
CA PRO F 188 -9.27 27.56 18.01
C PRO F 188 -7.88 27.99 17.53
N GLY F 189 -7.52 29.25 17.78
CA GLY F 189 -6.18 29.73 17.46
C GLY F 189 -5.86 29.70 15.98
N ILE F 190 -4.79 29.00 15.62
CA ILE F 190 -4.32 28.97 14.24
C ILE F 190 -5.09 27.95 13.40
N PRO F 191 -5.70 28.39 12.28
CA PRO F 191 -6.38 27.45 11.35
C PRO F 191 -5.43 26.44 10.73
N SER F 192 -5.81 25.17 10.79
CA SER F 192 -5.07 24.05 10.18
C SER F 192 -4.50 24.37 8.79
N LEU F 193 -5.33 24.98 7.94
CA LEU F 193 -4.93 25.29 6.57
C LEU F 193 -3.78 26.29 6.48
N ASP F 194 -3.51 27.00 7.58
CA ASP F 194 -2.42 27.97 7.64
C ASP F 194 -1.09 27.28 7.83
N VAL F 195 -1.07 26.10 8.43
CA VAL F 195 0.22 25.50 8.70
C VAL F 195 0.56 24.16 8.03
N VAL F 196 -0.41 23.52 7.37
CA VAL F 196 -0.14 22.26 6.64
C VAL F 196 0.55 22.49 5.31
N ASP F 197 1.79 22.02 5.19
CA ASP F 197 2.62 22.29 4.00
C ASP F 197 2.74 23.82 3.79
N ASN F 198 3.11 24.55 4.84
CA ASN F 198 3.21 26.02 4.81
C ASN F 198 3.95 26.59 6.02
N ILE F 199 4.45 27.82 5.86
CA ILE F 199 4.99 28.58 6.98
C ILE F 199 4.23 29.88 7.09
N LEU F 200 3.68 30.14 8.29
CA LEU F 200 2.85 31.34 8.52
C LEU F 200 3.68 32.47 9.15
N PRO F 201 4.00 33.53 8.38
CA PRO F 201 4.68 34.70 8.98
C PRO F 201 3.69 35.47 9.86
N LEU F 202 4.17 36.01 10.96
CA LEU F 202 3.29 36.66 11.91
C LEU F 202 3.09 38.16 11.68
N GLY F 203 3.95 38.76 10.86
CA GLY F 203 3.77 40.17 10.45
C GLY F 203 4.54 41.20 11.24
N ASP F 204 4.68 42.38 10.65
CA ASP F 204 5.41 43.49 11.28
C ASP F 204 5.00 43.77 12.74
N GLY F 205 3.68 43.75 12.98
CA GLY F 205 3.08 43.94 14.31
C GLY F 205 3.73 43.05 15.37
N TYR F 206 3.69 41.74 15.15
CA TYR F 206 4.27 40.78 16.10
C TYR F 206 5.80 40.93 16.22
N ASP F 207 6.45 41.26 15.10
CA ASP F 207 7.89 41.40 15.05
C ASP F 207 8.34 42.53 15.97
N ALA F 208 7.63 43.67 15.89
CA ALA F 208 7.93 44.88 16.65
C ALA F 208 7.68 44.72 18.14
N LYS F 209 6.58 44.04 18.51
CA LYS F 209 6.26 43.87 19.92
C LYS F 209 7.19 42.88 20.63
N THR F 210 7.77 41.96 19.86
CA THR F 210 8.88 41.09 20.31
C THR F 210 10.16 41.91 20.65
N ILE F 211 10.67 42.64 19.66
CA ILE F 211 11.70 43.68 19.80
C ILE F 211 11.48 44.54 21.05
N LYS F 212 10.33 45.20 21.10
CA LYS F 212 9.98 46.10 22.20
C LYS F 212 10.07 45.43 23.57
N GLU F 213 9.81 44.14 23.64
CA GLU F 213 9.86 43.46 24.93
C GLU F 213 11.26 43.02 25.31
N ILE F 214 12.02 42.53 24.35
CA ILE F 214 13.41 42.21 24.62
C ILE F 214 14.11 43.45 25.15
N PHE F 215 13.83 44.60 24.54
CA PHE F 215 14.42 45.91 24.90
C PHE F 215 14.20 46.35 26.34
N ARG F 216 12.98 46.25 26.84
CA ARG F 216 12.73 46.66 28.22
C ARG F 216 13.45 45.75 29.23
N ILE F 217 13.45 44.44 28.96
CA ILE F 217 14.22 43.46 29.76
C ILE F 217 15.73 43.69 29.72
N LEU F 218 16.32 43.87 28.53
CA LEU F 218 17.75 44.18 28.42
C LEU F 218 18.13 45.47 29.17
N SER F 219 17.22 46.44 29.18
CA SER F 219 17.37 47.72 29.86
C SER F 219 17.40 47.60 31.39
N GLU F 220 16.96 46.45 31.90
CA GLU F 220 16.85 46.23 33.34
C GLU F 220 17.93 45.32 33.93
N VAL F 221 18.77 44.75 33.05
CA VAL F 221 19.89 43.87 33.44
C VAL F 221 21.01 44.63 34.13
N LYS F 222 21.31 44.26 35.38
CA LYS F 222 22.49 44.83 36.09
C LYS F 222 23.74 44.32 35.38
N ARG F 223 24.48 45.21 34.74
CA ARG F 223 25.56 44.80 33.84
C ARG F 223 26.93 44.80 34.52
N ASN F 224 27.84 44.00 33.95
CA ASN F 224 29.25 43.94 34.37
C ASN F 224 30.21 44.76 33.48
N VAL F 225 29.85 44.98 32.22
CA VAL F 225 30.49 46.00 31.36
C VAL F 225 29.46 47.12 31.10
N ASP F 226 29.86 48.28 30.61
CA ASP F 226 28.87 49.37 30.43
C ASP F 226 28.93 49.95 29.02
N GLU F 227 29.17 49.07 28.05
CA GLU F 227 29.18 49.43 26.63
C GLU F 227 28.53 48.36 25.73
N PRO F 228 27.74 48.79 24.72
CA PRO F 228 27.35 50.19 24.53
C PRO F 228 26.14 50.55 25.38
N LYS F 229 25.66 51.79 25.27
CA LYS F 229 24.43 52.19 25.94
C LYS F 229 23.30 51.38 25.30
N LEU F 230 22.24 51.11 26.06
CA LEU F 230 21.10 50.37 25.53
C LEU F 230 20.50 51.07 24.30
N GLU F 231 20.47 52.40 24.32
CA GLU F 231 19.99 53.17 23.16
C GLU F 231 20.74 52.84 21.84
N ASP F 232 21.96 52.29 21.93
CA ASP F 232 22.80 52.01 20.74
C ASP F 232 22.75 50.55 20.29
N VAL F 233 21.96 49.73 20.97
CA VAL F 233 21.83 48.32 20.62
C VAL F 233 20.74 48.12 19.58
N SER F 234 21.02 47.30 18.58
CA SER F 234 20.09 47.05 17.47
C SER F 234 19.38 45.64 17.48
N LEU F 235 18.06 45.61 17.65
CA LEU F 235 17.30 44.36 17.64
C LEU F 235 16.36 44.25 16.45
N ALA F 236 16.27 43.06 15.85
CA ALA F 236 15.26 42.73 14.85
C ALA F 236 14.76 41.30 15.05
N ALA F 237 13.50 41.08 14.69
CA ALA F 237 12.90 39.77 14.78
C ALA F 237 12.03 39.53 13.56
N THR F 238 12.05 38.30 13.07
CA THR F 238 11.17 37.88 12.03
C THR F 238 10.47 36.61 12.52
N THR F 239 9.20 36.77 12.79
CA THR F 239 8.43 35.70 13.43
C THR F 239 7.48 34.92 12.47
N HIS F 240 7.38 33.62 12.74
CA HIS F 240 6.58 32.67 11.99
C HIS F 240 6.03 31.59 12.90
N ARG F 241 4.96 30.92 12.46
CA ARG F 241 4.49 29.65 13.10
C ARG F 241 4.52 28.44 12.12
N ILE F 242 4.71 27.22 12.65
CA ILE F 242 4.66 26.00 11.87
C ILE F 242 3.85 24.94 12.60
N ALA F 243 3.61 23.79 11.95
CA ALA F 243 2.83 22.70 12.56
C ALA F 243 3.47 21.95 13.78
N THR F 244 4.00 22.71 14.75
CA THR F 244 4.53 22.17 16.04
C THR F 244 3.56 22.50 17.15
N ILE F 245 3.44 21.63 18.15
CA ILE F 245 2.46 21.80 19.23
C ILE F 245 3.02 22.68 20.35
N HIS F 246 4.18 22.31 20.90
CA HIS F 246 4.85 23.10 21.91
C HIS F 246 6.30 23.42 21.54
N GLY F 247 6.78 24.59 21.94
CA GLY F 247 8.18 24.96 21.75
C GLY F 247 8.46 25.97 20.66
N HIS F 248 9.11 27.07 21.06
CA HIS F 248 9.52 28.10 20.11
C HIS F 248 11.00 27.96 19.82
N TYR F 249 11.34 27.81 18.54
CA TYR F 249 12.73 27.69 18.11
C TYR F 249 13.25 28.99 17.45
N GLU F 250 14.40 29.49 17.93
CA GLU F 250 14.93 30.74 17.48
C GLU F 250 16.39 30.69 17.00
N VAL F 251 16.64 31.36 15.87
CA VAL F 251 18.01 31.52 15.38
C VAL F 251 18.43 32.95 15.56
N LEU F 252 19.49 33.12 16.34
CA LEU F 252 20.03 34.42 16.69
C LEU F 252 21.41 34.64 16.14
N TYR F 253 21.56 35.69 15.35
CA TYR F 253 22.86 36.20 14.99
C TYR F 253 23.18 37.41 15.87
N VAL F 254 24.27 37.30 16.64
CA VAL F 254 24.60 38.29 17.67
C VAL F 254 25.91 39.00 17.38
N SER F 255 25.83 40.34 17.29
CA SER F 255 26.99 41.16 16.97
C SER F 255 27.57 41.90 18.16
N PHE F 256 28.86 42.23 18.05
CA PHE F 256 29.62 42.85 19.15
C PHE F 256 30.42 44.06 18.69
N LYS F 257 30.51 45.05 19.58
CA LYS F 257 31.30 46.27 19.34
C LYS F 257 32.81 46.02 19.24
N GLU F 258 33.31 45.03 19.97
CA GLU F 258 34.71 44.61 19.83
C GLU F 258 34.85 43.10 19.65
N GLU F 259 36.02 42.66 19.22
CA GLU F 259 36.36 41.23 19.04
C GLU F 259 35.87 40.35 20.21
N THR F 260 35.08 39.31 19.89
CA THR F 260 34.45 38.44 20.89
C THR F 260 34.59 36.95 20.47
N ALA F 261 35.07 36.11 21.39
CA ALA F 261 35.29 34.67 21.13
C ALA F 261 34.04 33.83 21.40
N ALA F 262 33.62 33.08 20.39
CA ALA F 262 32.48 32.16 20.56
C ALA F 262 32.65 31.23 21.77
N GLU F 263 33.85 30.70 21.98
CA GLU F 263 34.12 29.85 23.13
C GLU F 263 33.75 30.53 24.45
N LYS F 264 34.17 31.77 24.61
CA LYS F 264 34.00 32.47 25.89
C LYS F 264 32.51 32.67 26.17
N VAL F 265 31.76 33.12 25.16
CA VAL F 265 30.32 33.36 25.31
C VAL F 265 29.53 32.08 25.62
N LYS F 266 30.02 30.94 25.10
CA LYS F 266 29.41 29.58 25.34
C LYS F 266 29.52 29.23 26.82
N GLU F 267 30.70 29.53 27.38
CA GLU F 267 31.00 29.36 28.81
C GLU F 267 30.14 30.23 29.71
N THR F 268 29.99 31.54 29.41
CA THR F 268 29.05 32.41 30.15
C THR F 268 27.65 31.79 30.21
N LEU F 269 27.22 31.20 29.08
CA LEU F 269 25.91 30.59 28.97
C LEU F 269 25.80 29.28 29.77
N GLU F 270 26.73 28.34 29.56
CA GLU F 270 26.81 27.11 30.38
C GLU F 270 26.76 27.41 31.88
N ASN F 271 27.47 28.45 32.30
CA ASN F 271 27.55 28.80 33.72
C ASN F 271 26.52 29.83 34.13
N PHE F 272 25.55 30.12 33.26
CA PHE F 272 24.59 31.15 33.63
C PHE F 272 23.72 30.71 34.79
N ARG F 273 23.56 31.58 35.79
CA ARG F 273 22.63 31.36 36.88
C ARG F 273 22.36 32.74 37.41
N GLY F 274 21.20 32.91 38.06
CA GLY F 274 20.85 34.19 38.70
C GLY F 274 20.26 33.92 40.06
N GLU F 275 19.45 34.86 40.54
CA GLU F 275 18.93 34.74 41.90
C GLU F 275 18.12 33.47 42.24
N PRO F 276 17.13 33.09 41.41
CA PRO F 276 16.32 31.89 41.70
C PRO F 276 17.12 30.59 41.94
N GLN F 277 18.30 30.47 41.32
CA GLN F 277 19.22 29.35 41.56
C GLN F 277 19.90 29.49 42.90
N ASP F 278 20.40 30.68 43.21
CA ASP F 278 21.00 30.95 44.52
C ASP F 278 20.01 30.70 45.62
N LEU F 279 18.77 31.09 45.39
CA LEU F 279 17.77 31.06 46.43
C LEU F 279 17.09 29.71 46.55
N LYS F 280 17.41 28.79 45.64
CA LYS F 280 16.85 27.43 45.64
C LYS F 280 15.31 27.35 45.47
N LEU F 281 14.74 28.28 44.70
CA LEU F 281 13.28 28.36 44.50
C LEU F 281 12.77 27.06 43.87
N PRO F 282 11.65 26.53 44.39
CA PRO F 282 11.21 25.18 43.98
C PRO F 282 11.08 24.99 42.45
N THR F 283 10.70 26.05 41.73
CA THR F 283 10.55 26.01 40.27
C THR F 283 11.77 26.54 39.50
N ALA F 284 12.85 26.88 40.19
CA ALA F 284 14.06 27.31 39.52
C ALA F 284 14.85 26.11 39.00
N PRO F 285 15.19 26.08 37.70
CA PRO F 285 16.05 24.98 37.20
C PRO F 285 17.51 25.24 37.61
N SER F 286 18.25 24.19 37.89
CA SER F 286 19.69 24.25 38.14
C SER F 286 20.44 24.94 37.01
N LYS F 287 20.15 24.57 35.76
CA LYS F 287 20.76 25.25 34.64
C LYS F 287 19.69 25.99 33.88
N PRO F 288 19.38 27.24 34.24
CA PRO F 288 18.37 28.02 33.49
C PRO F 288 18.64 28.09 31.98
N ILE F 289 19.91 28.08 31.58
CA ILE F 289 20.26 27.84 30.18
C ILE F 289 21.12 26.56 30.04
N ILE F 290 20.61 25.60 29.27
CA ILE F 290 21.35 24.40 28.95
C ILE F 290 21.94 24.52 27.53
N VAL F 291 23.20 24.14 27.41
CA VAL F 291 23.91 24.28 26.15
C VAL F 291 24.21 22.93 25.62
N MET F 292 23.96 22.72 24.32
CA MET F 292 24.14 21.44 23.68
C MET F 292 25.25 21.52 22.67
N ASN F 293 26.04 20.45 22.62
CA ASN F 293 27.15 20.38 21.70
C ASN F 293 26.89 19.81 20.31
N GLU F 294 25.83 19.06 20.10
CA GLU F 294 25.64 18.42 18.79
C GLU F 294 25.17 19.43 17.75
N ASP F 295 25.70 19.32 16.54
CA ASP F 295 25.35 20.33 15.53
C ASP F 295 23.97 20.09 14.93
N THR F 296 23.27 19.07 15.44
CA THR F 296 21.89 18.90 15.03
C THR F 296 20.94 19.13 16.21
N ARG F 297 21.39 19.87 17.24
CA ARG F 297 20.54 20.12 18.42
C ARG F 297 20.56 21.59 18.79
N PRO F 298 19.53 22.06 19.53
CA PRO F 298 18.35 21.33 20.04
C PRO F 298 17.30 21.10 18.98
N GLN F 299 16.52 20.02 19.11
CA GLN F 299 15.33 19.83 18.31
C GLN F 299 14.12 20.01 19.20
N VAL F 300 13.10 20.67 18.66
CA VAL F 300 11.83 20.95 19.34
C VAL F 300 11.26 19.74 20.09
N TYR F 301 10.93 18.67 19.35
CA TYR F 301 10.38 17.48 19.95
C TYR F 301 11.13 16.97 21.20
N PHE F 302 12.46 16.86 21.10
CA PHE F 302 13.27 16.14 22.11
C PHE F 302 13.78 17.02 23.27
N ASP F 303 13.88 18.30 23.01
CA ASP F 303 14.59 19.17 23.92
C ASP F 303 13.68 20.22 24.51
N ARG F 304 12.38 20.13 24.23
CA ARG F 304 11.46 21.10 24.79
C ARG F 304 11.09 20.79 26.22
N TRP F 305 11.50 19.61 26.74
CA TRP F 305 11.21 19.29 28.13
C TRP F 305 12.42 19.18 29.02
N ALA F 306 13.46 19.92 28.68
CA ALA F 306 14.73 19.74 29.36
C ALA F 306 14.81 20.59 30.62
N GLY F 307 15.68 20.15 31.52
CA GLY F 307 15.90 20.81 32.81
C GLY F 307 15.52 19.82 33.89
N ASP F 308 15.94 20.05 35.12
CA ASP F 308 15.53 19.18 36.20
C ASP F 308 14.16 19.63 36.66
N ILE F 309 13.73 20.81 36.21
CA ILE F 309 12.30 21.13 36.19
C ILE F 309 11.92 21.24 34.73
N PRO F 310 11.23 20.23 34.20
CA PRO F 310 11.05 20.12 32.77
C PRO F 310 10.36 21.35 32.13
N GLY F 311 10.99 21.87 31.08
CA GLY F 311 10.44 22.99 30.27
C GLY F 311 10.87 24.37 30.80
N MET F 312 11.42 24.36 32.00
CA MET F 312 11.81 25.58 32.65
C MET F 312 13.15 26.13 32.17
N SER F 313 13.96 25.29 31.54
CA SER F 313 15.26 25.69 31.00
C SER F 313 15.12 26.14 29.57
N VAL F 314 15.82 27.19 29.22
CA VAL F 314 15.97 27.51 27.84
C VAL F 314 17.17 26.71 27.35
N VAL F 315 17.00 26.02 26.21
CA VAL F 315 18.07 25.24 25.60
C VAL F 315 18.73 25.97 24.44
N VAL F 316 20.06 26.06 24.46
CA VAL F 316 20.85 26.76 23.45
C VAL F 316 21.76 25.76 22.74
N GLY F 317 21.92 25.95 21.45
CA GLY F 317 22.86 25.14 20.73
C GLY F 317 23.53 25.91 19.61
N ARG F 318 24.42 25.23 18.90
CA ARG F 318 25.03 25.69 17.66
C ARG F 318 25.91 26.93 17.82
N LEU F 319 26.45 27.20 19.01
CA LEU F 319 27.42 28.28 19.22
C LEU F 319 28.56 28.25 18.20
N LYS F 320 28.66 29.29 17.38
CA LYS F 320 29.69 29.33 16.32
C LYS F 320 30.14 30.74 15.99
N GLN F 321 31.44 30.88 15.73
CA GLN F 321 32.02 32.11 15.24
C GLN F 321 31.57 32.38 13.79
N VAL F 322 31.00 33.56 13.56
CA VAL F 322 30.71 34.01 12.19
C VAL F 322 31.93 34.85 11.69
N ASN F 323 32.27 35.93 12.41
CA ASN F 323 33.49 36.66 12.14
C ASN F 323 34.05 37.13 13.47
N LYS F 324 35.07 37.96 13.46
CA LYS F 324 35.59 38.42 14.75
C LYS F 324 34.51 39.04 15.67
N ARG F 325 33.48 39.62 15.08
CA ARG F 325 32.52 40.41 15.89
C ARG F 325 31.05 39.99 15.73
N MET F 326 30.82 38.72 15.38
CA MET F 326 29.48 38.16 15.21
C MET F 326 29.43 36.68 15.56
N ILE F 327 28.42 36.27 16.32
CA ILE F 327 28.22 34.83 16.54
C ILE F 327 26.81 34.34 16.22
N ARG F 328 26.72 33.06 15.87
CA ARG F 328 25.44 32.34 15.69
C ARG F 328 25.15 31.45 16.91
N LEU F 329 23.87 31.30 17.23
CA LEU F 329 23.42 30.39 18.27
C LEU F 329 21.94 30.19 18.00
N VAL F 330 21.37 29.08 18.51
CA VAL F 330 19.91 28.89 18.46
C VAL F 330 19.37 28.69 19.87
N SER F 331 18.08 28.93 20.06
CA SER F 331 17.43 28.67 21.36
C SER F 331 16.02 28.12 21.23
N LEU F 332 15.77 27.13 22.08
CA LEU F 332 14.47 26.52 22.14
C LEU F 332 13.89 26.78 23.51
N ILE F 333 12.66 27.30 23.55
CA ILE F 333 12.01 27.58 24.82
C ILE F 333 10.74 26.82 24.80
N HIS F 334 10.35 26.22 25.91
CA HIS F 334 9.00 25.64 26.05
C HIS F 334 8.10 26.83 26.36
N ASN F 335 7.21 27.15 25.43
CA ASN F 335 6.49 28.44 25.44
C ASN F 335 5.38 28.59 26.49
N THR F 336 4.84 27.47 26.96
CA THR F 336 3.82 27.56 27.99
C THR F 336 4.36 27.23 29.38
N VAL F 337 5.49 26.52 29.47
CA VAL F 337 6.17 26.33 30.76
C VAL F 337 7.02 27.55 31.09
N ARG F 338 8.30 27.56 30.72
CA ARG F 338 9.12 28.76 30.89
C ARG F 338 8.46 30.05 30.36
N GLY F 339 7.99 29.98 29.13
CA GLY F 339 7.40 31.14 28.44
C GLY F 339 6.08 31.64 29.00
N ALA F 340 5.50 30.92 29.96
CA ALA F 340 4.29 31.37 30.60
C ALA F 340 4.19 30.93 32.06
N ALA F 341 3.48 29.83 32.27
CA ALA F 341 3.07 29.44 33.61
C ALA F 341 4.23 29.19 34.56
N GLY F 342 5.21 28.41 34.09
CA GLY F 342 6.42 28.10 34.85
C GLY F 342 7.18 29.37 35.22
N GLY F 343 7.29 30.29 34.27
CA GLY F 343 7.92 31.57 34.51
C GLY F 343 7.11 32.41 35.49
N GLY F 344 5.78 32.23 35.48
CA GLY F 344 4.85 32.92 36.40
C GLY F 344 4.93 32.36 37.81
N ILE F 345 4.97 31.05 37.95
CA ILE F 345 5.15 30.41 39.27
C ILE F 345 6.52 30.74 39.89
N LEU F 346 7.56 30.77 39.06
CA LEU F 346 8.89 31.14 39.55
C LEU F 346 8.86 32.58 40.04
N ALA F 347 8.11 33.43 39.33
CA ALA F 347 7.90 34.84 39.74
C ALA F 347 7.21 34.92 41.08
N ALA F 348 6.20 34.08 41.31
CA ALA F 348 5.52 34.04 42.60
C ALA F 348 6.48 33.66 43.73
N GLU F 349 7.24 32.60 43.49
CA GLU F 349 8.18 32.04 44.47
C GLU F 349 9.17 33.13 44.89
N LEU F 350 9.64 33.89 43.92
CA LEU F 350 10.54 35.02 44.17
C LEU F 350 9.82 36.13 44.94
N LEU F 351 8.59 36.46 44.52
CA LEU F 351 7.80 37.48 45.22
C LEU F 351 7.48 37.12 46.66
N VAL F 352 7.18 35.85 46.93
CA VAL F 352 6.93 35.35 48.29
C VAL F 352 8.13 35.49 49.22
N GLU F 353 9.30 35.10 48.72
CA GLU F 353 10.49 35.02 49.55
C GLU F 353 11.08 36.42 49.78
N LYS F 354 10.75 37.36 48.88
CA LYS F 354 11.13 38.77 49.04
C LYS F 354 10.09 39.58 49.80
N GLY F 355 9.12 38.89 50.41
CA GLY F 355 8.12 39.52 51.28
C GLY F 355 6.95 40.27 50.65
N TYR F 356 6.83 40.23 49.32
CA TYR F 356 5.77 40.94 48.62
C TYR F 356 4.45 40.17 48.62
N ILE F 357 4.53 38.85 48.79
CA ILE F 357 3.33 38.05 49.05
C ILE F 357 3.35 37.41 50.44
N GLU F 358 2.40 37.86 51.26
CA GLU F 358 2.23 37.42 52.65
C GLU F 358 2.01 35.92 52.73
N LYS F 359 2.79 35.22 53.57
CA LYS F 359 2.60 33.78 53.81
C LYS F 359 1.23 33.52 54.48
#